data_1XXX
#
_entry.id   1XXX
#
_cell.length_a   94.790
_cell.length_b   87.370
_cell.length_c   139.850
_cell.angle_alpha   90.00
_cell.angle_beta   107.78
_cell.angle_gamma   90.00
#
_symmetry.space_group_name_H-M   'P 1 21 1'
#
loop_
_entity.id
_entity.type
_entity.pdbx_description
1 polymer 'Dihydrodipicolinate synthase'
2 non-polymer 'MAGNESIUM ION'
3 non-polymer 'CHLORIDE ION'
4 non-polymer 2,3-DIHYDROXY-1,4-DITHIOBUTANE
5 water water
#
_entity_poly.entity_id   1
_entity_poly.type   'polypeptide(L)'
_entity_poly.pdbx_seq_one_letter_code
;GAMVTTVGFDVAARLGTLLTAMVTPFSGDGSLDTATAARLANHLVDQGCDGLVVSGTTGESPTTTDGEKIELLRAVLEAV
GDRARVIAGAGTYDTAHSIRLAKACAAEGAHGLLVVTPYYSKPPQRGLQAHFTAVADATELPMLLYDIPGRSAVPIEPDT
IRALASHPNIVGVKDAKADLHSGAQIMADTGLAYYSGDDALNLPWLAMGATGFISVIAHLAAGQLRELLSAFGSGDIATA
RKINIAVAPLCNAMSRLGGVTLSKAGLRLQGIDVGDPRLPQVAATPEQIDALAADMRAASVLR
;
_entity_poly.pdbx_strand_id   A,B,C,D,E,F,G,H
#
loop_
_chem_comp.id
_chem_comp.type
_chem_comp.name
_chem_comp.formula
CL non-polymer 'CHLORIDE ION' 'Cl -1'
DTT non-polymer 2,3-DIHYDROXY-1,4-DITHIOBUTANE 'C4 H10 O2 S2'
MG non-polymer 'MAGNESIUM ION' 'Mg 2'
#
# COMPACT_ATOMS: atom_id res chain seq x y z
N GLY A 8 -17.65 -48.68 44.51
CA GLY A 8 -18.67 -49.78 44.32
C GLY A 8 -19.05 -49.94 42.84
N PHE A 9 -18.68 -48.96 42.04
CA PHE A 9 -19.11 -48.82 40.64
C PHE A 9 -18.77 -49.98 39.68
N ASP A 10 -19.81 -50.72 39.30
CA ASP A 10 -19.71 -51.82 38.35
C ASP A 10 -19.80 -51.29 36.90
N VAL A 11 -18.68 -50.99 36.25
CA VAL A 11 -18.74 -50.36 34.92
C VAL A 11 -19.52 -51.21 33.88
N ALA A 12 -19.23 -52.51 33.85
CA ALA A 12 -19.90 -53.44 32.94
C ALA A 12 -21.42 -53.42 33.12
N ALA A 13 -21.89 -53.41 34.35
CA ALA A 13 -23.32 -53.38 34.60
C ALA A 13 -23.91 -51.99 34.41
N ARG A 14 -23.15 -50.95 34.74
CA ARG A 14 -23.73 -49.61 34.67
C ARG A 14 -23.71 -49.01 33.29
N LEU A 15 -22.72 -49.41 32.49
CA LEU A 15 -22.50 -48.81 31.20
C LEU A 15 -22.64 -49.84 30.08
N GLY A 16 -22.42 -51.11 30.39
CA GLY A 16 -22.48 -52.16 29.39
C GLY A 16 -21.13 -52.70 28.93
N THR A 17 -21.21 -53.68 28.05
CA THR A 17 -20.04 -54.40 27.53
C THR A 17 -20.03 -54.31 26.02
N LEU A 18 -21.22 -54.39 25.40
CA LEU A 18 -21.33 -54.15 23.98
C LEU A 18 -22.29 -53.00 23.71
N LEU A 19 -21.74 -51.88 23.28
CA LEU A 19 -22.54 -50.74 22.92
C LEU A 19 -22.34 -50.48 21.45
N THR A 20 -23.40 -50.00 20.81
CA THR A 20 -23.29 -49.34 19.51
C THR A 20 -23.18 -47.84 19.68
N ALA A 21 -22.20 -47.26 18.97
CA ALA A 21 -22.10 -45.82 18.76
C ALA A 21 -23.18 -45.49 17.73
N MET A 22 -24.42 -45.29 18.20
CA MET A 22 -25.59 -45.43 17.34
C MET A 22 -25.82 -44.24 16.42
N VAL A 23 -26.14 -44.54 15.17
CA VAL A 23 -26.55 -43.49 14.24
C VAL A 23 -27.82 -42.79 14.71
N THR A 24 -27.97 -41.54 14.25
CA THR A 24 -29.19 -40.83 14.46
C THR A 24 -30.00 -40.90 13.16
N PRO A 25 -31.07 -41.72 13.14
CA PRO A 25 -31.90 -41.82 11.96
C PRO A 25 -32.54 -40.47 11.60
N PHE A 26 -32.56 -40.16 10.31
CA PHE A 26 -33.23 -38.96 9.84
C PHE A 26 -34.29 -39.41 8.86
N SER A 27 -35.41 -38.68 8.80
CA SER A 27 -36.39 -38.89 7.77
C SER A 27 -35.85 -38.44 6.39
N GLY A 28 -36.64 -38.66 5.35
CA GLY A 28 -36.31 -38.26 3.98
C GLY A 28 -36.04 -36.76 3.83
N ASP A 29 -36.73 -35.97 4.64
CA ASP A 29 -36.56 -34.55 4.63
C ASP A 29 -35.40 -34.11 5.53
N GLY A 30 -34.74 -35.06 6.16
CA GLY A 30 -33.52 -34.80 6.91
C GLY A 30 -33.80 -34.60 8.38
N SER A 31 -35.09 -34.56 8.72
CA SER A 31 -35.53 -34.32 10.08
C SER A 31 -35.28 -35.54 10.98
N LEU A 32 -35.18 -35.27 12.27
CA LEU A 32 -35.03 -36.37 13.24
C LEU A 32 -36.13 -37.43 13.12
N ASP A 33 -35.74 -38.68 13.09
CA ASP A 33 -36.70 -39.78 12.97
C ASP A 33 -36.63 -40.61 14.27
N THR A 34 -37.39 -40.24 15.29
CA THR A 34 -37.30 -40.92 16.58
C THR A 34 -37.95 -42.30 16.53
N ALA A 35 -38.95 -42.48 15.71
CA ALA A 35 -39.61 -43.81 15.67
C ALA A 35 -38.60 -44.82 15.12
N THR A 36 -37.90 -44.44 14.06
CA THR A 36 -36.84 -45.28 13.55
C THR A 36 -35.69 -45.46 14.57
N ALA A 37 -35.38 -44.41 15.32
CA ALA A 37 -34.33 -44.53 16.35
C ALA A 37 -34.73 -45.60 17.35
N ALA A 38 -35.99 -45.56 17.79
CA ALA A 38 -36.52 -46.51 18.75
C ALA A 38 -36.47 -47.94 18.17
N ARG A 39 -36.86 -48.11 16.90
CA ARG A 39 -36.79 -49.42 16.23
C ARG A 39 -35.35 -49.94 16.18
N LEU A 40 -34.44 -49.09 15.76
CA LEU A 40 -33.01 -49.43 15.71
C LEU A 40 -32.45 -49.76 17.10
N ALA A 41 -32.75 -48.93 18.07
CA ALA A 41 -32.29 -49.17 19.43
C ALA A 41 -32.79 -50.55 19.90
N ASN A 42 -34.05 -50.87 19.65
CA ASN A 42 -34.53 -52.19 20.01
C ASN A 42 -33.80 -53.32 19.27
N HIS A 43 -33.53 -53.09 17.99
CA HIS A 43 -32.90 -54.08 17.16
C HIS A 43 -31.52 -54.34 17.68
N LEU A 44 -30.84 -53.27 18.07
CA LEU A 44 -29.43 -53.40 18.40
C LEU A 44 -29.27 -54.13 19.73
N VAL A 45 -30.17 -53.84 20.67
CA VAL A 45 -30.22 -54.52 21.94
C VAL A 45 -30.62 -55.97 21.77
N ASP A 46 -31.66 -56.22 20.98
CA ASP A 46 -32.07 -57.59 20.67
C ASP A 46 -30.98 -58.40 20.02
N GLN A 47 -30.12 -57.74 19.24
CA GLN A 47 -28.99 -58.39 18.59
C GLN A 47 -27.79 -58.66 19.52
N GLY A 48 -27.81 -58.13 20.75
CA GLY A 48 -26.76 -58.42 21.71
C GLY A 48 -26.05 -57.25 22.40
N CYS A 49 -26.34 -56.02 21.98
CA CYS A 49 -25.81 -54.85 22.70
C CYS A 49 -26.53 -54.75 24.04
N ASP A 50 -25.78 -54.42 25.10
CA ASP A 50 -26.41 -54.18 26.39
C ASP A 50 -26.34 -52.68 26.75
N GLY A 51 -25.93 -51.88 25.78
CA GLY A 51 -25.89 -50.43 25.98
C GLY A 51 -25.79 -49.80 24.61
N LEU A 52 -26.02 -48.48 24.57
CA LEU A 52 -25.96 -47.72 23.33
C LEU A 52 -25.43 -46.35 23.66
N VAL A 53 -24.58 -45.80 22.77
CA VAL A 53 -24.20 -44.41 22.89
C VAL A 53 -25.05 -43.65 21.91
N VAL A 54 -25.77 -42.65 22.43
CA VAL A 54 -26.61 -41.86 21.52
C VAL A 54 -25.97 -40.49 21.38
N SER A 55 -26.16 -39.92 20.19
CA SER A 55 -25.63 -38.61 19.83
C SER A 55 -24.12 -38.51 20.00
N GLY A 56 -23.43 -39.61 19.72
CA GLY A 56 -21.97 -39.52 19.55
C GLY A 56 -21.61 -39.08 18.12
N THR A 57 -20.34 -39.23 17.75
CA THR A 57 -19.87 -38.89 16.47
C THR A 57 -20.63 -39.67 15.39
N THR A 58 -20.83 -40.97 15.61
CA THR A 58 -21.47 -41.80 14.62
C THR A 58 -22.95 -41.46 14.63
N GLY A 59 -23.42 -40.88 15.73
CA GLY A 59 -24.80 -40.37 15.80
C GLY A 59 -24.89 -38.97 15.20
N GLU A 60 -23.81 -38.53 14.56
CA GLU A 60 -23.85 -37.21 13.92
C GLU A 60 -24.11 -36.01 14.87
N SER A 61 -23.50 -36.08 16.04
CA SER A 61 -23.54 -35.02 16.99
C SER A 61 -23.18 -33.65 16.40
N PRO A 62 -22.27 -33.59 15.42
CA PRO A 62 -21.98 -32.25 14.87
C PRO A 62 -23.19 -31.57 14.20
N THR A 63 -24.16 -32.34 13.73
CA THR A 63 -25.13 -31.76 12.77
C THR A 63 -26.56 -31.81 13.30
N THR A 64 -26.69 -32.31 14.55
CA THR A 64 -27.98 -32.31 15.21
C THR A 64 -27.99 -31.18 16.23
N THR A 65 -29.18 -30.67 16.52
CA THR A 65 -29.32 -29.60 17.52
C THR A 65 -29.37 -30.24 18.91
N ASP A 66 -29.15 -29.45 19.94
CA ASP A 66 -29.44 -29.86 21.34
C ASP A 66 -30.84 -30.49 21.49
N GLY A 67 -31.86 -29.84 20.96
CA GLY A 67 -33.25 -30.33 21.00
C GLY A 67 -33.30 -31.73 20.38
N GLU A 68 -32.64 -31.90 19.24
CA GLU A 68 -32.70 -33.17 18.56
C GLU A 68 -32.04 -34.25 19.38
N LYS A 69 -30.90 -33.93 20.00
CA LYS A 69 -30.19 -34.87 20.89
C LYS A 69 -31.05 -35.32 22.06
N ILE A 70 -31.75 -34.36 22.66
CA ILE A 70 -32.63 -34.65 23.79
C ILE A 70 -33.81 -35.50 23.37
N GLU A 71 -34.45 -35.14 22.27
CA GLU A 71 -35.52 -35.92 21.69
C GLU A 71 -35.05 -37.33 21.35
N LEU A 72 -33.84 -37.48 20.78
CA LEU A 72 -33.39 -38.81 20.45
C LEU A 72 -33.12 -39.61 21.75
N LEU A 73 -32.40 -39.00 22.68
CA LEU A 73 -32.14 -39.63 23.97
C LEU A 73 -33.44 -40.15 24.62
N ARG A 74 -34.49 -39.33 24.63
CA ARG A 74 -35.74 -39.74 25.24
C ARG A 74 -36.32 -40.90 24.54
N ALA A 75 -36.29 -40.87 23.21
CA ALA A 75 -36.91 -41.91 22.40
C ALA A 75 -36.14 -43.17 22.69
N VAL A 76 -34.83 -43.05 22.76
CA VAL A 76 -34.03 -44.24 23.02
C VAL A 76 -34.19 -44.82 24.44
N LEU A 77 -34.20 -43.97 25.47
CA LEU A 77 -34.47 -44.44 26.84
C LEU A 77 -35.81 -45.13 26.91
N GLU A 78 -36.79 -44.51 26.26
CA GLU A 78 -38.13 -45.06 26.26
C GLU A 78 -38.11 -46.44 25.59
N ALA A 79 -37.39 -46.58 24.48
CA ALA A 79 -37.43 -47.82 23.73
C ALA A 79 -36.77 -48.98 24.46
N VAL A 80 -35.59 -48.72 25.03
CA VAL A 80 -34.70 -49.75 25.55
C VAL A 80 -34.07 -49.48 26.90
N GLY A 81 -34.28 -48.29 27.46
CA GLY A 81 -33.63 -47.87 28.74
C GLY A 81 -33.92 -48.77 29.96
N ASP A 82 -35.00 -49.53 29.87
CA ASP A 82 -35.28 -50.51 30.91
C ASP A 82 -34.45 -51.80 30.80
N ARG A 83 -33.76 -52.02 29.69
CA ARG A 83 -33.05 -53.30 29.53
C ARG A 83 -31.66 -53.11 28.88
N ALA A 84 -31.27 -51.87 28.68
CA ALA A 84 -29.97 -51.58 28.11
C ALA A 84 -29.47 -50.30 28.75
N ARG A 85 -28.16 -50.10 28.77
CA ARG A 85 -27.66 -48.80 29.17
C ARG A 85 -27.63 -47.74 28.07
N VAL A 86 -28.18 -46.56 28.39
CA VAL A 86 -28.18 -45.52 27.39
C VAL A 86 -27.23 -44.38 27.80
N ILE A 87 -26.13 -44.28 27.03
CA ILE A 87 -25.09 -43.35 27.31
C ILE A 87 -25.26 -42.20 26.31
N ALA A 88 -25.22 -40.96 26.82
CA ALA A 88 -25.42 -39.82 25.95
C ALA A 88 -24.12 -39.13 25.64
N GLY A 89 -23.88 -38.83 24.35
CA GLY A 89 -22.69 -38.06 24.00
C GLY A 89 -22.94 -36.65 24.50
N ALA A 90 -22.06 -36.11 25.31
CA ALA A 90 -22.28 -34.71 25.77
C ALA A 90 -21.05 -33.80 25.53
N GLY A 91 -20.04 -34.22 24.81
CA GLY A 91 -18.92 -33.28 24.74
C GLY A 91 -18.80 -32.58 23.42
N THR A 92 -18.52 -31.29 23.49
CA THR A 92 -18.08 -30.50 22.35
C THR A 92 -16.76 -29.76 22.67
N TYR A 93 -16.39 -28.81 21.83
CA TYR A 93 -15.18 -28.06 22.04
C TYR A 93 -15.54 -26.80 22.84
N ASP A 94 -16.72 -26.82 23.47
CA ASP A 94 -17.22 -25.67 24.22
C ASP A 94 -17.64 -26.19 25.60
N THR A 95 -16.86 -25.84 26.62
CA THR A 95 -17.11 -26.36 27.97
C THR A 95 -18.52 -26.01 28.49
N ALA A 96 -18.93 -24.76 28.32
CA ALA A 96 -20.22 -24.33 28.88
C ALA A 96 -21.37 -25.08 28.19
N HIS A 97 -21.20 -25.34 26.88
CA HIS A 97 -22.16 -26.10 26.12
C HIS A 97 -22.23 -27.56 26.53
N SER A 98 -21.05 -28.16 26.71
CA SER A 98 -20.90 -29.53 27.16
C SER A 98 -21.60 -29.70 28.52
N ILE A 99 -21.45 -28.71 29.40
CA ILE A 99 -22.12 -28.70 30.68
C ILE A 99 -23.66 -28.69 30.53
N ARG A 100 -24.17 -27.78 29.69
CA ARG A 100 -25.62 -27.74 29.47
C ARG A 100 -26.08 -29.08 28.94
N LEU A 101 -25.28 -29.68 28.05
CA LEU A 101 -25.68 -30.90 27.40
C LEU A 101 -25.70 -32.02 28.40
N ALA A 102 -24.66 -32.04 29.24
CA ALA A 102 -24.50 -33.06 30.20
C ALA A 102 -25.69 -32.97 31.18
N LYS A 103 -25.99 -31.75 31.63
CA LYS A 103 -27.12 -31.55 32.50
C LYS A 103 -28.42 -31.97 31.91
N ALA A 104 -28.63 -31.59 30.64
CA ALA A 104 -29.86 -31.86 29.94
C ALA A 104 -30.02 -33.36 29.78
N CYS A 105 -28.92 -34.05 29.48
CA CYS A 105 -28.96 -35.52 29.33
C CYS A 105 -29.26 -36.20 30.66
N ALA A 106 -28.62 -35.71 31.74
CA ALA A 106 -28.91 -36.18 33.10
C ALA A 106 -30.38 -36.01 33.45
N ALA A 107 -30.92 -34.83 33.18
CA ALA A 107 -32.34 -34.57 33.44
C ALA A 107 -33.25 -35.51 32.65
N GLU A 108 -32.81 -36.02 31.49
CA GLU A 108 -33.63 -36.93 30.68
C GLU A 108 -33.53 -38.36 31.20
N GLY A 109 -32.56 -38.62 32.04
CA GLY A 109 -32.42 -39.95 32.55
C GLY A 109 -31.33 -40.77 31.91
N ALA A 110 -30.41 -40.11 31.18
CA ALA A 110 -29.29 -40.84 30.58
C ALA A 110 -28.58 -41.61 31.70
N HIS A 111 -28.05 -42.79 31.37
CA HIS A 111 -27.40 -43.62 32.36
C HIS A 111 -25.94 -43.28 32.53
N GLY A 112 -25.38 -42.54 31.59
CA GLY A 112 -24.01 -42.11 31.66
C GLY A 112 -23.71 -41.12 30.55
N LEU A 113 -22.50 -40.56 30.57
CA LEU A 113 -22.08 -39.60 29.52
C LEU A 113 -20.81 -40.06 28.83
N LEU A 114 -20.75 -39.78 27.55
CA LEU A 114 -19.51 -39.95 26.82
C LEU A 114 -19.09 -38.55 26.43
N VAL A 115 -17.87 -38.20 26.79
CA VAL A 115 -17.39 -36.84 26.58
C VAL A 115 -16.06 -36.83 25.80
N VAL A 116 -16.12 -36.35 24.57
CA VAL A 116 -15.01 -36.43 23.68
C VAL A 116 -14.08 -35.30 23.97
N THR A 117 -12.78 -35.51 23.73
CA THR A 117 -11.84 -34.43 23.80
C THR A 117 -12.33 -33.27 22.98
N PRO A 118 -12.40 -32.05 23.56
CA PRO A 118 -12.61 -30.88 22.69
C PRO A 118 -11.77 -30.94 21.41
N TYR A 119 -12.49 -30.88 20.29
CA TYR A 119 -11.84 -30.91 18.97
C TYR A 119 -11.47 -29.54 18.39
N TYR A 120 -10.61 -29.57 17.39
CA TYR A 120 -10.37 -28.42 16.50
C TYR A 120 -9.54 -27.29 17.14
N SER A 121 -9.96 -26.81 18.31
CA SER A 121 -9.36 -25.65 18.96
C SER A 121 -8.02 -25.99 19.73
N LYS A 122 -7.74 -27.29 19.91
CA LYS A 122 -6.47 -27.74 20.49
C LYS A 122 -6.15 -27.05 21.79
N PRO A 123 -7.04 -27.20 22.77
CA PRO A 123 -6.69 -26.60 24.10
C PRO A 123 -5.46 -27.32 24.66
N PRO A 124 -4.72 -26.67 25.59
CA PRO A 124 -3.60 -27.40 26.22
C PRO A 124 -4.16 -28.47 27.18
N GLN A 125 -3.28 -29.34 27.67
CA GLN A 125 -3.74 -30.44 28.55
C GLN A 125 -4.44 -29.91 29.80
N ARG A 126 -3.95 -28.78 30.33
CA ARG A 126 -4.62 -28.21 31.51
C ARG A 126 -6.04 -27.70 31.17
N GLY A 127 -6.22 -27.20 29.94
CA GLY A 127 -7.56 -26.85 29.43
C GLY A 127 -8.47 -28.06 29.32
N LEU A 128 -7.96 -29.15 28.75
CA LEU A 128 -8.70 -30.42 28.74
C LEU A 128 -9.07 -30.89 30.14
N GLN A 129 -8.11 -30.86 31.07
CA GLN A 129 -8.36 -31.27 32.42
C GLN A 129 -9.49 -30.41 33.05
N ALA A 130 -9.37 -29.08 32.95
CA ALA A 130 -10.38 -28.19 33.51
C ALA A 130 -11.74 -28.48 32.82
N HIS A 131 -11.70 -28.74 31.51
CA HIS A 131 -12.92 -29.00 30.76
C HIS A 131 -13.62 -30.29 31.23
N PHE A 132 -12.89 -31.40 31.23
CA PHE A 132 -13.48 -32.68 31.66
C PHE A 132 -13.90 -32.65 33.11
N THR A 133 -13.17 -31.93 33.91
CA THR A 133 -13.55 -31.81 35.29
C THR A 133 -14.85 -31.07 35.41
N ALA A 134 -14.96 -29.93 34.72
CA ALA A 134 -16.19 -29.11 34.77
C ALA A 134 -17.41 -29.90 34.34
N VAL A 135 -17.27 -30.72 33.28
CA VAL A 135 -18.35 -31.53 32.81
C VAL A 135 -18.65 -32.62 33.83
N ALA A 136 -17.58 -33.23 34.40
CA ALA A 136 -17.78 -34.26 35.40
C ALA A 136 -18.47 -33.68 36.66
N ASP A 137 -18.19 -32.42 36.94
CA ASP A 137 -18.80 -31.75 38.06
C ASP A 137 -20.25 -31.35 37.83
N ALA A 138 -20.71 -31.36 36.59
CA ALA A 138 -22.03 -30.85 36.27
C ALA A 138 -23.17 -31.75 36.71
N THR A 139 -22.96 -33.07 36.75
CA THR A 139 -24.06 -34.02 37.08
C THR A 139 -23.46 -35.09 37.99
N GLU A 140 -24.34 -35.93 38.51
CA GLU A 140 -23.94 -37.19 39.19
C GLU A 140 -23.74 -38.43 38.28
N LEU A 141 -23.74 -38.25 36.97
CA LEU A 141 -23.69 -39.41 36.07
C LEU A 141 -22.28 -39.98 35.92
N PRO A 142 -22.18 -41.30 35.72
CA PRO A 142 -20.86 -41.78 35.34
C PRO A 142 -20.47 -41.26 33.96
N MET A 143 -19.21 -40.98 33.80
CA MET A 143 -18.72 -40.31 32.63
C MET A 143 -17.53 -41.05 32.02
N LEU A 144 -17.59 -41.19 30.70
CA LEU A 144 -16.47 -41.74 29.95
C LEU A 144 -15.75 -40.64 29.16
N LEU A 145 -14.39 -40.70 29.15
CA LEU A 145 -13.61 -39.79 28.32
C LEU A 145 -13.55 -40.48 26.99
N TYR A 146 -13.60 -39.71 25.92
CA TYR A 146 -13.39 -40.28 24.58
C TYR A 146 -12.12 -39.70 24.02
N ASP A 147 -11.05 -40.49 24.08
CA ASP A 147 -9.75 -40.11 23.60
C ASP A 147 -9.64 -40.53 22.15
N ILE A 148 -9.73 -39.51 21.26
CA ILE A 148 -9.64 -39.74 19.85
C ILE A 148 -8.86 -38.60 19.15
N PRO A 149 -7.53 -38.60 19.32
CA PRO A 149 -6.74 -37.49 18.75
C PRO A 149 -6.86 -37.42 17.25
N GLY A 150 -7.10 -38.55 16.59
CA GLY A 150 -7.23 -38.59 15.13
C GLY A 150 -8.40 -37.72 14.67
N ARG A 151 -9.43 -37.52 15.49
CA ARG A 151 -10.51 -36.52 15.16
C ARG A 151 -10.34 -35.17 15.84
N SER A 152 -9.97 -35.20 17.11
CA SER A 152 -9.95 -34.00 17.95
C SER A 152 -8.73 -33.16 17.77
N ALA A 153 -7.68 -33.76 17.23
CA ALA A 153 -6.39 -33.10 16.94
C ALA A 153 -5.51 -32.88 18.15
N VAL A 154 -5.97 -33.31 19.33
CA VAL A 154 -5.12 -33.41 20.53
C VAL A 154 -5.50 -34.69 21.26
N PRO A 155 -4.52 -35.38 21.87
CA PRO A 155 -4.80 -36.53 22.75
C PRO A 155 -5.18 -36.05 24.11
N ILE A 156 -5.82 -36.93 24.90
CA ILE A 156 -5.79 -36.75 26.33
C ILE A 156 -4.48 -37.43 26.71
N GLU A 157 -3.46 -36.68 27.06
CA GLU A 157 -2.22 -37.29 27.45
C GLU A 157 -2.41 -38.24 28.65
N PRO A 158 -1.59 -39.30 28.76
CA PRO A 158 -1.73 -40.18 29.94
C PRO A 158 -1.74 -39.46 31.30
N ASP A 159 -0.98 -38.40 31.49
CA ASP A 159 -0.97 -37.74 32.79
C ASP A 159 -2.29 -37.06 33.04
N THR A 160 -2.91 -36.58 31.95
CA THR A 160 -4.17 -35.90 32.05
C THR A 160 -5.21 -36.97 32.38
N ILE A 161 -5.14 -38.10 31.71
CA ILE A 161 -6.13 -39.16 31.98
C ILE A 161 -6.02 -39.57 33.44
N ARG A 162 -4.79 -39.75 33.90
CA ARG A 162 -4.56 -40.18 35.27
C ARG A 162 -5.12 -39.14 36.27
N ALA A 163 -4.86 -37.84 36.03
CA ALA A 163 -5.40 -36.78 36.85
C ALA A 163 -6.93 -36.87 36.94
N LEU A 164 -7.54 -37.12 35.78
CA LEU A 164 -8.97 -37.14 35.67
C LEU A 164 -9.59 -38.36 36.30
N ALA A 165 -8.82 -39.45 36.37
CA ALA A 165 -9.23 -40.70 37.03
C ALA A 165 -9.59 -40.41 38.49
N SER A 166 -9.00 -39.32 39.02
CA SER A 166 -9.19 -39.00 40.41
C SER A 166 -10.53 -38.34 40.70
N HIS A 167 -11.25 -37.97 39.65
CA HIS A 167 -12.64 -37.52 39.77
C HIS A 167 -13.56 -38.70 40.01
N PRO A 168 -14.42 -38.58 41.02
CA PRO A 168 -15.35 -39.69 41.33
C PRO A 168 -16.30 -40.07 40.21
N ASN A 169 -16.61 -39.15 39.27
CA ASN A 169 -17.64 -39.41 38.23
C ASN A 169 -17.07 -39.92 36.88
N ILE A 170 -15.76 -39.74 36.72
CA ILE A 170 -15.03 -40.16 35.54
C ILE A 170 -14.61 -41.61 35.78
N VAL A 171 -15.20 -42.54 35.04
CA VAL A 171 -15.09 -43.96 35.38
C VAL A 171 -14.39 -44.75 34.28
N GLY A 172 -14.16 -44.12 33.13
CA GLY A 172 -13.55 -44.85 32.05
C GLY A 172 -13.20 -44.07 30.82
N VAL A 173 -12.63 -44.81 29.86
CA VAL A 173 -12.16 -44.22 28.65
C VAL A 173 -12.66 -45.03 27.48
N LYS A 174 -13.32 -44.38 26.54
CA LYS A 174 -13.50 -44.92 25.23
C LYS A 174 -12.24 -44.54 24.43
N ASP A 175 -11.52 -45.57 23.98
CA ASP A 175 -10.26 -45.27 23.35
C ASP A 175 -10.29 -45.43 21.87
N ALA A 176 -9.83 -44.43 21.14
CA ALA A 176 -9.47 -44.58 19.76
C ALA A 176 -8.05 -44.18 19.52
N LYS A 177 -7.29 -43.90 20.58
CA LYS A 177 -5.87 -43.51 20.40
C LYS A 177 -4.95 -44.70 20.12
N ALA A 178 -5.36 -45.90 20.53
CA ALA A 178 -4.59 -47.15 20.25
C ALA A 178 -3.25 -47.21 21.04
N ASP A 179 -3.14 -46.49 22.14
CA ASP A 179 -1.92 -46.63 22.93
C ASP A 179 -2.20 -47.70 23.97
N LEU A 180 -2.13 -48.94 23.53
CA LEU A 180 -2.63 -50.06 24.29
C LEU A 180 -1.76 -50.25 25.53
N HIS A 181 -0.44 -50.09 25.34
CA HIS A 181 0.52 -50.12 26.42
C HIS A 181 0.19 -49.10 27.50
N SER A 182 0.01 -47.86 27.11
CA SER A 182 -0.33 -46.81 28.06
C SER A 182 -1.66 -47.04 28.75
N GLY A 183 -2.69 -47.36 27.95
CA GLY A 183 -4.02 -47.70 28.49
C GLY A 183 -4.01 -48.88 29.44
N ALA A 184 -3.22 -49.90 29.12
CA ALA A 184 -3.08 -51.03 30.03
C ALA A 184 -2.57 -50.52 31.40
N GLN A 185 -1.58 -49.63 31.37
CA GLN A 185 -0.97 -49.17 32.64
C GLN A 185 -1.96 -48.26 33.37
N ILE A 186 -2.63 -47.39 32.63
CA ILE A 186 -3.62 -46.51 33.21
C ILE A 186 -4.71 -47.38 33.92
N MET A 187 -5.19 -48.41 33.25
CA MET A 187 -6.16 -49.29 33.85
C MET A 187 -5.67 -49.92 35.11
N ALA A 188 -4.41 -50.40 35.09
CA ALA A 188 -3.84 -51.09 36.23
C ALA A 188 -3.68 -50.11 37.39
N ASP A 189 -3.30 -48.87 37.08
CA ASP A 189 -2.98 -47.91 38.12
C ASP A 189 -4.24 -47.26 38.69
N THR A 190 -5.23 -47.03 37.85
CA THR A 190 -6.33 -46.17 38.24
C THR A 190 -7.64 -46.93 38.39
N GLY A 191 -7.73 -48.13 37.82
CA GLY A 191 -9.04 -48.75 37.80
C GLY A 191 -10.06 -48.09 36.82
N LEU A 192 -9.65 -47.11 36.02
CA LEU A 192 -10.47 -46.69 34.87
C LEU A 192 -10.77 -47.89 33.99
N ALA A 193 -12.02 -47.98 33.54
CA ALA A 193 -12.45 -48.98 32.61
C ALA A 193 -12.13 -48.46 31.23
N TYR A 194 -11.78 -49.35 30.32
CA TYR A 194 -11.58 -48.94 28.94
C TYR A 194 -12.57 -49.67 28.06
N TYR A 195 -13.04 -48.95 27.07
CA TYR A 195 -13.86 -49.52 26.01
C TYR A 195 -13.10 -49.31 24.72
N SER A 196 -13.02 -50.38 23.93
CA SER A 196 -12.51 -50.20 22.59
C SER A 196 -13.40 -49.21 21.87
N GLY A 197 -12.82 -48.09 21.43
CA GLY A 197 -13.55 -47.17 20.57
C GLY A 197 -13.18 -47.25 19.10
N ASP A 198 -12.55 -48.32 18.67
CA ASP A 198 -12.19 -48.43 17.28
C ASP A 198 -12.23 -49.91 17.06
N ASP A 199 -13.13 -50.33 16.17
CA ASP A 199 -13.41 -51.75 15.98
C ASP A 199 -12.17 -52.55 15.60
N ALA A 200 -11.24 -51.90 14.89
CA ALA A 200 -10.00 -52.57 14.50
C ALA A 200 -9.28 -53.12 15.76
N LEU A 201 -9.39 -52.40 16.86
CA LEU A 201 -8.68 -52.80 18.08
C LEU A 201 -9.50 -53.50 19.16
N ASN A 202 -10.72 -53.91 18.84
CA ASN A 202 -11.61 -54.59 19.80
C ASN A 202 -10.90 -55.74 20.53
N LEU A 203 -10.33 -56.66 19.75
CA LEU A 203 -9.67 -57.81 20.33
C LEU A 203 -8.37 -57.47 21.07
N PRO A 204 -7.43 -56.72 20.45
CA PRO A 204 -6.27 -56.29 21.28
C PRO A 204 -6.70 -55.57 22.60
N TRP A 205 -7.73 -54.72 22.52
CA TRP A 205 -8.20 -54.03 23.74
C TRP A 205 -8.71 -55.01 24.80
N LEU A 206 -9.47 -56.01 24.40
CA LEU A 206 -9.89 -57.04 25.36
C LEU A 206 -8.67 -57.72 25.98
N ALA A 207 -7.66 -57.98 25.17
CA ALA A 207 -6.47 -58.62 25.71
C ALA A 207 -5.89 -57.80 26.86
N MET A 208 -5.89 -56.49 26.67
CA MET A 208 -5.36 -55.52 27.60
C MET A 208 -6.30 -55.16 28.78
N GLY A 209 -7.53 -55.70 28.78
CA GLY A 209 -8.40 -55.62 29.94
C GLY A 209 -9.54 -54.65 29.70
N ALA A 210 -9.76 -54.23 28.46
CA ALA A 210 -10.93 -53.41 28.16
C ALA A 210 -12.22 -54.14 28.65
N THR A 211 -13.16 -53.35 29.09
CA THR A 211 -14.47 -53.83 29.54
C THR A 211 -15.36 -54.29 28.35
N GLY A 212 -15.21 -53.63 27.22
CA GLY A 212 -15.96 -54.04 26.09
C GLY A 212 -15.75 -53.06 24.96
N PHE A 213 -16.78 -52.94 24.12
CA PHE A 213 -16.68 -52.17 22.91
C PHE A 213 -17.75 -51.12 22.86
N ILE A 214 -17.36 -49.95 22.40
CA ILE A 214 -18.33 -49.01 21.98
C ILE A 214 -18.12 -48.93 20.48
N SER A 215 -18.98 -49.61 19.75
CA SER A 215 -18.63 -50.10 18.40
C SER A 215 -19.46 -49.41 17.34
N VAL A 216 -18.88 -49.29 16.16
CA VAL A 216 -19.60 -48.80 15.02
C VAL A 216 -20.13 -49.95 14.23
N ILE A 217 -19.32 -51.00 14.05
CA ILE A 217 -19.72 -52.11 13.20
C ILE A 217 -20.79 -52.94 13.88
N ALA A 218 -21.00 -52.71 15.18
CA ALA A 218 -22.10 -53.31 15.93
C ALA A 218 -23.42 -52.99 15.28
N HIS A 219 -23.53 -51.87 14.54
CA HIS A 219 -24.77 -51.61 13.75
C HIS A 219 -25.14 -52.83 12.93
N LEU A 220 -24.13 -53.49 12.40
CA LEU A 220 -24.33 -54.53 11.40
C LEU A 220 -24.07 -55.92 11.95
N ALA A 221 -23.23 -55.98 12.97
CA ALA A 221 -22.70 -57.28 13.42
C ALA A 221 -22.67 -57.41 14.90
N ALA A 222 -23.65 -56.81 15.58
CA ALA A 222 -23.70 -56.87 17.07
C ALA A 222 -23.64 -58.31 17.56
N GLY A 223 -24.39 -59.21 16.92
CA GLY A 223 -24.44 -60.57 17.40
C GLY A 223 -23.07 -61.21 17.39
N GLN A 224 -22.32 -61.04 16.31
CA GLN A 224 -20.95 -61.58 16.28
C GLN A 224 -20.02 -60.91 17.32
N LEU A 225 -20.15 -59.60 17.48
CA LEU A 225 -19.38 -58.90 18.53
C LEU A 225 -19.71 -59.43 19.94
N ARG A 226 -21.00 -59.61 20.22
CA ARG A 226 -21.40 -60.26 21.42
C ARG A 226 -20.71 -61.61 21.56
N GLU A 227 -20.81 -62.49 20.55
CA GLU A 227 -20.07 -63.76 20.51
C GLU A 227 -18.54 -63.64 20.77
N LEU A 228 -17.94 -62.59 20.20
CA LEU A 228 -16.54 -62.40 20.32
C LEU A 228 -16.22 -62.07 21.81
N LEU A 229 -17.00 -61.14 22.43
CA LEU A 229 -16.85 -60.82 23.85
C LEU A 229 -16.98 -62.08 24.68
N SER A 230 -18.00 -62.88 24.40
CA SER A 230 -18.25 -64.06 25.23
C SER A 230 -17.11 -65.06 25.09
N ALA A 231 -16.57 -65.20 23.88
CA ALA A 231 -15.53 -66.19 23.63
C ALA A 231 -14.26 -65.76 24.33
N PHE A 232 -14.00 -64.46 24.31
CA PHE A 232 -12.81 -63.97 24.92
C PHE A 232 -12.98 -64.17 26.43
N GLY A 233 -14.15 -63.79 26.95
CA GLY A 233 -14.43 -63.82 28.37
C GLY A 233 -14.29 -65.20 28.94
N SER A 234 -14.68 -66.22 28.17
CA SER A 234 -14.53 -67.60 28.63
C SER A 234 -13.14 -68.16 28.31
N GLY A 235 -12.28 -67.32 27.74
CA GLY A 235 -10.89 -67.68 27.45
C GLY A 235 -10.67 -68.42 26.14
N ASP A 236 -11.74 -68.62 25.38
CA ASP A 236 -11.62 -69.17 24.04
C ASP A 236 -11.12 -68.08 23.05
N ILE A 237 -9.83 -67.76 23.15
CA ILE A 237 -9.22 -66.73 22.30
C ILE A 237 -9.20 -67.11 20.82
N ALA A 238 -9.04 -68.41 20.52
CA ALA A 238 -9.06 -68.90 19.16
C ALA A 238 -10.38 -68.57 18.50
N THR A 239 -11.47 -68.75 19.24
CA THR A 239 -12.76 -68.38 18.69
C THR A 239 -12.89 -66.88 18.59
N ALA A 240 -12.35 -66.15 19.58
CA ALA A 240 -12.49 -64.71 19.56
C ALA A 240 -11.82 -64.14 18.32
N ARG A 241 -10.67 -64.73 18.01
CA ARG A 241 -9.82 -64.32 16.88
C ARG A 241 -10.49 -64.61 15.56
N LYS A 242 -11.15 -65.78 15.50
CA LYS A 242 -11.97 -66.21 14.35
C LYS A 242 -13.10 -65.21 14.09
N ILE A 243 -13.82 -64.84 15.13
CA ILE A 243 -14.95 -63.92 14.93
C ILE A 243 -14.42 -62.57 14.51
N ASN A 244 -13.35 -62.14 15.17
CA ASN A 244 -12.73 -60.88 14.81
C ASN A 244 -12.26 -60.85 13.33
N ILE A 245 -11.76 -61.98 12.85
CA ILE A 245 -11.49 -62.12 11.41
C ILE A 245 -12.79 -62.07 10.55
N ALA A 246 -13.84 -62.74 11.03
CA ALA A 246 -15.10 -62.80 10.29
C ALA A 246 -15.67 -61.40 10.05
N VAL A 247 -15.51 -60.48 11.00
CA VAL A 247 -16.13 -59.18 10.88
C VAL A 247 -15.17 -58.14 10.33
N ALA A 248 -13.90 -58.52 10.14
CA ALA A 248 -12.88 -57.61 9.59
C ALA A 248 -13.32 -56.85 8.31
N PRO A 249 -14.02 -57.53 7.36
CA PRO A 249 -14.46 -56.76 6.17
C PRO A 249 -15.30 -55.54 6.50
N LEU A 250 -16.10 -55.57 7.57
CA LEU A 250 -16.86 -54.38 7.98
C LEU A 250 -15.94 -53.27 8.44
N CYS A 251 -14.90 -53.64 9.18
CA CYS A 251 -13.90 -52.71 9.59
C CYS A 251 -13.17 -52.16 8.33
N ASN A 252 -12.83 -53.01 7.38
CA ASN A 252 -12.33 -52.52 6.11
C ASN A 252 -13.28 -51.57 5.34
N ALA A 253 -14.56 -51.87 5.36
CA ALA A 253 -15.53 -51.03 4.69
C ALA A 253 -15.53 -49.68 5.41
N MET A 254 -15.42 -49.74 6.74
CA MET A 254 -15.42 -48.53 7.54
C MET A 254 -14.27 -47.62 7.24
N SER A 255 -13.10 -48.20 6.96
CA SER A 255 -11.97 -47.39 6.50
C SER A 255 -12.28 -46.67 5.20
N ARG A 256 -12.99 -47.32 4.29
CA ARG A 256 -13.34 -46.66 3.03
C ARG A 256 -14.40 -45.55 3.19
N LEU A 257 -15.35 -45.75 4.11
CA LEU A 257 -16.59 -44.95 4.09
C LEU A 257 -16.72 -44.01 5.23
N GLY A 258 -16.07 -44.36 6.35
CA GLY A 258 -16.30 -43.71 7.62
C GLY A 258 -17.54 -44.34 8.23
N GLY A 259 -17.66 -44.22 9.54
CA GLY A 259 -18.73 -44.89 10.30
C GLY A 259 -20.12 -44.46 10.00
N VAL A 260 -20.32 -43.15 9.83
CA VAL A 260 -21.65 -42.61 9.55
C VAL A 260 -22.16 -43.15 8.22
N THR A 261 -21.39 -42.95 7.16
CA THR A 261 -21.76 -43.42 5.85
C THR A 261 -21.96 -44.95 5.83
N LEU A 262 -21.06 -45.66 6.50
CA LEU A 262 -21.11 -47.12 6.52
C LEU A 262 -22.35 -47.56 7.27
N SER A 263 -22.62 -46.94 8.43
CA SER A 263 -23.67 -47.44 9.31
C SER A 263 -25.05 -47.25 8.70
N LYS A 264 -25.26 -46.07 8.13
CA LYS A 264 -26.51 -45.75 7.47
C LYS A 264 -26.72 -46.55 6.19
N ALA A 265 -25.67 -46.70 5.37
CA ALA A 265 -25.81 -47.54 4.15
C ALA A 265 -26.00 -49.03 4.48
N GLY A 266 -25.28 -49.50 5.49
CA GLY A 266 -25.29 -50.92 5.89
C GLY A 266 -26.62 -51.31 6.49
N LEU A 267 -27.18 -50.46 7.33
CA LEU A 267 -28.47 -50.71 7.96
C LEU A 267 -29.52 -50.76 6.91
N ARG A 268 -29.49 -49.81 5.98
CA ARG A 268 -30.39 -49.86 4.84
C ARG A 268 -30.27 -51.19 4.12
N LEU A 269 -29.03 -51.63 3.82
CA LEU A 269 -28.84 -52.92 3.11
C LEU A 269 -29.47 -54.03 3.91
N GLN A 270 -29.49 -53.88 5.23
CA GLN A 270 -30.04 -54.92 6.09
C GLN A 270 -31.56 -54.84 6.22
N GLY A 271 -32.17 -53.85 5.55
CA GLY A 271 -33.63 -53.69 5.58
C GLY A 271 -34.07 -52.74 6.67
N ILE A 272 -33.10 -52.04 7.30
CA ILE A 272 -33.44 -51.02 8.31
C ILE A 272 -33.01 -49.65 7.82
N ASP A 273 -33.93 -48.98 7.13
CA ASP A 273 -33.63 -47.68 6.55
C ASP A 273 -33.58 -46.65 7.67
N VAL A 274 -32.48 -45.94 7.77
CA VAL A 274 -32.27 -44.96 8.84
C VAL A 274 -31.94 -43.62 8.19
N GLY A 275 -32.39 -43.48 6.94
CA GLY A 275 -32.13 -42.29 6.15
C GLY A 275 -30.66 -42.06 5.81
N ASP A 276 -30.36 -40.81 5.53
CA ASP A 276 -29.07 -40.43 5.04
C ASP A 276 -28.38 -39.53 6.04
N PRO A 277 -27.03 -39.42 5.92
CA PRO A 277 -26.29 -38.43 6.72
C PRO A 277 -26.64 -36.98 6.37
N ARG A 278 -26.38 -36.08 7.32
CA ARG A 278 -26.48 -34.65 7.06
C ARG A 278 -25.12 -34.11 6.64
N LEU A 279 -25.13 -33.21 5.67
CA LEU A 279 -23.91 -32.52 5.28
C LEU A 279 -23.19 -31.90 6.47
N PRO A 280 -21.85 -31.97 6.46
CA PRO A 280 -20.93 -32.39 5.36
C PRO A 280 -20.71 -33.91 5.19
N GLN A 281 -21.35 -34.71 6.02
CA GLN A 281 -21.41 -36.14 5.77
C GLN A 281 -22.31 -36.44 4.56
N VAL A 282 -22.07 -37.58 3.92
CA VAL A 282 -22.74 -37.88 2.67
C VAL A 282 -23.13 -39.35 2.66
N ALA A 283 -24.20 -39.66 1.91
CA ALA A 283 -24.71 -41.02 1.75
C ALA A 283 -23.80 -41.78 0.81
N ALA A 284 -23.73 -43.09 0.99
CA ALA A 284 -22.88 -43.90 0.14
C ALA A 284 -23.37 -43.77 -1.28
N THR A 285 -22.46 -43.72 -2.25
CA THR A 285 -22.81 -43.80 -3.68
C THR A 285 -23.26 -45.24 -4.01
N PRO A 286 -24.04 -45.46 -5.11
CA PRO A 286 -24.34 -46.83 -5.54
C PRO A 286 -23.12 -47.75 -5.61
N GLU A 287 -21.98 -47.25 -6.06
CA GLU A 287 -20.76 -48.04 -6.10
C GLU A 287 -20.29 -48.41 -4.68
N GLN A 288 -20.39 -47.45 -3.76
CA GLN A 288 -19.92 -47.65 -2.44
C GLN A 288 -20.83 -48.65 -1.77
N ILE A 289 -22.11 -48.56 -2.08
CA ILE A 289 -23.08 -49.50 -1.57
C ILE A 289 -22.76 -50.93 -2.09
N ASP A 290 -22.46 -51.08 -3.37
CA ASP A 290 -22.11 -52.40 -3.91
C ASP A 290 -20.89 -52.96 -3.14
N ALA A 291 -19.86 -52.12 -2.93
CA ALA A 291 -18.62 -52.58 -2.34
C ALA A 291 -18.85 -53.00 -0.92
N LEU A 292 -19.73 -52.27 -0.21
CA LEU A 292 -20.07 -52.55 1.17
C LEU A 292 -20.89 -53.82 1.33
N ALA A 293 -21.85 -53.99 0.43
CA ALA A 293 -22.61 -55.22 0.35
C ALA A 293 -21.67 -56.43 0.22
N ALA A 294 -20.68 -56.37 -0.67
CA ALA A 294 -19.71 -57.47 -0.82
C ALA A 294 -19.06 -57.74 0.55
N ASP A 295 -18.62 -56.69 1.23
CA ASP A 295 -17.99 -56.83 2.57
C ASP A 295 -18.95 -57.42 3.62
N MET A 296 -20.19 -56.96 3.56
CA MET A 296 -21.24 -57.40 4.46
C MET A 296 -21.51 -58.85 4.28
N ARG A 297 -21.59 -59.28 3.02
CA ARG A 297 -21.80 -60.69 2.73
C ARG A 297 -20.62 -61.50 3.25
N ALA A 298 -19.39 -61.00 3.05
CA ALA A 298 -18.18 -61.71 3.53
C ALA A 298 -18.27 -61.87 5.05
N ALA A 299 -18.81 -60.85 5.74
CA ALA A 299 -18.90 -60.86 7.18
C ALA A 299 -20.15 -61.59 7.64
N SER A 300 -20.91 -62.13 6.68
CA SER A 300 -22.08 -62.93 6.99
C SER A 300 -23.15 -62.14 7.71
N VAL A 301 -23.27 -60.86 7.35
CA VAL A 301 -24.29 -60.02 7.97
C VAL A 301 -25.18 -59.42 6.90
N LEU A 302 -25.13 -60.02 5.72
CA LEU A 302 -25.97 -59.67 4.58
C LEU A 302 -26.09 -60.89 3.72
N ARG A 303 -27.31 -61.11 3.24
CA ARG A 303 -27.56 -62.22 2.32
C ARG A 303 -26.99 -61.88 0.93
N PHE B 9 -12.14 -8.74 -9.69
CA PHE B 9 -12.22 -8.74 -8.19
C PHE B 9 -10.79 -8.64 -7.64
N ASP B 10 -10.58 -7.60 -6.87
CA ASP B 10 -9.28 -7.27 -6.30
C ASP B 10 -9.16 -7.84 -4.88
N VAL B 11 -8.54 -9.01 -4.73
CA VAL B 11 -8.54 -9.65 -3.42
C VAL B 11 -7.88 -8.79 -2.36
N ALA B 12 -6.73 -8.21 -2.70
CA ALA B 12 -6.02 -7.34 -1.77
C ALA B 12 -6.85 -6.15 -1.30
N ALA B 13 -7.58 -5.52 -2.20
CA ALA B 13 -8.45 -4.42 -1.82
C ALA B 13 -9.66 -4.93 -1.05
N ARG B 14 -10.23 -6.05 -1.48
CA ARG B 14 -11.54 -6.46 -0.96
C ARG B 14 -11.44 -7.14 0.38
N LEU B 15 -10.30 -7.77 0.62
CA LEU B 15 -10.14 -8.60 1.79
C LEU B 15 -9.01 -8.12 2.65
N GLY B 16 -8.00 -7.54 2.01
CA GLY B 16 -6.88 -6.97 2.74
C GLY B 16 -5.57 -7.69 2.47
N THR B 17 -4.51 -7.19 3.09
CA THR B 17 -3.17 -7.78 2.95
C THR B 17 -2.64 -8.20 4.33
N LEU B 18 -2.99 -7.43 5.36
CA LEU B 18 -2.60 -7.79 6.72
C LEU B 18 -3.84 -7.81 7.58
N LEU B 19 -4.26 -9.01 7.95
CA LEU B 19 -5.45 -9.17 8.80
C LEU B 19 -5.04 -9.86 10.05
N THR B 20 -5.66 -9.47 11.17
CA THR B 20 -5.50 -10.21 12.39
C THR B 20 -6.68 -11.16 12.49
N ALA B 21 -6.37 -12.40 12.87
CA ALA B 21 -7.34 -13.41 13.27
C ALA B 21 -7.71 -12.99 14.71
N MET B 22 -8.61 -12.03 14.80
CA MET B 22 -8.72 -11.23 16.03
C MET B 22 -9.42 -12.04 17.19
N VAL B 23 -8.90 -11.89 18.39
CA VAL B 23 -9.55 -12.42 19.56
C VAL B 23 -10.92 -11.80 19.72
N THR B 24 -11.78 -12.49 20.45
CA THR B 24 -13.02 -11.93 20.90
C THR B 24 -12.80 -11.61 22.36
N PRO B 25 -12.77 -10.32 22.69
CA PRO B 25 -12.60 -9.87 24.07
C PRO B 25 -13.78 -10.28 24.92
N PHE B 26 -13.50 -10.78 26.14
CA PHE B 26 -14.52 -11.12 27.12
C PHE B 26 -14.31 -10.24 28.31
N SER B 27 -15.42 -9.91 29.02
CA SER B 27 -15.33 -9.20 30.31
C SER B 27 -14.83 -10.14 31.40
N GLY B 28 -14.48 -9.58 32.55
CA GLY B 28 -14.10 -10.35 33.71
C GLY B 28 -15.04 -11.49 33.99
N ASP B 29 -16.33 -11.30 33.71
CA ASP B 29 -17.30 -12.35 33.98
C ASP B 29 -17.41 -13.42 32.86
N GLY B 30 -16.69 -13.20 31.77
CA GLY B 30 -16.67 -14.16 30.70
C GLY B 30 -17.56 -13.72 29.54
N SER B 31 -18.37 -12.66 29.75
CA SER B 31 -19.35 -12.24 28.76
C SER B 31 -18.61 -11.48 27.69
N LEU B 32 -19.25 -11.40 26.50
CA LEU B 32 -18.76 -10.65 25.38
C LEU B 32 -18.49 -9.20 25.80
N ASP B 33 -17.34 -8.71 25.38
CA ASP B 33 -16.97 -7.34 25.61
C ASP B 33 -16.81 -6.59 24.28
N THR B 34 -17.91 -6.01 23.77
CA THR B 34 -17.86 -5.42 22.41
C THR B 34 -17.14 -4.06 22.42
N ALA B 35 -17.24 -3.33 23.54
CA ALA B 35 -16.54 -2.09 23.67
C ALA B 35 -15.02 -2.33 23.45
N THR B 36 -14.46 -3.31 24.15
CA THR B 36 -13.07 -3.62 24.00
C THR B 36 -12.79 -4.17 22.60
N ALA B 37 -13.75 -4.89 22.03
CA ALA B 37 -13.56 -5.40 20.67
C ALA B 37 -13.41 -4.25 19.68
N ALA B 38 -14.25 -3.22 19.81
CA ALA B 38 -14.11 -2.01 19.03
C ALA B 38 -12.72 -1.35 19.23
N ARG B 39 -12.34 -1.18 20.49
CA ARG B 39 -11.09 -0.53 20.82
C ARG B 39 -9.92 -1.32 20.20
N LEU B 40 -9.95 -2.64 20.39
CA LEU B 40 -8.93 -3.55 19.78
C LEU B 40 -8.89 -3.45 18.25
N ALA B 41 -10.07 -3.52 17.63
CA ALA B 41 -10.16 -3.48 16.19
C ALA B 41 -9.54 -2.16 15.72
N ASN B 42 -9.90 -1.02 16.35
CA ASN B 42 -9.29 0.26 16.01
C ASN B 42 -7.77 0.26 16.16
N HIS B 43 -7.29 -0.38 17.22
CA HIS B 43 -5.87 -0.41 17.50
C HIS B 43 -5.16 -1.20 16.41
N LEU B 44 -5.74 -2.35 16.07
CA LEU B 44 -5.09 -3.25 15.14
C LEU B 44 -5.01 -2.65 13.74
N VAL B 45 -6.08 -1.94 13.37
CA VAL B 45 -6.10 -1.23 12.09
C VAL B 45 -5.09 -0.06 12.11
N ASP B 46 -5.08 0.71 13.20
CA ASP B 46 -4.18 1.83 13.34
C ASP B 46 -2.73 1.41 13.29
N GLN B 47 -2.45 0.22 13.84
CA GLN B 47 -1.13 -0.40 13.81
C GLN B 47 -0.70 -0.88 12.41
N GLY B 48 -1.67 -1.05 11.51
CA GLY B 48 -1.33 -1.37 10.13
C GLY B 48 -2.11 -2.47 9.49
N CYS B 49 -3.01 -3.13 10.21
CA CYS B 49 -3.88 -4.13 9.57
C CYS B 49 -4.82 -3.41 8.64
N ASP B 50 -5.02 -3.95 7.45
CA ASP B 50 -6.10 -3.39 6.61
C ASP B 50 -7.37 -4.27 6.55
N GLY B 51 -7.40 -5.31 7.37
CA GLY B 51 -8.55 -6.16 7.47
C GLY B 51 -8.50 -6.86 8.80
N LEU B 52 -9.63 -7.44 9.21
CA LEU B 52 -9.66 -8.25 10.41
C LEU B 52 -10.50 -9.47 10.14
N VAL B 53 -10.14 -10.64 10.70
CA VAL B 53 -11.07 -11.77 10.69
C VAL B 53 -11.63 -11.80 12.05
N VAL B 54 -12.97 -11.74 12.12
CA VAL B 54 -13.64 -11.82 13.42
C VAL B 54 -14.28 -13.20 13.57
N SER B 55 -14.32 -13.69 14.81
CA SER B 55 -14.97 -14.95 15.13
C SER B 55 -14.38 -16.11 14.38
N GLY B 56 -13.08 -16.05 14.12
CA GLY B 56 -12.32 -17.24 13.69
C GLY B 56 -11.91 -18.05 14.95
N THR B 57 -11.03 -19.03 14.75
CA THR B 57 -10.52 -19.85 15.79
C THR B 57 -9.90 -19.05 16.90
N THR B 58 -9.06 -18.07 16.55
CA THR B 58 -8.37 -17.27 17.53
C THR B 58 -9.37 -16.35 18.21
N GLY B 59 -10.49 -16.08 17.50
CA GLY B 59 -11.65 -15.36 18.03
C GLY B 59 -12.53 -16.24 18.87
N GLU B 60 -12.06 -17.46 19.15
CA GLU B 60 -12.81 -18.42 19.99
C GLU B 60 -14.19 -18.76 19.48
N SER B 61 -14.30 -18.87 18.17
CA SER B 61 -15.53 -19.31 17.54
C SER B 61 -16.14 -20.58 18.21
N PRO B 62 -15.33 -21.51 18.73
CA PRO B 62 -15.97 -22.68 19.39
C PRO B 62 -16.82 -22.31 20.59
N THR B 63 -16.50 -21.23 21.28
CA THR B 63 -17.11 -21.02 22.61
C THR B 63 -18.06 -19.82 22.68
N THR B 64 -18.24 -19.14 21.55
CA THR B 64 -19.16 -18.03 21.47
C THR B 64 -20.39 -18.46 20.76
N THR B 65 -21.50 -17.85 21.11
CA THR B 65 -22.79 -18.18 20.51
C THR B 65 -22.92 -17.44 19.15
N ASP B 66 -23.92 -17.84 18.35
CA ASP B 66 -24.24 -17.15 17.11
C ASP B 66 -24.46 -15.68 17.37
N GLY B 67 -25.26 -15.42 18.42
CA GLY B 67 -25.63 -14.04 18.81
C GLY B 67 -24.42 -13.19 19.15
N GLU B 68 -23.50 -13.79 19.91
CA GLU B 68 -22.25 -13.14 20.25
C GLU B 68 -21.44 -12.81 19.03
N LYS B 69 -21.34 -13.74 18.09
CA LYS B 69 -20.56 -13.53 16.90
C LYS B 69 -21.17 -12.34 16.14
N ILE B 70 -22.50 -12.29 16.07
CA ILE B 70 -23.13 -11.25 15.28
C ILE B 70 -22.91 -9.88 15.98
N GLU B 71 -23.09 -9.87 17.30
CA GLU B 71 -22.85 -8.70 18.15
C GLU B 71 -21.42 -8.17 17.92
N LEU B 72 -20.45 -9.08 17.95
CA LEU B 72 -19.05 -8.71 17.79
C LEU B 72 -18.82 -8.17 16.38
N LEU B 73 -19.41 -8.82 15.40
CA LEU B 73 -19.18 -8.46 14.01
C LEU B 73 -19.69 -7.03 13.81
N ARG B 74 -20.81 -6.70 14.44
CA ARG B 74 -21.41 -5.41 14.25
C ARG B 74 -20.57 -4.37 14.91
N ALA B 75 -20.15 -4.64 16.13
CA ALA B 75 -19.24 -3.76 16.83
C ALA B 75 -17.94 -3.44 16.02
N VAL B 76 -17.39 -4.44 15.34
CA VAL B 76 -16.14 -4.27 14.63
C VAL B 76 -16.37 -3.53 13.31
N LEU B 77 -17.48 -3.85 12.64
CA LEU B 77 -17.89 -3.09 11.47
C LEU B 77 -18.07 -1.63 11.77
N GLU B 78 -18.76 -1.34 12.87
CA GLU B 78 -18.99 0.02 13.29
C GLU B 78 -17.68 0.77 13.61
N ALA B 79 -16.76 0.09 14.29
CA ALA B 79 -15.47 0.65 14.62
C ALA B 79 -14.52 0.90 13.40
N VAL B 80 -14.32 -0.10 12.52
CA VAL B 80 -13.26 0.02 11.49
C VAL B 80 -13.68 -0.29 10.06
N GLY B 81 -14.97 -0.63 9.92
CA GLY B 81 -15.50 -1.08 8.66
C GLY B 81 -15.41 -0.05 7.54
N ASP B 82 -15.37 1.22 7.90
CA ASP B 82 -15.11 2.22 6.88
C ASP B 82 -13.66 2.24 6.43
N ARG B 83 -12.75 1.66 7.18
CA ARG B 83 -11.35 1.89 6.85
C ARG B 83 -10.54 0.63 6.76
N ALA B 84 -11.22 -0.48 7.00
CA ALA B 84 -10.55 -1.81 6.93
C ALA B 84 -11.57 -2.86 6.52
N ARG B 85 -11.12 -4.00 6.01
CA ARG B 85 -12.06 -5.07 5.62
C ARG B 85 -12.35 -6.03 6.77
N VAL B 86 -13.61 -6.30 7.00
CA VAL B 86 -13.98 -7.16 8.12
C VAL B 86 -14.57 -8.43 7.60
N ILE B 87 -13.80 -9.50 7.76
CA ILE B 87 -14.15 -10.79 7.22
C ILE B 87 -14.72 -11.58 8.43
N ALA B 88 -15.87 -12.22 8.28
CA ALA B 88 -16.38 -13.01 9.41
C ALA B 88 -16.10 -14.50 9.27
N GLY B 89 -15.62 -15.11 10.35
CA GLY B 89 -15.50 -16.56 10.43
C GLY B 89 -16.90 -17.13 10.34
N ALA B 90 -17.13 -18.06 9.43
CA ALA B 90 -18.51 -18.53 9.29
C ALA B 90 -18.72 -20.01 9.16
N GLY B 91 -17.71 -20.84 9.20
CA GLY B 91 -18.06 -22.26 9.13
C GLY B 91 -17.74 -23.11 10.35
N THR B 92 -18.52 -24.17 10.49
CA THR B 92 -18.31 -25.14 11.53
C THR B 92 -18.30 -26.50 10.83
N TYR B 93 -18.48 -27.55 11.61
CA TYR B 93 -18.60 -28.87 11.05
C TYR B 93 -20.07 -29.20 10.70
N ASP B 94 -20.93 -28.18 10.68
CA ASP B 94 -22.35 -28.34 10.40
C ASP B 94 -22.72 -27.41 9.23
N THR B 95 -23.13 -28.01 8.11
CA THR B 95 -23.37 -27.26 6.88
C THR B 95 -24.53 -26.32 7.09
N ALA B 96 -25.65 -26.84 7.64
CA ALA B 96 -26.84 -26.00 7.92
C ALA B 96 -26.50 -24.76 8.76
N HIS B 97 -25.78 -24.99 9.86
CA HIS B 97 -25.30 -23.95 10.75
C HIS B 97 -24.34 -22.97 10.04
N SER B 98 -23.40 -23.49 9.27
CA SER B 98 -22.44 -22.67 8.55
C SER B 98 -23.17 -21.71 7.60
N ILE B 99 -24.10 -22.26 6.82
CA ILE B 99 -25.02 -21.52 5.96
C ILE B 99 -25.74 -20.39 6.71
N ARG B 100 -26.32 -20.74 7.86
CA ARG B 100 -27.05 -19.80 8.73
C ARG B 100 -26.15 -18.69 9.14
N LEU B 101 -24.92 -19.07 9.51
CA LEU B 101 -23.94 -18.18 10.04
C LEU B 101 -23.46 -17.21 8.95
N ALA B 102 -23.05 -17.75 7.83
CA ALA B 102 -22.64 -16.99 6.64
C ALA B 102 -23.73 -15.96 6.22
N LYS B 103 -24.98 -16.39 6.18
CA LYS B 103 -26.09 -15.51 5.95
C LYS B 103 -26.25 -14.39 6.97
N ALA B 104 -26.04 -14.73 8.25
CA ALA B 104 -26.21 -13.78 9.34
C ALA B 104 -25.07 -12.75 9.25
N CYS B 105 -23.90 -13.22 8.85
CA CYS B 105 -22.76 -12.31 8.64
C CYS B 105 -22.97 -11.42 7.46
N ALA B 106 -23.45 -11.98 6.35
CA ALA B 106 -23.75 -11.15 5.18
C ALA B 106 -24.82 -10.09 5.51
N ALA B 107 -25.85 -10.47 6.28
CA ALA B 107 -26.92 -9.52 6.67
C ALA B 107 -26.38 -8.40 7.52
N GLU B 108 -25.34 -8.68 8.33
CA GLU B 108 -24.70 -7.63 9.12
C GLU B 108 -23.82 -6.70 8.31
N GLY B 109 -23.35 -7.17 7.15
CA GLY B 109 -22.54 -6.33 6.31
C GLY B 109 -21.11 -6.73 6.36
N ALA B 110 -20.83 -7.97 6.77
CA ALA B 110 -19.48 -8.51 6.66
C ALA B 110 -18.95 -8.31 5.23
N HIS B 111 -17.65 -8.09 5.12
CA HIS B 111 -17.05 -7.84 3.80
C HIS B 111 -16.61 -9.14 3.08
N GLY B 112 -16.50 -10.21 3.82
CA GLY B 112 -16.12 -11.50 3.31
C GLY B 112 -16.30 -12.56 4.37
N LEU B 113 -16.11 -13.82 3.95
CA LEU B 113 -16.25 -14.95 4.84
C LEU B 113 -14.97 -15.78 4.85
N LEU B 114 -14.66 -16.36 6.01
CA LEU B 114 -13.58 -17.28 6.17
C LEU B 114 -14.26 -18.53 6.62
N VAL B 115 -14.06 -19.60 5.88
CA VAL B 115 -14.81 -20.84 6.12
C VAL B 115 -13.79 -21.97 6.25
N VAL B 116 -13.65 -22.44 7.49
CA VAL B 116 -12.76 -23.52 7.81
C VAL B 116 -13.30 -24.85 7.35
N THR B 117 -12.38 -25.74 6.96
CA THR B 117 -12.74 -27.13 6.71
C THR B 117 -13.53 -27.68 7.92
N PRO B 118 -14.74 -28.25 7.68
CA PRO B 118 -15.38 -28.99 8.79
C PRO B 118 -14.40 -29.86 9.55
N TYR B 119 -14.38 -29.65 10.85
CA TYR B 119 -13.48 -30.35 11.74
C TYR B 119 -14.12 -31.58 12.36
N TYR B 120 -13.26 -32.44 12.92
CA TYR B 120 -13.68 -33.52 13.83
C TYR B 120 -14.36 -34.68 13.14
N SER B 121 -15.36 -34.41 12.30
CA SER B 121 -16.24 -35.49 11.79
C SER B 121 -15.67 -36.13 10.53
N LYS B 122 -14.63 -35.47 9.95
CA LYS B 122 -13.84 -36.06 8.85
C LYS B 122 -14.74 -36.47 7.69
N PRO B 123 -15.48 -35.50 7.15
CA PRO B 123 -16.23 -35.84 5.94
C PRO B 123 -15.26 -36.18 4.77
N PRO B 124 -15.77 -36.91 3.76
CA PRO B 124 -14.89 -37.18 2.63
C PRO B 124 -14.80 -35.92 1.78
N GLN B 125 -13.87 -35.91 0.83
CA GLN B 125 -13.64 -34.74 -0.01
C GLN B 125 -14.94 -34.27 -0.70
N ARG B 126 -15.74 -35.18 -1.21
CA ARG B 126 -16.96 -34.78 -1.85
C ARG B 126 -17.91 -34.13 -0.85
N GLY B 127 -17.85 -34.54 0.41
CA GLY B 127 -18.63 -33.86 1.45
C GLY B 127 -18.11 -32.46 1.69
N LEU B 128 -16.79 -32.30 1.69
CA LEU B 128 -16.21 -31.00 1.83
C LEU B 128 -16.60 -30.11 0.66
N GLN B 129 -16.53 -30.65 -0.53
CA GLN B 129 -16.89 -29.87 -1.68
C GLN B 129 -18.35 -29.42 -1.61
N ALA B 130 -19.25 -30.36 -1.29
CA ALA B 130 -20.67 -30.02 -1.19
C ALA B 130 -20.90 -28.95 -0.10
N HIS B 131 -20.20 -29.09 1.02
CA HIS B 131 -20.26 -28.16 2.12
C HIS B 131 -19.81 -26.73 1.75
N PHE B 132 -18.62 -26.62 1.17
CA PHE B 132 -18.10 -25.33 0.79
C PHE B 132 -18.97 -24.72 -0.26
N THR B 133 -19.48 -25.55 -1.15
CA THR B 133 -20.30 -25.02 -2.22
C THR B 133 -21.56 -24.46 -1.66
N ALA B 134 -22.17 -25.18 -0.70
CA ALA B 134 -23.42 -24.75 -0.13
C ALA B 134 -23.23 -23.44 0.64
N VAL B 135 -22.14 -23.34 1.37
CA VAL B 135 -21.82 -22.08 2.04
C VAL B 135 -21.54 -20.94 1.04
N ALA B 136 -20.74 -21.25 0.01
CA ALA B 136 -20.45 -20.27 -1.05
C ALA B 136 -21.73 -19.82 -1.71
N ASP B 137 -22.71 -20.72 -1.82
CA ASP B 137 -23.95 -20.42 -2.51
C ASP B 137 -24.90 -19.57 -1.67
N ALA B 138 -24.65 -19.51 -0.36
CA ALA B 138 -25.60 -18.95 0.59
C ALA B 138 -25.61 -17.41 0.60
N THR B 139 -24.49 -16.77 0.23
CA THR B 139 -24.43 -15.31 0.16
C THR B 139 -23.64 -14.91 -1.07
N GLU B 140 -23.63 -13.61 -1.37
CA GLU B 140 -22.82 -13.04 -2.46
C GLU B 140 -21.47 -12.53 -1.96
N LEU B 141 -21.12 -12.86 -0.71
CA LEU B 141 -19.83 -12.44 -0.17
C LEU B 141 -18.63 -13.22 -0.75
N PRO B 142 -17.48 -12.55 -0.90
CA PRO B 142 -16.26 -13.30 -1.23
C PRO B 142 -15.92 -14.23 -0.09
N MET B 143 -15.45 -15.41 -0.44
CA MET B 143 -15.22 -16.42 0.59
C MET B 143 -13.79 -16.97 0.50
N LEU B 144 -13.10 -17.02 1.64
CA LEU B 144 -11.87 -17.79 1.76
C LEU B 144 -12.08 -19.18 2.39
N LEU B 145 -11.48 -20.20 1.76
CA LEU B 145 -11.36 -21.53 2.39
C LEU B 145 -10.25 -21.48 3.38
N TYR B 146 -10.43 -22.17 4.50
CA TYR B 146 -9.38 -22.15 5.51
C TYR B 146 -8.95 -23.60 5.66
N ASP B 147 -7.82 -23.92 5.08
CA ASP B 147 -7.28 -25.26 5.03
C ASP B 147 -6.31 -25.46 6.20
N ILE B 148 -6.78 -26.16 7.23
CA ILE B 148 -5.97 -26.39 8.43
C ILE B 148 -6.19 -27.80 8.92
N PRO B 149 -5.62 -28.80 8.20
CA PRO B 149 -5.87 -30.19 8.61
C PRO B 149 -5.35 -30.48 10.01
N GLY B 150 -4.37 -29.71 10.48
CA GLY B 150 -3.77 -29.95 11.81
C GLY B 150 -4.85 -29.71 12.88
N ARG B 151 -5.89 -28.92 12.54
CA ARG B 151 -7.01 -28.72 13.48
C ARG B 151 -8.22 -29.51 13.08
N SER B 152 -8.49 -29.52 11.78
CA SER B 152 -9.74 -30.09 11.33
C SER B 152 -9.66 -31.60 11.10
N ALA B 153 -8.44 -32.13 11.02
CA ALA B 153 -8.22 -33.57 10.86
C ALA B 153 -8.46 -34.11 9.46
N VAL B 154 -8.86 -33.24 8.53
CA VAL B 154 -8.85 -33.53 7.08
C VAL B 154 -8.37 -32.29 6.33
N PRO B 155 -7.57 -32.53 5.27
CA PRO B 155 -7.13 -31.42 4.42
C PRO B 155 -8.22 -31.13 3.38
N ILE B 156 -8.22 -29.95 2.78
CA ILE B 156 -8.94 -29.76 1.52
C ILE B 156 -7.92 -30.18 0.48
N GLU B 157 -8.13 -31.34 -0.11
CA GLU B 157 -7.16 -31.88 -1.03
C GLU B 157 -7.05 -30.96 -2.28
N PRO B 158 -5.85 -30.89 -2.89
CA PRO B 158 -5.69 -29.98 -4.01
C PRO B 158 -6.76 -30.10 -5.10
N ASP B 159 -7.20 -31.31 -5.45
CA ASP B 159 -8.29 -31.42 -6.43
C ASP B 159 -9.56 -30.73 -5.96
N THR B 160 -9.82 -30.81 -4.67
CA THR B 160 -11.03 -30.24 -4.10
C THR B 160 -10.91 -28.72 -4.12
N ILE B 161 -9.75 -28.20 -3.75
CA ILE B 161 -9.52 -26.76 -3.84
C ILE B 161 -9.73 -26.29 -5.30
N ARG B 162 -9.09 -26.98 -6.25
CA ARG B 162 -9.21 -26.62 -7.64
C ARG B 162 -10.67 -26.65 -8.10
N ALA B 163 -11.41 -27.70 -7.74
CA ALA B 163 -12.84 -27.76 -8.12
C ALA B 163 -13.61 -26.55 -7.54
N LEU B 164 -13.34 -26.22 -6.29
CA LEU B 164 -13.99 -25.12 -5.59
C LEU B 164 -13.65 -23.76 -6.17
N ALA B 165 -12.43 -23.65 -6.73
CA ALA B 165 -11.89 -22.40 -7.29
C ALA B 165 -12.80 -21.75 -8.26
N SER B 166 -13.60 -22.55 -8.94
CA SER B 166 -14.39 -22.02 -10.02
C SER B 166 -15.74 -21.53 -9.47
N HIS B 167 -16.00 -21.77 -8.18
CA HIS B 167 -17.10 -21.06 -7.58
C HIS B 167 -16.83 -19.55 -7.60
N PRO B 168 -17.77 -18.77 -8.14
CA PRO B 168 -17.52 -17.34 -8.25
C PRO B 168 -17.24 -16.66 -6.93
N ASN B 169 -17.80 -17.19 -5.85
CA ASN B 169 -17.63 -16.56 -4.55
C ASN B 169 -16.38 -17.00 -3.82
N ILE B 170 -15.80 -18.12 -4.25
CA ILE B 170 -14.64 -18.67 -3.56
C ILE B 170 -13.39 -18.03 -4.15
N VAL B 171 -12.73 -17.16 -3.41
CA VAL B 171 -11.73 -16.28 -4.03
C VAL B 171 -10.34 -16.61 -3.54
N GLY B 172 -10.24 -17.39 -2.48
CA GLY B 172 -8.90 -17.74 -1.98
C GLY B 172 -8.89 -18.71 -0.85
N VAL B 173 -7.71 -18.87 -0.27
CA VAL B 173 -7.43 -19.90 0.72
C VAL B 173 -6.57 -19.24 1.76
N LYS B 174 -6.99 -19.40 3.02
CA LYS B 174 -6.13 -19.14 4.14
C LYS B 174 -5.47 -20.49 4.39
N ASP B 175 -4.15 -20.55 4.22
CA ASP B 175 -3.51 -21.81 4.37
C ASP B 175 -2.80 -21.99 5.68
N ALA B 176 -3.07 -23.08 6.35
CA ALA B 176 -2.20 -23.49 7.45
C ALA B 176 -1.64 -24.88 7.16
N LYS B 177 -1.91 -25.42 5.98
CA LYS B 177 -1.47 -26.76 5.63
C LYS B 177 0.01 -26.79 5.30
N ALA B 178 0.63 -25.65 4.97
CA ALA B 178 2.06 -25.59 4.64
C ALA B 178 2.46 -26.36 3.37
N ASP B 179 1.49 -26.71 2.52
CA ASP B 179 1.95 -27.34 1.25
C ASP B 179 2.25 -26.22 0.25
N LEU B 180 3.38 -25.57 0.48
CA LEU B 180 3.80 -24.40 -0.30
C LEU B 180 3.88 -24.76 -1.77
N HIS B 181 4.50 -25.89 -2.09
CA HIS B 181 4.56 -26.34 -3.46
C HIS B 181 3.17 -26.49 -4.10
N SER B 182 2.28 -27.17 -3.42
CA SER B 182 0.94 -27.35 -3.99
C SER B 182 0.17 -26.02 -4.09
N GLY B 183 0.14 -25.25 -3.01
CA GLY B 183 -0.47 -23.91 -3.03
C GLY B 183 0.02 -23.03 -4.17
N ALA B 184 1.33 -23.00 -4.38
CA ALA B 184 1.93 -22.28 -5.49
C ALA B 184 1.30 -22.68 -6.82
N GLN B 185 1.16 -23.97 -7.05
CA GLN B 185 0.59 -24.46 -8.32
C GLN B 185 -0.90 -24.11 -8.42
N ILE B 186 -1.63 -24.36 -7.34
CA ILE B 186 -3.04 -23.94 -7.29
C ILE B 186 -3.19 -22.44 -7.67
N MET B 187 -2.39 -21.59 -7.03
CA MET B 187 -2.43 -20.18 -7.35
C MET B 187 -2.25 -19.89 -8.82
N ALA B 188 -1.23 -20.54 -9.38
CA ALA B 188 -0.84 -20.36 -10.76
C ALA B 188 -1.93 -20.83 -11.70
N ASP B 189 -2.54 -21.96 -11.37
CA ASP B 189 -3.61 -22.55 -12.19
C ASP B 189 -4.97 -21.92 -12.05
N THR B 190 -5.33 -21.43 -10.86
CA THR B 190 -6.70 -21.04 -10.62
C THR B 190 -6.82 -19.54 -10.36
N GLY B 191 -5.70 -18.87 -10.06
CA GLY B 191 -5.80 -17.49 -9.58
C GLY B 191 -6.41 -17.26 -8.19
N LEU B 192 -6.64 -18.35 -7.44
CA LEU B 192 -7.04 -18.22 -6.06
C LEU B 192 -5.96 -17.44 -5.31
N ALA B 193 -6.36 -16.52 -4.44
CA ALA B 193 -5.44 -15.76 -3.64
C ALA B 193 -5.11 -16.64 -2.42
N TYR B 194 -3.86 -16.60 -1.96
CA TYR B 194 -3.51 -17.30 -0.73
C TYR B 194 -3.13 -16.31 0.34
N TYR B 195 -3.52 -16.64 1.56
CA TYR B 195 -3.15 -15.87 2.73
C TYR B 195 -2.42 -16.84 3.58
N SER B 196 -1.27 -16.42 4.10
CA SER B 196 -0.59 -17.19 5.13
C SER B 196 -1.48 -17.29 6.35
N GLY B 197 -1.83 -18.52 6.71
CA GLY B 197 -2.64 -18.72 7.93
C GLY B 197 -1.82 -19.30 9.05
N ASP B 198 -0.50 -19.13 9.00
CA ASP B 198 0.34 -19.62 10.05
C ASP B 198 1.57 -18.73 10.02
N ASP B 199 1.71 -17.92 11.05
CA ASP B 199 2.78 -16.92 11.12
C ASP B 199 4.18 -17.48 10.81
N ALA B 200 4.42 -18.75 11.13
CA ALA B 200 5.72 -19.33 10.86
C ALA B 200 6.01 -19.28 9.38
N LEU B 201 4.97 -19.29 8.54
CA LEU B 201 5.17 -19.39 7.10
C LEU B 201 4.83 -18.13 6.30
N ASN B 202 4.66 -17.03 7.04
CA ASN B 202 4.38 -15.75 6.42
C ASN B 202 5.31 -15.47 5.25
N LEU B 203 6.60 -15.44 5.53
CA LEU B 203 7.62 -15.06 4.55
C LEU B 203 7.71 -16.06 3.39
N PRO B 204 7.82 -17.40 3.67
CA PRO B 204 7.73 -18.41 2.60
C PRO B 204 6.47 -18.25 1.73
N TRP B 205 5.31 -17.94 2.33
CA TRP B 205 4.08 -17.78 1.54
C TRP B 205 4.16 -16.55 0.62
N LEU B 206 4.67 -15.45 1.13
CA LEU B 206 4.91 -14.28 0.27
C LEU B 206 5.79 -14.64 -0.91
N ALA B 207 6.85 -15.42 -0.66
CA ALA B 207 7.74 -15.84 -1.77
C ALA B 207 6.97 -16.62 -2.83
N MET B 208 5.98 -17.38 -2.37
CA MET B 208 5.18 -18.21 -3.28
C MET B 208 4.02 -17.43 -3.91
N GLY B 209 3.83 -16.16 -3.53
CA GLY B 209 2.85 -15.27 -4.16
C GLY B 209 1.56 -15.14 -3.34
N ALA B 210 1.62 -15.45 -2.03
CA ALA B 210 0.49 -15.17 -1.15
C ALA B 210 0.18 -13.68 -1.21
N THR B 211 -1.09 -13.36 -1.02
CA THR B 211 -1.59 -11.97 -0.99
C THR B 211 -1.21 -11.25 0.32
N GLY B 212 -1.14 -12.01 1.39
CA GLY B 212 -0.71 -11.43 2.65
C GLY B 212 -1.00 -12.41 3.74
N PHE B 213 -1.26 -11.87 4.94
CA PHE B 213 -1.31 -12.64 6.15
C PHE B 213 -2.69 -12.51 6.80
N ILE B 214 -3.18 -13.61 7.27
CA ILE B 214 -4.23 -13.57 8.29
C ILE B 214 -3.56 -14.15 9.56
N SER B 215 -3.17 -13.20 10.41
CA SER B 215 -2.15 -13.43 11.38
C SER B 215 -2.66 -13.46 12.79
N VAL B 216 -2.03 -14.29 13.61
CA VAL B 216 -2.27 -14.24 15.04
C VAL B 216 -1.32 -13.28 15.72
N ILE B 217 -0.05 -13.31 15.34
CA ILE B 217 0.92 -12.47 16.05
C ILE B 217 0.76 -10.99 15.73
N ALA B 218 -0.01 -10.71 14.68
CA ALA B 218 -0.41 -9.38 14.34
C ALA B 218 -1.09 -8.69 15.53
N HIS B 219 -1.68 -9.46 16.45
CA HIS B 219 -2.26 -8.86 17.66
C HIS B 219 -1.18 -8.01 18.35
N LEU B 220 0.07 -8.49 18.28
CA LEU B 220 1.13 -7.92 19.10
C LEU B 220 2.15 -7.15 18.26
N ALA B 221 2.26 -7.52 16.98
CA ALA B 221 3.31 -7.00 16.13
C ALA B 221 2.80 -6.62 14.74
N ALA B 222 1.53 -6.18 14.65
CA ALA B 222 0.96 -5.70 13.37
C ALA B 222 1.92 -4.75 12.61
N GLY B 223 2.50 -3.77 13.30
CA GLY B 223 3.32 -2.77 12.61
C GLY B 223 4.48 -3.40 11.89
N GLN B 224 5.10 -4.39 12.57
CA GLN B 224 6.29 -5.03 11.98
C GLN B 224 5.89 -5.92 10.80
N LEU B 225 4.75 -6.61 10.95
CA LEU B 225 4.19 -7.43 9.86
C LEU B 225 3.87 -6.61 8.63
N ARG B 226 3.37 -5.40 8.85
CA ARG B 226 3.10 -4.44 7.78
C ARG B 226 4.40 -4.03 7.09
N GLU B 227 5.44 -3.79 7.89
CA GLU B 227 6.77 -3.42 7.40
C GLU B 227 7.33 -4.61 6.62
N LEU B 228 7.10 -5.83 7.13
CA LEU B 228 7.50 -7.09 6.48
C LEU B 228 6.81 -7.21 5.10
N LEU B 229 5.48 -7.10 5.06
CA LEU B 229 4.77 -7.01 3.78
C LEU B 229 5.28 -5.89 2.86
N SER B 230 5.51 -4.68 3.36
CA SER B 230 5.95 -3.62 2.45
C SER B 230 7.36 -3.87 1.96
N ALA B 231 8.24 -4.34 2.85
CA ALA B 231 9.62 -4.59 2.48
C ALA B 231 9.62 -5.68 1.43
N PHE B 232 8.84 -6.71 1.66
CA PHE B 232 8.78 -7.79 0.70
C PHE B 232 8.27 -7.29 -0.63
N GLY B 233 7.11 -6.64 -0.64
CA GLY B 233 6.50 -6.25 -1.91
C GLY B 233 7.28 -5.18 -2.67
N SER B 234 8.11 -4.38 -1.96
CA SER B 234 8.94 -3.32 -2.57
C SER B 234 10.13 -3.98 -3.21
N GLY B 235 10.38 -5.25 -2.88
CA GLY B 235 11.50 -5.99 -3.45
C GLY B 235 12.67 -6.07 -2.49
N ASP B 236 12.44 -5.72 -1.22
CA ASP B 236 13.52 -5.71 -0.26
C ASP B 236 13.38 -6.95 0.63
N ILE B 237 13.85 -8.08 0.13
CA ILE B 237 13.63 -9.38 0.80
C ILE B 237 14.52 -9.53 2.02
N ALA B 238 15.72 -8.98 1.95
CA ALA B 238 16.62 -9.00 3.07
C ALA B 238 15.98 -8.26 4.26
N THR B 239 15.30 -7.15 4.00
CA THR B 239 14.69 -6.46 5.12
C THR B 239 13.49 -7.27 5.63
N ALA B 240 12.74 -7.84 4.70
CA ALA B 240 11.59 -8.68 5.06
C ALA B 240 12.06 -9.83 5.98
N ARG B 241 13.18 -10.44 5.60
CA ARG B 241 13.79 -11.56 6.35
C ARG B 241 14.22 -11.13 7.78
N LYS B 242 14.86 -9.98 7.85
CA LYS B 242 15.18 -9.39 9.11
C LYS B 242 13.94 -9.20 10.02
N ILE B 243 12.85 -8.67 9.45
CA ILE B 243 11.64 -8.41 10.23
C ILE B 243 11.03 -9.71 10.67
N ASN B 244 11.04 -10.69 9.77
CA ASN B 244 10.58 -12.01 10.10
C ASN B 244 11.34 -12.60 11.27
N ILE B 245 12.65 -12.42 11.28
CA ILE B 245 13.46 -12.90 12.39
C ILE B 245 13.08 -12.13 13.67
N ALA B 246 12.92 -10.81 13.55
CA ALA B 246 12.60 -9.95 14.70
C ALA B 246 11.35 -10.42 15.43
N VAL B 247 10.32 -10.83 14.68
CA VAL B 247 9.07 -11.28 15.28
C VAL B 247 8.99 -12.75 15.63
N ALA B 248 9.98 -13.53 15.22
CA ALA B 248 9.98 -14.98 15.42
C ALA B 248 9.67 -15.37 16.86
N PRO B 249 10.22 -14.64 17.90
CA PRO B 249 9.94 -15.06 19.28
C PRO B 249 8.44 -15.14 19.59
N LEU B 250 7.67 -14.33 18.89
CA LEU B 250 6.23 -14.33 19.07
C LEU B 250 5.64 -15.61 18.52
N CYS B 251 6.20 -16.07 17.41
CA CYS B 251 5.73 -17.30 16.80
C CYS B 251 6.18 -18.43 17.72
N ASN B 252 7.40 -18.34 18.27
CA ASN B 252 7.84 -19.30 19.26
C ASN B 252 6.88 -19.36 20.47
N ALA B 253 6.52 -18.20 20.99
CA ALA B 253 5.61 -18.12 22.13
C ALA B 253 4.30 -18.78 21.73
N MET B 254 3.88 -18.53 20.52
CA MET B 254 2.64 -19.13 20.02
C MET B 254 2.67 -20.66 20.01
N SER B 255 3.80 -21.28 19.65
CA SER B 255 3.96 -22.73 19.73
C SER B 255 3.81 -23.24 21.15
N ARG B 256 4.31 -22.47 22.15
CA ARG B 256 4.13 -22.84 23.54
C ARG B 256 2.67 -22.69 24.02
N LEU B 257 1.98 -21.65 23.58
CA LEU B 257 0.69 -21.25 24.24
C LEU B 257 -0.56 -21.52 23.41
N GLY B 258 -0.37 -21.59 22.10
CA GLY B 258 -1.51 -21.48 21.15
C GLY B 258 -1.91 -20.02 21.01
N GLY B 259 -2.56 -19.68 19.87
CA GLY B 259 -2.87 -18.31 19.55
C GLY B 259 -3.82 -17.61 20.51
N VAL B 260 -4.79 -18.37 21.04
CA VAL B 260 -5.78 -17.75 21.91
C VAL B 260 -5.15 -17.28 23.21
N THR B 261 -4.47 -18.22 23.91
CA THR B 261 -3.76 -17.90 25.13
C THR B 261 -2.71 -16.83 24.88
N LEU B 262 -1.97 -16.96 23.79
CA LEU B 262 -0.96 -15.94 23.52
C LEU B 262 -1.53 -14.56 23.26
N SER B 263 -2.55 -14.48 22.41
CA SER B 263 -3.05 -13.17 22.00
C SER B 263 -3.70 -12.44 23.18
N LYS B 264 -4.40 -13.15 24.04
CA LYS B 264 -5.05 -12.49 25.16
C LYS B 264 -4.05 -12.09 26.19
N ALA B 265 -3.06 -12.96 26.45
CA ALA B 265 -2.03 -12.63 27.47
C ALA B 265 -1.13 -11.51 26.96
N GLY B 266 -0.83 -11.52 25.67
CA GLY B 266 0.11 -10.54 25.13
C GLY B 266 -0.52 -9.18 25.05
N LEU B 267 -1.78 -9.13 24.68
CA LEU B 267 -2.47 -7.86 24.62
C LEU B 267 -2.52 -7.28 26.02
N ARG B 268 -2.85 -8.13 26.99
CA ARG B 268 -2.86 -7.65 28.37
C ARG B 268 -1.47 -7.06 28.76
N LEU B 269 -0.41 -7.78 28.39
CA LEU B 269 0.93 -7.29 28.68
C LEU B 269 1.14 -5.92 28.02
N GLN B 270 0.52 -5.69 26.86
CA GLN B 270 0.67 -4.43 26.12
C GLN B 270 -0.25 -3.34 26.67
N GLY B 271 -1.14 -3.70 27.57
CA GLY B 271 -1.98 -2.71 28.21
C GLY B 271 -3.36 -2.66 27.61
N ILE B 272 -3.68 -3.66 26.80
CA ILE B 272 -5.00 -3.76 26.23
C ILE B 272 -5.61 -5.04 26.76
N ASP B 273 -6.32 -4.93 27.89
CA ASP B 273 -6.92 -6.09 28.49
C ASP B 273 -8.11 -6.57 27.67
N VAL B 274 -8.10 -7.84 27.26
CA VAL B 274 -9.16 -8.39 26.43
C VAL B 274 -9.78 -9.61 27.16
N GLY B 275 -9.54 -9.64 28.46
CA GLY B 275 -10.02 -10.72 29.32
C GLY B 275 -9.29 -12.01 29.03
N ASP B 276 -9.94 -13.10 29.47
CA ASP B 276 -9.38 -14.41 29.44
C ASP B 276 -10.14 -15.31 28.47
N PRO B 277 -9.51 -16.42 28.04
CA PRO B 277 -10.22 -17.36 27.20
C PRO B 277 -11.35 -18.07 27.94
N ARG B 278 -12.28 -18.60 27.16
CA ARG B 278 -13.36 -19.46 27.67
C ARG B 278 -12.88 -20.91 27.60
N LEU B 279 -13.17 -21.68 28.64
CA LEU B 279 -12.93 -23.08 28.62
C LEU B 279 -13.46 -23.72 27.35
N PRO B 280 -12.74 -24.72 26.83
CA PRO B 280 -11.54 -25.42 27.36
C PRO B 280 -10.22 -24.70 27.10
N GLN B 281 -10.25 -23.54 26.45
CA GLN B 281 -9.09 -22.64 26.44
C GLN B 281 -8.84 -22.01 27.79
N VAL B 282 -7.59 -21.65 28.02
CA VAL B 282 -7.14 -21.23 29.33
C VAL B 282 -6.22 -20.02 29.28
N ALA B 283 -6.31 -19.19 30.33
CA ALA B 283 -5.46 -18.02 30.45
C ALA B 283 -4.05 -18.46 30.73
N ALA B 284 -3.07 -17.75 30.18
CA ALA B 284 -1.65 -18.01 30.49
C ALA B 284 -1.44 -18.01 32.00
N THR B 285 -0.60 -18.92 32.49
CA THR B 285 -0.13 -18.95 33.87
C THR B 285 0.89 -17.83 34.10
N PRO B 286 1.16 -17.49 35.37
CA PRO B 286 2.19 -16.52 35.66
C PRO B 286 3.53 -16.83 34.96
N GLU B 287 3.98 -18.09 35.01
CA GLU B 287 5.22 -18.49 34.39
C GLU B 287 5.17 -18.19 32.88
N GLN B 288 4.03 -18.52 32.25
CA GLN B 288 3.85 -18.36 30.81
C GLN B 288 3.86 -16.91 30.48
N ILE B 289 3.29 -16.08 31.35
CA ILE B 289 3.27 -14.64 31.06
C ILE B 289 4.69 -14.13 31.05
N ASP B 290 5.49 -14.59 32.01
CA ASP B 290 6.86 -14.16 32.11
C ASP B 290 7.65 -14.57 30.87
N ALA B 291 7.47 -15.82 30.41
CA ALA B 291 8.19 -16.27 29.28
C ALA B 291 7.65 -15.55 28.06
N LEU B 292 6.35 -15.28 28.05
CA LEU B 292 5.77 -14.51 26.93
C LEU B 292 6.32 -13.09 26.90
N ALA B 293 6.38 -12.47 28.08
CA ALA B 293 6.94 -11.13 28.16
C ALA B 293 8.40 -11.08 27.61
N ALA B 294 9.26 -12.05 27.95
CA ALA B 294 10.61 -12.13 27.36
C ALA B 294 10.61 -12.11 25.80
N ASP B 295 9.82 -12.98 25.16
CA ASP B 295 9.67 -12.99 23.69
C ASP B 295 9.19 -11.68 23.09
N MET B 296 8.26 -11.04 23.77
CA MET B 296 7.66 -9.80 23.35
C MET B 296 8.69 -8.69 23.46
N ARG B 297 9.39 -8.59 24.62
CA ARG B 297 10.60 -7.71 24.63
C ARG B 297 11.61 -8.03 23.51
N ALA B 298 11.91 -9.32 23.27
CA ALA B 298 12.84 -9.71 22.21
C ALA B 298 12.35 -9.20 20.82
N ALA B 299 11.03 -9.23 20.65
CA ALA B 299 10.38 -8.79 19.40
C ALA B 299 10.14 -7.28 19.35
N SER B 300 10.58 -6.57 20.39
CA SER B 300 10.37 -5.14 20.52
C SER B 300 8.90 -4.72 20.50
N VAL B 301 8.01 -5.51 21.13
CA VAL B 301 6.59 -5.12 21.26
C VAL B 301 6.07 -4.97 22.70
N LEU B 302 6.99 -4.76 23.63
CA LEU B 302 6.70 -4.56 25.01
C LEU B 302 7.92 -3.90 25.66
N ARG B 303 7.65 -3.04 26.66
CA ARG B 303 8.63 -2.40 27.58
C ARG B 303 9.41 -1.27 26.87
N GLY C 8 35.21 -14.85 4.42
CA GLY C 8 35.63 -15.35 5.78
C GLY C 8 35.69 -16.86 5.65
N PHE C 9 34.68 -17.55 6.16
CA PHE C 9 34.25 -18.73 5.44
C PHE C 9 33.12 -18.27 4.54
N ASP C 10 33.42 -18.27 3.24
CA ASP C 10 32.46 -17.91 2.21
C ASP C 10 31.75 -19.18 1.72
N VAL C 11 30.61 -19.52 2.34
CA VAL C 11 29.96 -20.78 2.06
C VAL C 11 29.56 -20.84 0.61
N ALA C 12 29.04 -19.75 0.06
CA ALA C 12 28.60 -19.78 -1.33
C ALA C 12 29.78 -20.08 -2.26
N ALA C 13 30.91 -19.43 -2.03
CA ALA C 13 32.13 -19.69 -2.81
C ALA C 13 32.71 -21.08 -2.53
N ARG C 14 32.73 -21.48 -1.27
CA ARG C 14 33.41 -22.73 -0.88
C ARG C 14 32.61 -24.00 -1.15
N LEU C 15 31.30 -23.89 -1.11
CA LEU C 15 30.43 -25.03 -1.30
C LEU C 15 29.52 -24.92 -2.49
N GLY C 16 29.21 -23.69 -2.88
CA GLY C 16 28.36 -23.49 -4.04
C GLY C 16 26.98 -22.96 -3.71
N THR C 17 26.23 -22.69 -4.77
CA THR C 17 24.90 -22.15 -4.65
C THR C 17 23.91 -23.06 -5.30
N LEU C 18 24.29 -23.66 -6.44
CA LEU C 18 23.45 -24.66 -7.07
C LEU C 18 24.23 -25.96 -7.20
N LEU C 19 23.87 -26.95 -6.38
CA LEU C 19 24.53 -28.24 -6.46
C LEU C 19 23.54 -29.30 -6.83
N THR C 20 23.99 -30.29 -7.61
CA THR C 20 23.17 -31.48 -7.84
C THR C 20 23.56 -32.55 -6.84
N ALA C 21 22.54 -33.17 -6.25
CA ALA C 21 22.74 -34.34 -5.41
C ALA C 21 22.89 -35.48 -6.44
N MET C 22 24.12 -35.60 -6.96
CA MET C 22 24.37 -36.32 -8.21
C MET C 22 24.23 -37.84 -8.10
N VAL C 23 23.55 -38.43 -9.08
CA VAL C 23 23.55 -39.88 -9.24
C VAL C 23 24.95 -40.46 -9.40
N THR C 24 25.06 -41.75 -9.09
CA THR C 24 26.27 -42.46 -9.38
C THR C 24 25.94 -43.33 -10.59
N PRO C 25 26.51 -42.98 -11.75
CA PRO C 25 26.25 -43.80 -12.94
C PRO C 25 26.83 -45.18 -12.79
N PHE C 26 26.05 -46.17 -13.22
CA PHE C 26 26.51 -47.56 -13.27
C PHE C 26 26.52 -47.99 -14.74
N SER C 27 27.41 -48.89 -15.07
CA SER C 27 27.39 -49.54 -16.37
C SER C 27 26.27 -50.52 -16.54
N GLY C 28 26.25 -51.08 -17.75
CA GLY C 28 25.29 -52.08 -18.14
C GLY C 28 25.46 -53.20 -17.15
N ASP C 29 26.74 -53.53 -16.91
CA ASP C 29 27.15 -54.55 -15.94
C ASP C 29 26.91 -54.10 -14.53
N GLY C 30 26.39 -52.90 -14.33
CA GLY C 30 25.96 -52.47 -13.00
C GLY C 30 27.11 -51.98 -12.15
N SER C 31 28.31 -52.16 -12.68
CA SER C 31 29.50 -51.64 -12.04
C SER C 31 29.55 -50.08 -12.13
N LEU C 32 30.37 -49.48 -11.29
CA LEU C 32 30.68 -48.06 -11.36
C LEU C 32 31.12 -47.61 -12.77
N ASP C 33 30.55 -46.50 -13.22
CA ASP C 33 30.84 -46.00 -14.54
C ASP C 33 31.40 -44.58 -14.32
N THR C 34 32.70 -44.47 -14.12
CA THR C 34 33.33 -43.20 -13.78
C THR C 34 33.41 -42.30 -15.01
N ALA C 35 33.51 -42.87 -16.21
CA ALA C 35 33.59 -42.03 -17.41
C ALA C 35 32.26 -41.30 -17.58
N THR C 36 31.18 -42.00 -17.31
CA THR C 36 29.90 -41.34 -17.43
C THR C 36 29.74 -40.33 -16.30
N ALA C 37 30.21 -40.68 -15.12
CA ALA C 37 30.16 -39.75 -13.98
C ALA C 37 30.86 -38.42 -14.38
N ALA C 38 32.03 -38.52 -15.04
CA ALA C 38 32.78 -37.36 -15.52
C ALA C 38 31.96 -36.53 -16.49
N ARG C 39 31.31 -37.22 -17.41
CA ARG C 39 30.50 -36.57 -18.40
C ARG C 39 29.30 -35.87 -17.74
N LEU C 40 28.63 -36.58 -16.86
CA LEU C 40 27.50 -36.00 -16.13
C LEU C 40 27.91 -34.77 -15.33
N ALA C 41 29.03 -34.92 -14.61
CA ALA C 41 29.50 -33.85 -13.76
C ALA C 41 29.77 -32.64 -14.64
N ASN C 42 30.48 -32.84 -15.75
CA ASN C 42 30.73 -31.75 -16.70
C ASN C 42 29.43 -31.11 -17.19
N HIS C 43 28.47 -31.96 -17.54
CA HIS C 43 27.22 -31.48 -18.07
C HIS C 43 26.50 -30.61 -17.04
N LEU C 44 26.45 -31.11 -15.80
CA LEU C 44 25.72 -30.42 -14.75
C LEU C 44 26.35 -29.07 -14.41
N VAL C 45 27.66 -29.03 -14.39
CA VAL C 45 28.37 -27.78 -14.17
C VAL C 45 28.12 -26.84 -15.35
N ASP C 46 28.26 -27.35 -16.58
CA ASP C 46 27.98 -26.54 -17.78
C ASP C 46 26.56 -25.99 -17.77
N GLN C 47 25.61 -26.79 -17.30
CA GLN C 47 24.22 -26.33 -17.21
C GLN C 47 23.96 -25.30 -16.11
N GLY C 48 24.89 -25.13 -15.15
CA GLY C 48 24.83 -23.99 -14.23
C GLY C 48 25.10 -24.36 -12.77
N CYS C 49 25.26 -25.64 -12.49
CA CYS C 49 25.71 -26.05 -11.15
C CYS C 49 27.11 -25.51 -10.90
N ASP C 50 27.34 -24.95 -9.71
CA ASP C 50 28.68 -24.58 -9.32
C ASP C 50 29.25 -25.52 -8.23
N GLY C 51 28.52 -26.58 -7.92
CA GLY C 51 28.93 -27.59 -6.96
C GLY C 51 28.21 -28.87 -7.27
N LEU C 52 28.74 -29.97 -6.77
CA LEU C 52 28.07 -31.27 -6.90
C LEU C 52 28.24 -32.00 -5.57
N VAL C 53 27.19 -32.68 -5.12
CA VAL C 53 27.34 -33.60 -4.02
C VAL C 53 27.47 -34.98 -4.66
N VAL C 54 28.56 -35.67 -4.35
CA VAL C 54 28.76 -37.01 -4.86
C VAL C 54 28.59 -38.03 -3.76
N SER C 55 28.03 -39.19 -4.14
CA SER C 55 27.79 -40.29 -3.21
C SER C 55 26.90 -39.87 -2.02
N GLY C 56 25.88 -39.06 -2.28
CA GLY C 56 24.83 -38.84 -1.29
C GLY C 56 23.76 -39.91 -1.56
N THR C 57 22.57 -39.69 -1.00
CA THR C 57 21.46 -40.56 -1.09
C THR C 57 21.08 -40.78 -2.55
N THR C 58 21.00 -39.69 -3.31
CA THR C 58 20.63 -39.76 -4.72
C THR C 58 21.78 -40.39 -5.52
N GLY C 59 23.01 -40.25 -5.02
CA GLY C 59 24.18 -40.98 -5.56
C GLY C 59 24.21 -42.42 -5.13
N GLU C 60 23.11 -42.90 -4.52
CA GLU C 60 23.01 -44.30 -4.08
C GLU C 60 24.13 -44.76 -3.11
N SER C 61 24.45 -43.89 -2.16
CA SER C 61 25.43 -44.19 -1.14
C SER C 61 25.14 -45.52 -0.40
N PRO C 62 23.86 -45.89 -0.22
CA PRO C 62 23.63 -47.16 0.44
C PRO C 62 24.19 -48.37 -0.28
N THR C 63 24.25 -48.30 -1.61
CA THR C 63 24.53 -49.54 -2.35
C THR C 63 25.91 -49.52 -3.00
N THR C 64 26.67 -48.44 -2.80
CA THR C 64 28.05 -48.39 -3.34
C THR C 64 29.02 -48.67 -2.22
N THR C 65 30.17 -49.22 -2.58
CA THR C 65 31.21 -49.52 -1.60
C THR C 65 32.02 -48.25 -1.30
N ASP C 66 32.77 -48.23 -0.21
CA ASP C 66 33.74 -47.17 0.03
C ASP C 66 34.66 -46.94 -1.19
N GLY C 67 35.16 -48.03 -1.77
CA GLY C 67 36.04 -47.94 -2.91
C GLY C 67 35.37 -47.23 -4.05
N GLU C 68 34.11 -47.52 -4.28
CA GLU C 68 33.42 -46.95 -5.42
C GLU C 68 33.22 -45.48 -5.17
N LYS C 69 32.84 -45.15 -3.94
CA LYS C 69 32.67 -43.74 -3.56
C LYS C 69 33.96 -42.95 -3.79
N ILE C 70 35.10 -43.54 -3.44
CA ILE C 70 36.37 -42.85 -3.64
C ILE C 70 36.71 -42.74 -5.11
N GLU C 71 36.54 -43.82 -5.90
CA GLU C 71 36.73 -43.75 -7.35
C GLU C 71 35.84 -42.64 -7.97
N LEU C 72 34.57 -42.60 -7.57
CA LEU C 72 33.67 -41.57 -8.09
C LEU C 72 34.15 -40.14 -7.80
N LEU C 73 34.53 -39.91 -6.56
CA LEU C 73 34.95 -38.62 -6.09
C LEU C 73 36.20 -38.25 -6.87
N ARG C 74 37.12 -39.20 -6.96
CA ARG C 74 38.33 -38.93 -7.75
C ARG C 74 37.95 -38.46 -9.18
N ALA C 75 37.04 -39.18 -9.85
CA ALA C 75 36.73 -38.94 -11.25
C ALA C 75 36.03 -37.59 -11.38
N VAL C 76 35.15 -37.31 -10.43
CA VAL C 76 34.37 -36.06 -10.49
C VAL C 76 35.28 -34.83 -10.19
N LEU C 77 36.15 -34.95 -9.19
CA LEU C 77 37.15 -33.95 -8.95
C LEU C 77 38.04 -33.73 -10.18
N GLU C 78 38.46 -34.78 -10.85
CA GLU C 78 39.25 -34.58 -12.05
C GLU C 78 38.44 -33.86 -13.14
N ALA C 79 37.17 -34.17 -13.24
CA ALA C 79 36.36 -33.66 -14.32
C ALA C 79 36.03 -32.17 -14.07
N VAL C 80 35.69 -31.79 -12.86
CA VAL C 80 35.07 -30.49 -12.66
C VAL C 80 35.67 -29.75 -11.47
N GLY C 81 36.61 -30.39 -10.76
CA GLY C 81 37.20 -29.87 -9.51
C GLY C 81 37.78 -28.44 -9.60
N ASP C 82 38.31 -28.05 -10.76
CA ASP C 82 38.84 -26.71 -10.92
C ASP C 82 37.80 -25.64 -11.19
N ARG C 83 36.56 -26.03 -11.46
CA ARG C 83 35.55 -25.03 -11.73
C ARG C 83 34.22 -25.26 -10.99
N ALA C 84 34.18 -26.24 -10.07
CA ALA C 84 33.03 -26.44 -9.22
C ALA C 84 33.48 -27.04 -7.93
N ARG C 85 32.63 -26.92 -6.93
CA ARG C 85 32.94 -27.42 -5.61
C ARG C 85 32.43 -28.87 -5.49
N VAL C 86 33.28 -29.80 -5.06
CA VAL C 86 32.81 -31.19 -5.04
C VAL C 86 32.72 -31.60 -3.56
N ILE C 87 31.47 -31.83 -3.11
CA ILE C 87 31.15 -32.17 -1.72
C ILE C 87 30.89 -33.65 -1.71
N ALA C 88 31.58 -34.38 -0.82
CA ALA C 88 31.45 -35.83 -0.76
C ALA C 88 30.51 -36.22 0.38
N GLY C 89 29.53 -37.06 0.09
CA GLY C 89 28.68 -37.61 1.13
C GLY C 89 29.53 -38.56 1.97
N ALA C 90 29.56 -38.32 3.27
CA ALA C 90 30.48 -39.05 4.11
C ALA C 90 29.80 -39.56 5.38
N GLY C 91 28.54 -39.38 5.55
CA GLY C 91 28.07 -40.03 6.76
C GLY C 91 27.11 -41.17 6.55
N THR C 92 27.14 -42.10 7.51
CA THR C 92 26.27 -43.27 7.59
C THR C 92 25.76 -43.32 9.04
N TYR C 93 25.15 -44.43 9.43
CA TYR C 93 24.71 -44.58 10.81
C TYR C 93 25.83 -45.20 11.71
N ASP C 94 27.06 -45.15 11.20
CA ASP C 94 28.19 -45.77 11.92
C ASP C 94 29.24 -44.69 12.08
N THR C 95 29.46 -44.23 13.30
CA THR C 95 30.35 -43.12 13.49
C THR C 95 31.76 -43.48 13.04
N ALA C 96 32.25 -44.67 13.44
CA ALA C 96 33.59 -45.07 13.03
C ALA C 96 33.68 -45.07 11.49
N HIS C 97 32.68 -45.63 10.86
CA HIS C 97 32.71 -45.72 9.40
C HIS C 97 32.70 -44.33 8.75
N SER C 98 31.86 -43.43 9.26
CA SER C 98 31.75 -42.05 8.76
C SER C 98 33.08 -41.31 8.83
N ILE C 99 33.80 -41.49 9.94
CA ILE C 99 35.13 -40.86 10.14
C ILE C 99 36.12 -41.43 9.10
N ARG C 100 36.17 -42.76 8.92
CA ARG C 100 36.99 -43.36 7.83
C ARG C 100 36.71 -42.77 6.44
N LEU C 101 35.41 -42.67 6.13
CA LEU C 101 34.96 -42.21 4.83
C LEU C 101 35.31 -40.71 4.67
N ALA C 102 35.04 -39.94 5.72
CA ALA C 102 35.38 -38.54 5.76
C ALA C 102 36.89 -38.38 5.51
N LYS C 103 37.72 -39.13 6.22
CA LYS C 103 39.14 -38.95 6.05
C LYS C 103 39.54 -39.33 4.64
N ALA C 104 38.95 -40.42 4.12
CA ALA C 104 39.23 -40.86 2.77
C ALA C 104 38.77 -39.82 1.75
N CYS C 105 37.64 -39.14 2.00
CA CYS C 105 37.19 -38.12 1.06
C CYS C 105 38.15 -36.93 1.05
N ALA C 106 38.62 -36.52 2.23
CA ALA C 106 39.54 -35.43 2.40
C ALA C 106 40.84 -35.76 1.71
N ALA C 107 41.30 -37.00 1.86
CA ALA C 107 42.56 -37.44 1.26
C ALA C 107 42.47 -37.37 -0.26
N GLU C 108 41.29 -37.63 -0.81
CA GLU C 108 41.08 -37.49 -2.26
C GLU C 108 41.04 -36.05 -2.74
N GLY C 109 40.75 -35.10 -1.87
CA GLY C 109 40.66 -33.71 -2.30
C GLY C 109 39.24 -33.18 -2.36
N ALA C 110 38.28 -33.86 -1.72
CA ALA C 110 36.91 -33.36 -1.67
C ALA C 110 36.91 -31.93 -1.14
N HIS C 111 36.00 -31.08 -1.60
CA HIS C 111 35.99 -29.71 -1.13
C HIS C 111 35.18 -29.49 0.17
N GLY C 112 34.43 -30.50 0.57
CA GLY C 112 33.49 -30.37 1.67
C GLY C 112 32.81 -31.71 1.85
N LEU C 113 32.06 -31.85 2.94
CA LEU C 113 31.41 -33.10 3.28
C LEU C 113 29.99 -32.83 3.60
N LEU C 114 29.16 -33.81 3.24
CA LEU C 114 27.78 -33.75 3.56
C LEU C 114 27.55 -34.95 4.44
N VAL C 115 27.00 -34.72 5.62
CA VAL C 115 26.91 -35.76 6.62
C VAL C 115 25.47 -35.84 7.10
N VAL C 116 24.81 -36.92 6.74
CA VAL C 116 23.42 -37.10 7.04
C VAL C 116 23.28 -37.58 8.47
N THR C 117 22.17 -37.19 9.07
CA THR C 117 21.79 -37.80 10.35
C THR C 117 21.86 -39.35 10.34
N PRO C 118 22.62 -39.96 11.25
CA PRO C 118 22.53 -41.40 11.33
C PRO C 118 21.10 -41.87 11.27
N TYR C 119 20.82 -42.79 10.33
CA TYR C 119 19.48 -43.27 10.06
C TYR C 119 19.24 -44.59 10.78
N TYR C 120 17.99 -44.97 10.86
CA TYR C 120 17.55 -46.29 11.25
C TYR C 120 17.64 -46.63 12.75
N SER C 121 18.80 -46.37 13.34
CA SER C 121 19.11 -46.78 14.67
C SER C 121 18.61 -45.78 15.75
N LYS C 122 18.20 -44.59 15.30
CA LYS C 122 17.58 -43.60 16.21
C LYS C 122 18.43 -43.33 17.43
N PRO C 123 19.66 -42.86 17.20
CA PRO C 123 20.40 -42.49 18.37
C PRO C 123 19.72 -41.28 19.05
N PRO C 124 19.99 -41.08 20.36
CA PRO C 124 19.46 -39.89 21.00
C PRO C 124 20.24 -38.63 20.54
N GLN C 125 19.69 -37.44 20.81
CA GLN C 125 20.33 -36.23 20.34
C GLN C 125 21.78 -36.13 20.77
N ARG C 126 22.11 -36.51 22.01
CA ARG C 126 23.50 -36.45 22.42
C ARG C 126 24.39 -37.43 21.64
N GLY C 127 23.81 -38.49 21.10
CA GLY C 127 24.57 -39.43 20.25
C GLY C 127 24.78 -38.82 18.86
N LEU C 128 23.76 -38.14 18.37
CA LEU C 128 23.89 -37.44 17.08
C LEU C 128 24.98 -36.38 17.23
N GLN C 129 24.92 -35.66 18.35
CA GLN C 129 25.83 -34.57 18.57
C GLN C 129 27.26 -35.08 18.69
N ALA C 130 27.48 -36.14 19.46
CA ALA C 130 28.81 -36.77 19.54
C ALA C 130 29.26 -37.36 18.16
N HIS C 131 28.30 -37.92 17.42
CA HIS C 131 28.59 -38.42 16.08
C HIS C 131 29.07 -37.28 15.13
N PHE C 132 28.29 -36.21 15.04
CA PHE C 132 28.62 -35.12 14.11
C PHE C 132 29.92 -34.42 14.47
N THR C 133 30.21 -34.21 15.77
CA THR C 133 31.48 -33.59 16.14
C THR C 133 32.69 -34.51 15.88
N ALA C 134 32.54 -35.82 16.14
CA ALA C 134 33.57 -36.77 15.82
C ALA C 134 33.90 -36.74 14.32
N VAL C 135 32.88 -36.78 13.47
CA VAL C 135 33.11 -36.62 12.03
C VAL C 135 33.73 -35.24 11.71
N ALA C 136 33.17 -34.17 12.31
CA ALA C 136 33.70 -32.83 12.07
C ALA C 136 35.16 -32.71 12.53
N ASP C 137 35.55 -33.46 13.57
CA ASP C 137 36.91 -33.44 14.06
C ASP C 137 37.84 -34.25 13.18
N ALA C 138 37.30 -35.08 12.27
CA ALA C 138 38.13 -36.06 11.56
C ALA C 138 38.96 -35.44 10.43
N THR C 139 38.46 -34.37 9.84
CA THR C 139 39.19 -33.69 8.78
C THR C 139 39.08 -32.17 8.98
N GLU C 140 39.78 -31.44 8.12
CA GLU C 140 39.73 -30.02 8.14
C GLU C 140 38.71 -29.42 7.13
N LEU C 141 37.87 -30.28 6.57
CA LEU C 141 36.94 -29.88 5.53
C LEU C 141 35.69 -29.22 6.09
N PRO C 142 35.16 -28.27 5.31
CA PRO C 142 33.85 -27.76 5.74
C PRO C 142 32.83 -28.86 5.65
N MET C 143 31.85 -28.84 6.53
CA MET C 143 30.90 -29.92 6.61
C MET C 143 29.47 -29.38 6.71
N LEU C 144 28.59 -29.96 5.92
CA LEU C 144 27.17 -29.71 6.03
C LEU C 144 26.47 -30.81 6.79
N LEU C 145 25.62 -30.43 7.75
CA LEU C 145 24.68 -31.43 8.32
C LEU C 145 23.53 -31.64 7.30
N TYR C 146 23.02 -32.87 7.19
CA TYR C 146 21.90 -33.12 6.36
C TYR C 146 20.79 -33.58 7.27
N ASP C 147 19.85 -32.67 7.52
CA ASP C 147 18.73 -32.93 8.40
C ASP C 147 17.59 -33.42 7.53
N ILE C 148 17.34 -34.74 7.58
CA ILE C 148 16.26 -35.36 6.86
C ILE C 148 15.55 -36.45 7.70
N PRO C 149 14.74 -36.04 8.68
CA PRO C 149 14.12 -37.03 9.57
C PRO C 149 13.19 -37.96 8.81
N GLY C 150 12.66 -37.50 7.68
CA GLY C 150 11.75 -38.34 6.89
C GLY C 150 12.47 -39.60 6.32
N ARG C 151 13.81 -39.60 6.22
CA ARG C 151 14.58 -40.80 5.84
C ARG C 151 15.31 -41.41 7.03
N SER C 152 15.89 -40.56 7.87
CA SER C 152 16.71 -41.03 8.96
C SER C 152 15.93 -41.46 10.22
N ALA C 153 14.69 -40.99 10.35
CA ALA C 153 13.78 -41.39 11.45
C ALA C 153 14.05 -40.63 12.71
N VAL C 154 15.07 -39.74 12.71
CA VAL C 154 15.21 -38.77 13.79
C VAL C 154 15.61 -37.45 13.16
N PRO C 155 15.09 -36.34 13.70
CA PRO C 155 15.55 -35.00 13.30
C PRO C 155 16.88 -34.65 14.02
N ILE C 156 17.67 -33.75 13.45
CA ILE C 156 18.64 -33.04 14.29
C ILE C 156 17.83 -31.94 14.94
N GLU C 157 17.57 -32.05 16.24
CA GLU C 157 16.74 -31.06 16.93
C GLU C 157 17.43 -29.70 16.94
N PRO C 158 16.65 -28.60 16.94
CA PRO C 158 17.25 -27.25 16.87
C PRO C 158 18.34 -26.97 17.87
N ASP C 159 18.23 -27.51 19.08
CA ASP C 159 19.28 -27.30 20.12
C ASP C 159 20.58 -28.03 19.77
N THR C 160 20.39 -29.18 19.12
CA THR C 160 21.52 -29.96 18.63
C THR C 160 22.22 -29.22 17.50
N ILE C 161 21.42 -28.78 16.53
CA ILE C 161 21.96 -28.01 15.40
C ILE C 161 22.71 -26.82 15.97
N ARG C 162 22.09 -26.07 16.90
CA ARG C 162 22.74 -24.89 17.49
C ARG C 162 24.03 -25.19 18.23
N ALA C 163 24.07 -26.30 18.98
CA ALA C 163 25.27 -26.73 19.65
C ALA C 163 26.35 -27.10 18.65
N LEU C 164 25.95 -27.72 17.57
CA LEU C 164 26.89 -28.16 16.55
C LEU C 164 27.43 -27.04 15.74
N ALA C 165 26.66 -25.95 15.65
CA ALA C 165 27.02 -24.76 14.85
C ALA C 165 28.36 -24.18 15.32
N SER C 166 28.69 -24.37 16.61
CA SER C 166 29.87 -23.73 17.13
C SER C 166 31.14 -24.53 16.75
N HIS C 167 30.96 -25.74 16.22
CA HIS C 167 32.08 -26.44 15.63
C HIS C 167 32.60 -25.69 14.41
N PRO C 168 33.92 -25.42 14.40
CA PRO C 168 34.49 -24.62 13.31
C PRO C 168 34.26 -25.25 11.94
N ASN C 169 34.21 -26.57 11.90
CA ASN C 169 34.12 -27.24 10.60
C ASN C 169 32.68 -27.42 10.09
N ILE C 170 31.70 -27.25 10.99
CA ILE C 170 30.30 -27.44 10.64
C ILE C 170 29.72 -26.09 10.22
N VAL C 171 29.42 -25.97 8.93
CA VAL C 171 29.27 -24.61 8.35
C VAL C 171 27.85 -24.40 7.88
N GLY C 172 27.09 -25.47 7.80
CA GLY C 172 25.73 -25.31 7.38
C GLY C 172 24.91 -26.56 7.41
N VAL C 173 23.72 -26.42 6.86
CA VAL C 173 22.70 -27.47 6.93
C VAL C 173 22.05 -27.61 5.55
N LYS C 174 22.06 -28.84 5.03
CA LYS C 174 21.20 -29.22 3.96
C LYS C 174 19.89 -29.69 4.59
N ASP C 175 18.81 -28.97 4.30
CA ASP C 175 17.59 -29.22 5.04
C ASP C 175 16.56 -29.92 4.19
N ALA C 176 16.08 -31.06 4.68
CA ALA C 176 14.86 -31.63 4.13
C ALA C 176 13.79 -31.69 5.21
N LYS C 177 14.03 -31.10 6.40
CA LYS C 177 13.03 -31.16 7.50
C LYS C 177 11.88 -30.21 7.29
N ALA C 178 12.12 -29.16 6.51
CA ALA C 178 11.07 -28.19 6.15
C ALA C 178 10.63 -27.31 7.35
N ASP C 179 11.40 -27.27 8.43
CA ASP C 179 11.04 -26.35 9.50
C ASP C 179 11.65 -24.99 9.19
N LEU C 180 11.00 -24.28 8.28
CA LEU C 180 11.59 -23.07 7.71
C LEU C 180 11.73 -21.98 8.74
N HIS C 181 10.72 -21.88 9.62
CA HIS C 181 10.74 -21.01 10.76
C HIS C 181 11.92 -21.32 11.67
N SER C 182 12.13 -22.60 11.98
CA SER C 182 13.25 -22.92 12.87
C SER C 182 14.62 -22.67 12.20
N GLY C 183 14.78 -23.15 10.98
CA GLY C 183 15.99 -22.92 10.18
C GLY C 183 16.30 -21.44 9.99
N ALA C 184 15.27 -20.61 9.80
CA ALA C 184 15.51 -19.19 9.67
C ALA C 184 16.13 -18.66 10.93
N GLN C 185 15.60 -19.06 12.09
CA GLN C 185 16.16 -18.56 13.37
C GLN C 185 17.58 -19.08 13.58
N ILE C 186 17.76 -20.35 13.31
CA ILE C 186 19.09 -20.94 13.42
C ILE C 186 20.14 -20.18 12.58
N MET C 187 19.80 -19.92 11.32
CA MET C 187 20.61 -19.08 10.51
C MET C 187 20.91 -17.72 11.11
N ALA C 188 19.87 -17.06 11.66
CA ALA C 188 20.04 -15.72 12.18
C ALA C 188 20.96 -15.78 13.40
N ASP C 189 20.79 -16.83 14.21
CA ASP C 189 21.49 -16.92 15.46
C ASP C 189 22.90 -17.43 15.32
N THR C 190 23.16 -18.31 14.35
CA THR C 190 24.42 -19.04 14.33
C THR C 190 25.24 -18.72 13.12
N GLY C 191 24.63 -18.15 12.10
CA GLY C 191 25.35 -17.95 10.89
C GLY C 191 25.53 -19.21 10.05
N LEU C 192 24.98 -20.35 10.50
CA LEU C 192 25.00 -21.54 9.64
C LEU C 192 24.33 -21.23 8.31
N ALA C 193 24.92 -21.73 7.22
CA ALA C 193 24.36 -21.58 5.90
C ALA C 193 23.32 -22.70 5.70
N TYR C 194 22.20 -22.42 5.03
CA TYR C 194 21.25 -23.46 4.75
C TYR C 194 21.18 -23.64 3.24
N TYR C 195 21.05 -24.91 2.86
CA TYR C 195 20.75 -25.29 1.48
C TYR C 195 19.41 -25.97 1.49
N SER C 196 18.58 -25.60 0.53
CA SER C 196 17.39 -26.36 0.33
C SER C 196 17.77 -27.78 -0.05
N GLY C 197 17.33 -28.75 0.77
CA GLY C 197 17.53 -30.16 0.37
C GLY C 197 16.25 -30.79 -0.14
N ASP C 198 15.26 -29.96 -0.47
CA ASP C 198 14.05 -30.51 -0.99
C ASP C 198 13.59 -29.56 -2.04
N ASP C 199 13.59 -30.05 -3.27
CA ASP C 199 13.28 -29.13 -4.38
C ASP C 199 11.92 -28.42 -4.20
N ALA C 200 10.96 -29.10 -3.57
CA ALA C 200 9.64 -28.49 -3.31
C ALA C 200 9.82 -27.16 -2.56
N LEU C 201 10.83 -27.06 -1.70
CA LEU C 201 11.00 -25.89 -0.85
C LEU C 201 12.13 -24.94 -1.27
N ASN C 202 12.68 -25.15 -2.47
CA ASN C 202 13.73 -24.28 -2.99
C ASN C 202 13.41 -22.80 -2.83
N LEU C 203 12.27 -22.38 -3.39
CA LEU C 203 11.91 -20.98 -3.30
C LEU C 203 11.60 -20.48 -1.84
N PRO C 204 10.73 -21.19 -1.08
CA PRO C 204 10.59 -20.83 0.32
C PRO C 204 11.95 -20.68 1.04
N TRP C 205 12.87 -21.62 0.85
CA TRP C 205 14.16 -21.60 1.55
C TRP C 205 14.97 -20.37 1.17
N LEU C 206 14.98 -19.99 -0.09
CA LEU C 206 15.65 -18.77 -0.52
C LEU C 206 15.07 -17.55 0.18
N ALA C 207 13.74 -17.47 0.29
CA ALA C 207 13.10 -16.40 1.01
C ALA C 207 13.63 -16.33 2.45
N MET C 208 13.86 -17.48 3.07
CA MET C 208 14.30 -17.58 4.47
C MET C 208 15.82 -17.40 4.55
N GLY C 209 16.48 -17.21 3.40
CA GLY C 209 17.90 -16.85 3.43
C GLY C 209 18.79 -18.04 3.15
N ALA C 210 18.25 -19.13 2.63
CA ALA C 210 19.11 -20.22 2.19
C ALA C 210 20.17 -19.75 1.19
N THR C 211 21.32 -20.39 1.20
CA THR C 211 22.44 -20.02 0.35
C THR C 211 22.18 -20.54 -1.07
N GLY C 212 21.44 -21.64 -1.17
CA GLY C 212 21.21 -22.22 -2.46
C GLY C 212 20.57 -23.55 -2.30
N PHE C 213 20.75 -24.41 -3.31
CA PHE C 213 20.07 -25.65 -3.41
C PHE C 213 21.04 -26.78 -3.52
N ILE C 214 20.72 -27.90 -2.86
CA ILE C 214 21.40 -29.14 -3.19
C ILE C 214 20.24 -29.98 -3.72
N SER C 215 20.18 -30.07 -5.04
CA SER C 215 18.98 -30.35 -5.73
C SER C 215 19.04 -31.73 -6.42
N VAL C 216 17.91 -32.40 -6.47
CA VAL C 216 17.77 -33.62 -7.26
C VAL C 216 17.26 -33.25 -8.69
N ILE C 217 16.28 -32.35 -8.77
CA ILE C 217 15.74 -32.01 -10.10
C ILE C 217 16.73 -31.21 -10.96
N ALA C 218 17.77 -30.73 -10.32
CA ALA C 218 18.91 -30.10 -11.06
C ALA C 218 19.50 -31.05 -12.10
N HIS C 219 19.43 -32.38 -11.87
CA HIS C 219 19.87 -33.35 -12.88
C HIS C 219 19.27 -32.99 -14.26
N LEU C 220 18.04 -32.52 -14.25
CA LEU C 220 17.24 -32.36 -15.45
C LEU C 220 17.05 -30.90 -15.79
N ALA C 221 17.07 -30.03 -14.79
CA ALA C 221 16.65 -28.65 -14.99
C ALA C 221 17.60 -27.68 -14.34
N ALA C 222 18.89 -28.01 -14.33
CA ALA C 222 19.86 -27.16 -13.65
C ALA C 222 19.85 -25.70 -14.18
N GLY C 223 19.74 -25.53 -15.51
CA GLY C 223 19.73 -24.20 -16.12
C GLY C 223 18.61 -23.33 -15.56
N GLN C 224 17.43 -23.92 -15.44
CA GLN C 224 16.28 -23.20 -14.85
C GLN C 224 16.47 -22.91 -13.37
N LEU C 225 17.04 -23.87 -12.64
CA LEU C 225 17.32 -23.62 -11.25
C LEU C 225 18.34 -22.51 -11.08
N ARG C 226 19.35 -22.49 -11.94
CA ARG C 226 20.33 -21.41 -11.92
C ARG C 226 19.55 -20.09 -12.16
N GLU C 227 18.70 -20.03 -13.18
CA GLU C 227 17.94 -18.83 -13.46
C GLU C 227 17.05 -18.44 -12.24
N LEU C 228 16.50 -19.43 -11.56
CA LEU C 228 15.64 -19.20 -10.44
C LEU C 228 16.54 -18.47 -9.42
N LEU C 229 17.72 -19.01 -9.15
CA LEU C 229 18.63 -18.35 -8.19
C LEU C 229 19.00 -16.95 -8.66
N SER C 230 19.30 -16.78 -9.93
CA SER C 230 19.69 -15.45 -10.36
C SER C 230 18.54 -14.49 -10.20
N ALA C 231 17.33 -14.91 -10.56
CA ALA C 231 16.17 -14.00 -10.48
C ALA C 231 15.90 -13.65 -9.01
N PHE C 232 15.85 -14.65 -8.13
CA PHE C 232 15.61 -14.35 -6.73
C PHE C 232 16.66 -13.37 -6.24
N GLY C 233 17.93 -13.71 -6.51
CA GLY C 233 19.09 -12.94 -6.09
C GLY C 233 19.02 -11.48 -6.51
N SER C 234 18.54 -11.20 -7.71
CA SER C 234 18.43 -9.83 -8.16
C SER C 234 17.09 -9.18 -7.77
N GLY C 235 16.36 -9.83 -6.86
CA GLY C 235 15.07 -9.32 -6.39
C GLY C 235 13.97 -9.44 -7.42
N ASP C 236 14.17 -10.26 -8.45
CA ASP C 236 13.06 -10.49 -9.36
C ASP C 236 12.28 -11.73 -8.92
N ILE C 237 11.45 -11.57 -7.90
CA ILE C 237 10.73 -12.67 -7.32
C ILE C 237 9.62 -13.18 -8.24
N ALA C 238 9.02 -12.29 -9.03
CA ALA C 238 8.02 -12.74 -9.96
C ALA C 238 8.59 -13.81 -10.91
N THR C 239 9.78 -13.55 -11.43
CA THR C 239 10.43 -14.48 -12.35
C THR C 239 10.81 -15.78 -11.65
N ALA C 240 11.42 -15.63 -10.47
CA ALA C 240 11.76 -16.75 -9.61
C ALA C 240 10.58 -17.69 -9.40
N ARG C 241 9.44 -17.09 -9.06
CA ARG C 241 8.19 -17.78 -8.85
C ARG C 241 7.74 -18.51 -10.09
N LYS C 242 7.87 -17.83 -11.22
CA LYS C 242 7.47 -18.39 -12.54
C LYS C 242 8.33 -19.59 -12.93
N ILE C 243 9.64 -19.49 -12.67
CA ILE C 243 10.53 -20.62 -12.93
C ILE C 243 10.26 -21.75 -11.94
N ASN C 244 9.98 -21.41 -10.68
CA ASN C 244 9.66 -22.46 -9.73
C ASN C 244 8.40 -23.24 -10.17
N ILE C 245 7.41 -22.52 -10.65
CA ILE C 245 6.22 -23.14 -11.25
C ILE C 245 6.58 -23.98 -12.50
N ALA C 246 7.43 -23.42 -13.36
CA ALA C 246 7.83 -24.16 -14.56
C ALA C 246 8.49 -25.52 -14.30
N VAL C 247 9.31 -25.63 -13.25
CA VAL C 247 9.94 -26.92 -12.91
C VAL C 247 9.09 -27.82 -12.01
N ALA C 248 7.94 -27.31 -11.53
CA ALA C 248 7.14 -28.00 -10.54
C ALA C 248 6.78 -29.44 -10.96
N PRO C 249 6.48 -29.66 -12.27
CA PRO C 249 6.21 -31.06 -12.72
C PRO C 249 7.33 -32.03 -12.42
N LEU C 250 8.58 -31.58 -12.43
CA LEU C 250 9.70 -32.48 -12.06
C LEU C 250 9.65 -32.89 -10.60
N CYS C 251 9.33 -31.92 -9.76
CA CYS C 251 9.16 -32.17 -8.32
C CYS C 251 7.97 -33.12 -8.13
N ASN C 252 6.87 -32.91 -8.88
CA ASN C 252 5.78 -33.86 -8.85
C ASN C 252 6.24 -35.25 -9.28
N ALA C 253 7.04 -35.36 -10.33
CA ALA C 253 7.48 -36.65 -10.81
C ALA C 253 8.33 -37.29 -9.70
N MET C 254 9.11 -36.46 -9.02
CA MET C 254 9.93 -36.94 -7.91
C MET C 254 9.15 -37.58 -6.77
N SER C 255 8.01 -37.00 -6.42
CA SER C 255 7.11 -37.62 -5.48
C SER C 255 6.66 -39.01 -5.94
N ARG C 256 6.46 -39.19 -7.22
CA ARG C 256 6.00 -40.49 -7.68
C ARG C 256 7.16 -41.51 -7.63
N LEU C 257 8.37 -41.07 -8.00
CA LEU C 257 9.42 -42.03 -8.34
C LEU C 257 10.50 -42.12 -7.28
N GLY C 258 10.66 -41.04 -6.47
CA GLY C 258 11.87 -40.82 -5.69
C GLY C 258 13.01 -40.33 -6.59
N GLY C 259 14.03 -39.70 -5.98
CA GLY C 259 15.13 -39.01 -6.71
C GLY C 259 16.05 -39.92 -7.56
N VAL C 260 16.38 -41.07 -7.01
CA VAL C 260 17.20 -42.05 -7.71
C VAL C 260 16.55 -42.52 -9.03
N THR C 261 15.34 -43.07 -8.91
CA THR C 261 14.61 -43.53 -10.09
C THR C 261 14.39 -42.39 -11.05
N LEU C 262 13.99 -41.25 -10.51
CA LEU C 262 13.69 -40.12 -11.40
C LEU C 262 14.91 -39.62 -12.11
N SER C 263 15.99 -39.44 -11.36
CA SER C 263 17.22 -38.86 -11.94
C SER C 263 17.79 -39.78 -13.04
N LYS C 264 17.87 -41.07 -12.78
CA LYS C 264 18.46 -41.95 -13.81
C LYS C 264 17.55 -42.11 -14.99
N ALA C 265 16.22 -42.13 -14.76
CA ALA C 265 15.30 -42.29 -15.92
C ALA C 265 15.26 -41.01 -16.74
N GLY C 266 15.32 -39.88 -16.05
CA GLY C 266 15.17 -38.57 -16.68
C GLY C 266 16.40 -38.22 -17.47
N LEU C 267 17.57 -38.48 -16.89
CA LEU C 267 18.81 -38.32 -17.65
C LEU C 267 18.82 -39.15 -18.93
N ARG C 268 18.38 -40.40 -18.81
CA ARG C 268 18.32 -41.27 -19.96
C ARG C 268 17.41 -40.68 -21.01
N LEU C 269 16.27 -40.18 -20.60
CA LEU C 269 15.32 -39.57 -21.52
C LEU C 269 15.97 -38.37 -22.22
N GLN C 270 16.86 -37.67 -21.52
CA GLN C 270 17.56 -36.51 -22.09
C GLN C 270 18.78 -36.93 -22.94
N GLY C 271 19.02 -38.23 -23.09
CA GLY C 271 20.11 -38.73 -23.92
C GLY C 271 21.40 -38.86 -23.13
N ILE C 272 21.31 -38.84 -21.80
CA ILE C 272 22.49 -39.08 -20.97
C ILE C 272 22.26 -40.34 -20.11
N ASP C 273 22.59 -41.49 -20.67
CA ASP C 273 22.38 -42.73 -20.00
C ASP C 273 23.32 -42.84 -18.83
N VAL C 274 22.77 -43.11 -17.67
CA VAL C 274 23.60 -43.21 -16.49
C VAL C 274 23.31 -44.55 -15.84
N GLY C 275 22.78 -45.47 -16.63
CA GLY C 275 22.43 -46.81 -16.15
C GLY C 275 21.28 -46.75 -15.17
N ASP C 276 21.17 -47.81 -14.37
CA ASP C 276 19.98 -48.10 -13.61
C ASP C 276 20.37 -48.16 -12.16
N PRO C 277 19.39 -48.00 -11.26
CA PRO C 277 19.68 -48.10 -9.84
C PRO C 277 20.00 -49.52 -9.38
N ARG C 278 20.72 -49.62 -8.27
CA ARG C 278 21.00 -50.88 -7.62
C ARG C 278 19.89 -51.19 -6.60
N LEU C 279 19.49 -52.46 -6.57
CA LEU C 279 18.55 -52.93 -5.57
C LEU C 279 19.00 -52.55 -4.17
N PRO C 280 18.05 -52.15 -3.30
CA PRO C 280 16.57 -52.17 -3.44
C PRO C 280 15.92 -51.05 -4.29
N GLN C 281 16.73 -50.14 -4.83
CA GLN C 281 16.19 -49.16 -5.77
C GLN C 281 15.97 -49.84 -7.10
N VAL C 282 15.07 -49.27 -7.91
CA VAL C 282 14.64 -49.89 -9.13
C VAL C 282 14.52 -48.84 -10.24
N ALA C 283 14.73 -49.28 -11.48
CA ALA C 283 14.59 -48.45 -12.65
C ALA C 283 13.10 -48.20 -12.89
N ALA C 284 12.80 -47.02 -13.42
CA ALA C 284 11.43 -46.69 -13.85
C ALA C 284 10.87 -47.75 -14.78
N THR C 285 9.59 -48.08 -14.55
CA THR C 285 8.86 -48.91 -15.46
C THR C 285 8.48 -48.12 -16.67
N PRO C 286 8.02 -48.84 -17.70
CA PRO C 286 7.55 -48.19 -18.93
C PRO C 286 6.58 -47.05 -18.69
N GLU C 287 5.48 -47.34 -18.00
CA GLU C 287 4.50 -46.34 -17.66
C GLU C 287 5.16 -45.20 -16.87
N GLN C 288 6.05 -45.50 -15.93
CA GLN C 288 6.74 -44.43 -15.20
C GLN C 288 7.58 -43.49 -16.09
N ILE C 289 8.26 -44.09 -17.06
CA ILE C 289 9.06 -43.35 -17.98
C ILE C 289 8.13 -42.43 -18.78
N ASP C 290 7.02 -42.99 -19.23
CA ASP C 290 5.97 -42.21 -19.86
C ASP C 290 5.54 -40.97 -19.11
N ALA C 291 5.10 -41.18 -17.87
CA ALA C 291 4.60 -40.12 -17.03
C ALA C 291 5.71 -39.13 -16.74
N LEU C 292 6.91 -39.64 -16.48
CA LEU C 292 8.08 -38.77 -16.29
C LEU C 292 8.35 -37.89 -17.53
N ALA C 293 8.27 -38.51 -18.69
CA ALA C 293 8.51 -37.77 -19.95
C ALA C 293 7.49 -36.63 -20.13
N ALA C 294 6.24 -36.85 -19.72
CA ALA C 294 5.22 -35.83 -19.84
C ALA C 294 5.53 -34.64 -18.91
N ASP C 295 6.02 -34.92 -17.70
CA ASP C 295 6.40 -33.88 -16.75
C ASP C 295 7.63 -33.12 -17.22
N MET C 296 8.62 -33.86 -17.70
CA MET C 296 9.80 -33.23 -18.26
C MET C 296 9.44 -32.33 -19.48
N ARG C 297 8.54 -32.82 -20.32
CA ARG C 297 8.01 -31.95 -21.38
C ARG C 297 7.38 -30.68 -20.79
N ALA C 298 6.58 -30.87 -19.74
CA ALA C 298 5.84 -29.75 -19.15
C ALA C 298 6.82 -28.73 -18.58
N ALA C 299 8.00 -29.20 -18.14
CA ALA C 299 9.04 -28.37 -17.53
C ALA C 299 10.06 -27.96 -18.56
N SER C 300 9.76 -28.16 -19.85
CA SER C 300 10.64 -27.83 -20.98
C SER C 300 12.06 -28.34 -20.82
N VAL C 301 12.20 -29.56 -20.29
CA VAL C 301 13.52 -30.19 -20.25
C VAL C 301 13.63 -31.47 -21.12
N LEU C 302 12.63 -31.63 -21.98
CA LEU C 302 12.55 -32.74 -22.92
C LEU C 302 11.66 -32.27 -24.05
N ARG C 303 12.10 -32.48 -25.30
CA ARG C 303 11.27 -32.20 -26.47
C ARG C 303 10.19 -33.26 -26.64
N PHE D 9 6.43 -76.89 8.09
CA PHE D 9 7.33 -75.96 8.85
C PHE D 9 6.74 -75.45 10.18
N ASP D 10 7.30 -75.96 11.24
CA ASP D 10 6.91 -75.53 12.57
C ASP D 10 7.62 -74.25 13.03
N VAL D 11 7.02 -73.07 12.86
CA VAL D 11 7.72 -71.79 13.13
C VAL D 11 8.15 -71.68 14.61
N ALA D 12 7.24 -72.04 15.51
CA ALA D 12 7.56 -72.05 16.94
C ALA D 12 8.79 -72.93 17.26
N ALA D 13 8.84 -74.09 16.65
CA ALA D 13 9.97 -74.99 16.91
C ALA D 13 11.23 -74.51 16.20
N ARG D 14 11.09 -73.99 14.98
CA ARG D 14 12.24 -73.72 14.14
C ARG D 14 12.87 -72.39 14.47
N LEU D 15 12.06 -71.46 14.98
CA LEU D 15 12.53 -70.08 15.25
C LEU D 15 12.38 -69.72 16.69
N GLY D 16 11.45 -70.35 17.39
CA GLY D 16 11.27 -70.05 18.80
C GLY D 16 9.98 -69.34 19.12
N THR D 17 9.74 -69.20 20.42
CA THR D 17 8.58 -68.42 20.93
C THR D 17 9.00 -67.17 21.70
N LEU D 18 10.12 -67.26 22.44
CA LEU D 18 10.64 -66.15 23.14
C LEU D 18 12.08 -65.97 22.73
N LEU D 19 12.33 -64.89 21.99
CA LEU D 19 13.68 -64.58 21.52
C LEU D 19 14.03 -63.20 22.06
N THR D 20 15.30 -63.03 22.39
CA THR D 20 15.84 -61.72 22.67
C THR D 20 16.50 -61.18 21.43
N ALA D 21 16.18 -59.93 21.12
CA ALA D 21 16.91 -59.16 20.12
C ALA D 21 18.27 -58.80 20.76
N MET D 22 19.22 -59.70 20.67
CA MET D 22 20.32 -59.65 21.66
C MET D 22 21.34 -58.55 21.35
N VAL D 23 21.87 -57.92 22.39
CA VAL D 23 22.92 -56.96 22.23
C VAL D 23 24.17 -57.68 21.81
N THR D 24 25.08 -56.92 21.20
CA THR D 24 26.37 -57.44 20.90
C THR D 24 27.28 -56.82 21.93
N PRO D 25 27.79 -57.66 22.85
CA PRO D 25 28.78 -57.19 23.87
C PRO D 25 30.06 -56.66 23.21
N PHE D 26 30.53 -55.51 23.64
CA PHE D 26 31.84 -55.01 23.24
C PHE D 26 32.72 -54.91 24.49
N SER D 27 34.04 -55.07 24.27
CA SER D 27 35.01 -54.90 25.33
C SER D 27 35.20 -53.42 25.64
N GLY D 28 36.11 -53.13 26.58
CA GLY D 28 36.35 -51.78 27.09
C GLY D 28 36.81 -50.84 25.98
N ASP D 29 37.61 -51.40 25.05
CA ASP D 29 38.13 -50.67 23.88
C ASP D 29 37.14 -50.59 22.71
N GLY D 30 35.97 -51.21 22.85
CA GLY D 30 34.97 -51.15 21.78
C GLY D 30 34.93 -52.38 20.92
N SER D 31 35.95 -53.23 21.04
CA SER D 31 36.06 -54.45 20.23
C SER D 31 35.01 -55.49 20.62
N LEU D 32 34.63 -56.31 19.63
CA LEU D 32 33.74 -57.43 19.83
C LEU D 32 34.16 -58.30 21.03
N ASP D 33 33.21 -58.61 21.91
CA ASP D 33 33.50 -59.44 23.05
C ASP D 33 32.72 -60.73 22.90
N THR D 34 33.25 -61.70 22.16
CA THR D 34 32.50 -62.98 21.96
C THR D 34 32.32 -63.88 23.18
N ALA D 35 33.26 -63.85 24.11
CA ALA D 35 33.16 -64.62 25.33
C ALA D 35 31.92 -64.17 26.10
N THR D 36 31.76 -62.86 26.27
CA THR D 36 30.63 -62.31 26.97
C THR D 36 29.35 -62.53 26.17
N ALA D 37 29.44 -62.43 24.83
CA ALA D 37 28.27 -62.79 23.99
C ALA D 37 27.77 -64.21 24.28
N ALA D 38 28.72 -65.14 24.36
CA ALA D 38 28.41 -66.52 24.64
C ALA D 38 27.81 -66.59 26.06
N ARG D 39 28.43 -65.86 26.98
CA ARG D 39 27.92 -65.76 28.37
C ARG D 39 26.51 -65.27 28.38
N LEU D 40 26.27 -64.19 27.65
CA LEU D 40 24.99 -63.53 27.61
C LEU D 40 23.94 -64.46 27.00
N ALA D 41 24.28 -65.11 25.89
CA ALA D 41 23.37 -66.05 25.18
C ALA D 41 22.95 -67.22 26.09
N ASN D 42 23.93 -67.78 26.82
CA ASN D 42 23.61 -68.85 27.75
C ASN D 42 22.62 -68.37 28.81
N HIS D 43 22.88 -67.17 29.32
CA HIS D 43 22.05 -66.59 30.37
C HIS D 43 20.60 -66.38 29.90
N LEU D 44 20.44 -65.78 28.73
CA LEU D 44 19.13 -65.53 28.19
C LEU D 44 18.36 -66.82 27.89
N VAL D 45 19.01 -67.83 27.30
CA VAL D 45 18.39 -69.13 27.13
C VAL D 45 17.99 -69.75 28.47
N ASP D 46 18.91 -69.75 29.42
CA ASP D 46 18.60 -70.26 30.76
C ASP D 46 17.42 -69.57 31.42
N GLN D 47 17.27 -68.27 31.15
CA GLN D 47 16.18 -67.49 31.73
C GLN D 47 14.85 -67.75 31.03
N GLY D 48 14.88 -68.39 29.87
CA GLY D 48 13.62 -68.84 29.24
C GLY D 48 13.46 -68.56 27.77
N CYS D 49 14.41 -67.86 27.15
CA CYS D 49 14.39 -67.68 25.72
C CYS D 49 14.67 -68.99 25.03
N ASP D 50 13.92 -69.30 24.00
CA ASP D 50 14.23 -70.50 23.22
C ASP D 50 14.81 -70.20 21.84
N GLY D 51 15.06 -68.91 21.58
CA GLY D 51 15.78 -68.47 20.42
C GLY D 51 16.41 -67.15 20.74
N LEU D 52 17.31 -66.72 19.88
CA LEU D 52 17.92 -65.40 20.01
C LEU D 52 18.06 -64.82 18.60
N VAL D 53 17.89 -63.51 18.46
CA VAL D 53 18.31 -62.88 17.27
C VAL D 53 19.63 -62.21 17.49
N VAL D 54 20.61 -62.56 16.69
CA VAL D 54 21.92 -61.93 16.81
C VAL D 54 22.15 -60.92 15.67
N SER D 55 22.84 -59.84 16.00
CA SER D 55 23.20 -58.78 15.06
C SER D 55 21.98 -58.14 14.42
N GLY D 56 20.92 -58.02 15.18
CA GLY D 56 19.79 -57.14 14.81
C GLY D 56 20.12 -55.71 15.21
N THR D 57 19.11 -54.85 15.18
CA THR D 57 19.20 -53.46 15.57
C THR D 57 19.71 -53.33 16.98
N THR D 58 19.08 -54.08 17.89
CA THR D 58 19.55 -54.06 19.27
C THR D 58 20.95 -54.59 19.41
N GLY D 59 21.33 -55.47 18.46
CA GLY D 59 22.67 -56.05 18.39
C GLY D 59 23.63 -55.08 17.75
N GLU D 60 23.18 -53.83 17.57
CA GLU D 60 24.05 -52.80 16.92
C GLU D 60 24.57 -53.19 15.55
N SER D 61 23.70 -53.82 14.77
CA SER D 61 24.05 -54.16 13.39
C SER D 61 24.64 -52.98 12.60
N PRO D 62 24.20 -51.73 12.89
CA PRO D 62 24.77 -50.62 12.10
C PRO D 62 26.25 -50.38 12.32
N THR D 63 26.77 -50.75 13.49
CA THR D 63 28.11 -50.34 13.84
C THR D 63 29.12 -51.51 13.91
N THR D 64 28.63 -52.70 13.58
CA THR D 64 29.51 -53.89 13.54
C THR D 64 29.84 -54.23 12.09
N THR D 65 31.00 -54.79 11.88
CA THR D 65 31.42 -55.19 10.55
C THR D 65 30.76 -56.54 10.23
N ASP D 66 30.78 -56.93 8.95
CA ASP D 66 30.44 -58.30 8.56
C ASP D 66 31.19 -59.35 9.36
N GLY D 67 32.49 -59.14 9.56
CA GLY D 67 33.36 -60.09 10.21
C GLY D 67 32.91 -60.26 11.63
N GLU D 68 32.57 -59.13 12.26
CA GLU D 68 32.15 -59.18 13.65
C GLU D 68 30.84 -59.94 13.75
N LYS D 69 29.89 -59.63 12.87
CA LYS D 69 28.60 -60.31 12.91
C LYS D 69 28.79 -61.82 12.77
N ILE D 70 29.72 -62.26 11.89
CA ILE D 70 29.93 -63.68 11.69
C ILE D 70 30.58 -64.33 12.91
N GLU D 71 31.59 -63.65 13.47
CA GLU D 71 32.24 -64.09 14.66
C GLU D 71 31.23 -64.23 15.78
N LEU D 72 30.34 -63.25 15.93
CA LEU D 72 29.37 -63.27 17.01
C LEU D 72 28.37 -64.41 16.81
N LEU D 73 27.84 -64.52 15.59
CA LEU D 73 27.02 -65.65 15.26
C LEU D 73 27.69 -66.99 15.58
N ARG D 74 28.94 -67.16 15.16
CA ARG D 74 29.66 -68.37 15.37
C ARG D 74 29.71 -68.65 16.88
N ALA D 75 30.05 -67.64 17.68
CA ALA D 75 30.13 -67.81 19.13
C ALA D 75 28.75 -68.09 19.76
N VAL D 76 27.72 -67.42 19.24
CA VAL D 76 26.43 -67.65 19.85
C VAL D 76 25.92 -69.05 19.48
N LEU D 77 26.18 -69.51 18.25
CA LEU D 77 25.85 -70.91 17.84
C LEU D 77 26.56 -71.93 18.68
N GLU D 78 27.85 -71.70 18.90
CA GLU D 78 28.60 -72.58 19.77
C GLU D 78 28.02 -72.59 21.18
N ALA D 79 27.56 -71.43 21.63
CA ALA D 79 27.14 -71.32 23.00
C ALA D 79 25.81 -72.03 23.26
N VAL D 80 24.83 -71.79 22.41
CA VAL D 80 23.47 -72.22 22.68
C VAL D 80 22.79 -72.87 21.45
N GLY D 81 23.51 -73.09 20.35
CA GLY D 81 22.85 -73.53 19.11
C GLY D 81 22.23 -74.92 19.25
N ASP D 82 22.72 -75.71 20.19
CA ASP D 82 22.16 -77.02 20.36
C ASP D 82 20.88 -77.01 21.19
N ARG D 83 20.59 -75.89 21.86
CA ARG D 83 19.44 -75.86 22.74
C ARG D 83 18.56 -74.67 22.48
N ALA D 84 18.97 -73.80 21.56
CA ALA D 84 18.12 -72.67 21.19
C ALA D 84 18.29 -72.35 19.71
N ARG D 85 17.36 -71.59 19.17
CA ARG D 85 17.39 -71.24 17.74
C ARG D 85 18.07 -69.89 17.59
N VAL D 86 19.07 -69.84 16.72
CA VAL D 86 19.87 -68.63 16.65
C VAL D 86 19.56 -68.03 15.29
N ILE D 87 18.89 -66.89 15.32
CA ILE D 87 18.42 -66.24 14.09
C ILE D 87 19.40 -65.09 13.80
N ALA D 88 19.93 -65.01 12.61
CA ALA D 88 20.91 -63.97 12.31
C ALA D 88 20.17 -62.83 11.63
N GLY D 89 20.34 -61.60 12.12
CA GLY D 89 19.94 -60.40 11.36
C GLY D 89 20.81 -60.34 10.09
N ALA D 90 20.20 -60.16 8.94
CA ALA D 90 20.95 -60.19 7.67
C ALA D 90 20.55 -59.10 6.68
N GLY D 91 19.68 -58.19 7.07
CA GLY D 91 19.33 -57.16 6.10
C GLY D 91 19.85 -55.77 6.36
N THR D 92 20.23 -55.12 5.27
CA THR D 92 20.52 -53.72 5.24
C THR D 92 19.74 -53.03 4.08
N TYR D 93 20.13 -51.79 3.75
CA TYR D 93 19.51 -51.05 2.70
C TYR D 93 20.23 -51.32 1.41
N ASP D 94 21.11 -52.33 1.44
CA ASP D 94 21.86 -52.71 0.25
C ASP D 94 21.54 -54.20 -0.04
N THR D 95 20.85 -54.49 -1.17
CA THR D 95 20.42 -55.84 -1.47
C THR D 95 21.62 -56.79 -1.66
N ALA D 96 22.61 -56.39 -2.46
CA ALA D 96 23.73 -57.28 -2.67
C ALA D 96 24.42 -57.57 -1.35
N HIS D 97 24.49 -56.61 -0.46
CA HIS D 97 25.16 -56.80 0.81
C HIS D 97 24.35 -57.74 1.71
N SER D 98 23.05 -57.53 1.70
CA SER D 98 22.13 -58.38 2.47
C SER D 98 22.31 -59.84 2.00
N ILE D 99 22.40 -60.01 0.69
CA ILE D 99 22.61 -61.34 0.12
C ILE D 99 23.93 -61.97 0.63
N ARG D 100 25.02 -61.22 0.60
CA ARG D 100 26.27 -61.71 1.11
C ARG D 100 26.13 -62.12 2.56
N LEU D 101 25.48 -61.26 3.33
CA LEU D 101 25.37 -61.46 4.74
C LEU D 101 24.47 -62.67 5.04
N ALA D 102 23.37 -62.82 4.32
CA ALA D 102 22.51 -63.98 4.49
C ALA D 102 23.33 -65.24 4.18
N LYS D 103 24.06 -65.21 3.08
CA LYS D 103 24.79 -66.41 2.68
C LYS D 103 25.79 -66.77 3.77
N ALA D 104 26.34 -65.75 4.39
CA ALA D 104 27.47 -65.94 5.26
C ALA D 104 26.94 -66.50 6.54
N CYS D 105 25.76 -66.03 6.92
CA CYS D 105 25.10 -66.53 8.08
C CYS D 105 24.67 -67.98 7.91
N ALA D 106 24.11 -68.28 6.74
CA ALA D 106 23.72 -69.66 6.44
C ALA D 106 24.94 -70.55 6.50
N ALA D 107 26.07 -70.08 5.95
CA ALA D 107 27.30 -70.89 5.95
C ALA D 107 27.81 -71.12 7.38
N GLU D 108 27.59 -70.15 8.28
CA GLU D 108 27.94 -70.38 9.68
C GLU D 108 27.02 -71.39 10.41
N GLY D 109 25.83 -71.62 9.87
CA GLY D 109 24.87 -72.50 10.52
C GLY D 109 23.77 -71.76 11.26
N ALA D 110 23.50 -70.50 10.90
CA ALA D 110 22.34 -69.78 11.48
C ALA D 110 21.05 -70.58 11.24
N HIS D 111 20.12 -70.55 12.17
CA HIS D 111 18.90 -71.37 12.03
C HIS D 111 17.82 -70.63 11.24
N GLY D 112 17.99 -69.32 11.09
CA GLY D 112 16.99 -68.53 10.42
C GLY D 112 17.54 -67.11 10.21
N LEU D 113 16.81 -66.32 9.42
CA LEU D 113 17.24 -64.96 9.12
C LEU D 113 16.16 -63.98 9.53
N LEU D 114 16.61 -62.86 10.06
CA LEU D 114 15.71 -61.73 10.25
C LEU D 114 16.18 -60.64 9.29
N VAL D 115 15.26 -60.16 8.46
CA VAL D 115 15.61 -59.21 7.41
C VAL D 115 14.71 -58.02 7.53
N VAL D 116 15.31 -56.91 7.89
CA VAL D 116 14.63 -55.65 8.06
C VAL D 116 14.33 -54.99 6.72
N THR D 117 13.19 -54.31 6.65
CA THR D 117 12.95 -53.40 5.51
C THR D 117 14.14 -52.48 5.30
N PRO D 118 14.71 -52.45 4.07
CA PRO D 118 15.74 -51.44 3.72
C PRO D 118 15.38 -50.09 4.26
N TYR D 119 16.25 -49.53 5.09
CA TYR D 119 16.02 -48.26 5.70
C TYR D 119 16.61 -47.07 4.94
N TYR D 120 16.15 -45.87 5.31
CA TYR D 120 16.73 -44.61 4.84
C TYR D 120 16.42 -44.24 3.36
N SER D 121 16.60 -45.20 2.45
CA SER D 121 16.67 -44.89 1.03
C SER D 121 15.27 -44.94 0.41
N LYS D 122 14.32 -45.49 1.19
CA LYS D 122 12.88 -45.49 0.84
C LYS D 122 12.64 -46.05 -0.54
N PRO D 123 13.08 -47.30 -0.75
CA PRO D 123 12.75 -47.86 -2.05
C PRO D 123 11.24 -48.01 -2.16
N PRO D 124 10.72 -48.10 -3.40
CA PRO D 124 9.27 -48.33 -3.55
C PRO D 124 8.94 -49.79 -3.16
N GLN D 125 7.66 -50.08 -3.00
CA GLN D 125 7.22 -51.41 -2.61
C GLN D 125 7.77 -52.49 -3.56
N ARG D 126 7.82 -52.24 -4.87
CA ARG D 126 8.35 -53.24 -5.76
C ARG D 126 9.83 -53.42 -5.54
N GLY D 127 10.53 -52.38 -5.08
CA GLY D 127 11.96 -52.52 -4.76
C GLY D 127 12.09 -53.38 -3.51
N LEU D 128 11.22 -53.16 -2.53
CA LEU D 128 11.19 -53.98 -1.33
C LEU D 128 10.92 -55.42 -1.68
N GLN D 129 9.95 -55.64 -2.52
CA GLN D 129 9.65 -56.98 -2.88
C GLN D 129 10.81 -57.67 -3.57
N ALA D 130 11.43 -57.00 -4.54
CA ALA D 130 12.57 -57.59 -5.26
C ALA D 130 13.71 -57.83 -4.26
N HIS D 131 13.85 -56.93 -3.29
CA HIS D 131 14.90 -57.05 -2.26
C HIS D 131 14.68 -58.30 -1.37
N PHE D 132 13.52 -58.42 -0.79
CA PHE D 132 13.27 -59.50 0.12
C PHE D 132 13.27 -60.84 -0.65
N THR D 133 12.82 -60.83 -1.90
CA THR D 133 12.87 -62.04 -2.75
C THR D 133 14.32 -62.46 -3.02
N ALA D 134 15.15 -61.50 -3.40
CA ALA D 134 16.54 -61.79 -3.67
C ALA D 134 17.24 -62.33 -2.40
N VAL D 135 16.94 -61.77 -1.24
CA VAL D 135 17.51 -62.27 0.01
C VAL D 135 16.94 -63.65 0.38
N ALA D 136 15.64 -63.82 0.19
CA ALA D 136 15.00 -65.10 0.46
C ALA D 136 15.54 -66.19 -0.49
N ASP D 137 15.90 -65.82 -1.72
CA ASP D 137 16.41 -66.74 -2.69
C ASP D 137 17.83 -67.17 -2.39
N ALA D 138 18.50 -66.39 -1.55
CA ALA D 138 19.94 -66.51 -1.42
C ALA D 138 20.37 -67.73 -0.61
N THR D 139 19.49 -68.19 0.26
CA THR D 139 19.81 -69.36 1.12
C THR D 139 18.54 -70.16 1.29
N GLU D 140 18.70 -71.26 2.01
CA GLU D 140 17.61 -72.19 2.25
C GLU D 140 17.02 -72.01 3.66
N LEU D 141 17.44 -70.92 4.31
CA LEU D 141 17.04 -70.60 5.65
C LEU D 141 15.64 -70.00 5.75
N PRO D 142 14.91 -70.37 6.83
CA PRO D 142 13.65 -69.64 7.06
C PRO D 142 13.92 -68.18 7.40
N MET D 143 13.08 -67.31 6.88
CA MET D 143 13.36 -65.92 6.94
C MET D 143 12.15 -65.17 7.48
N LEU D 144 12.43 -64.21 8.39
CA LEU D 144 11.41 -63.31 8.89
C LEU D 144 11.61 -61.91 8.30
N LEU D 145 10.52 -61.29 7.88
CA LEU D 145 10.53 -59.90 7.47
C LEU D 145 10.43 -59.11 8.76
N TYR D 146 11.14 -58.01 8.82
CA TYR D 146 11.07 -57.16 9.98
C TYR D 146 10.47 -55.83 9.50
N ASP D 147 9.19 -55.66 9.79
CA ASP D 147 8.44 -54.49 9.37
C ASP D 147 8.51 -53.45 10.49
N ILE D 148 9.35 -52.44 10.30
CA ILE D 148 9.48 -51.39 11.29
C ILE D 148 9.65 -50.04 10.56
N PRO D 149 8.53 -49.46 10.11
CA PRO D 149 8.66 -48.24 9.32
C PRO D 149 9.12 -47.08 10.21
N GLY D 150 8.90 -47.15 11.52
CA GLY D 150 9.34 -46.09 12.43
C GLY D 150 10.87 -45.96 12.44
N ARG D 151 11.57 -47.01 12.00
CA ARG D 151 13.03 -46.91 11.82
C ARG D 151 13.41 -46.86 10.36
N SER D 152 12.77 -47.71 9.55
CA SER D 152 13.17 -47.80 8.14
C SER D 152 12.63 -46.68 7.23
N ALA D 153 11.59 -45.97 7.69
CA ALA D 153 11.00 -44.87 6.96
C ALA D 153 10.03 -45.33 5.81
N VAL D 154 9.87 -46.64 5.61
CA VAL D 154 8.83 -47.18 4.75
C VAL D 154 8.32 -48.43 5.44
N PRO D 155 7.00 -48.67 5.31
CA PRO D 155 6.44 -49.92 5.78
C PRO D 155 6.59 -51.00 4.69
N ILE D 156 6.47 -52.26 5.06
CA ILE D 156 6.17 -53.28 4.05
C ILE D 156 4.66 -53.27 4.02
N GLU D 157 4.11 -52.78 2.92
CA GLU D 157 2.70 -52.66 2.76
C GLU D 157 2.04 -54.04 2.72
N PRO D 158 0.79 -54.13 3.20
CA PRO D 158 0.15 -55.45 3.29
C PRO D 158 0.22 -56.30 1.99
N ASP D 159 0.04 -55.67 0.84
CA ASP D 159 0.10 -56.37 -0.44
C ASP D 159 1.47 -56.92 -0.68
N THR D 160 2.46 -56.18 -0.26
CA THR D 160 3.83 -56.62 -0.44
C THR D 160 4.12 -57.84 0.50
N ILE D 161 3.66 -57.75 1.74
CA ILE D 161 3.82 -58.83 2.66
C ILE D 161 3.10 -60.04 2.05
N ARG D 162 1.86 -59.84 1.56
CA ARG D 162 1.11 -60.96 1.03
C ARG D 162 1.79 -61.61 -0.19
N ALA D 163 2.32 -60.78 -1.11
CA ALA D 163 3.08 -61.26 -2.24
C ALA D 163 4.33 -62.04 -1.75
N LEU D 164 4.99 -61.52 -0.74
CA LEU D 164 6.18 -62.16 -0.22
C LEU D 164 5.87 -63.49 0.50
N ALA D 165 4.69 -63.58 1.17
CA ALA D 165 4.25 -64.79 1.91
C ALA D 165 4.37 -66.03 1.07
N SER D 166 4.17 -65.89 -0.24
CA SER D 166 4.23 -67.08 -1.08
C SER D 166 5.69 -67.59 -1.27
N HIS D 167 6.69 -66.78 -0.96
CA HIS D 167 8.07 -67.30 -1.02
C HIS D 167 8.22 -68.45 -0.01
N PRO D 168 8.71 -69.62 -0.44
CA PRO D 168 8.84 -70.76 0.47
C PRO D 168 9.71 -70.48 1.69
N ASN D 169 10.71 -69.59 1.55
CA ASN D 169 11.60 -69.29 2.67
C ASN D 169 11.11 -68.21 3.59
N ILE D 170 10.13 -67.44 3.13
CA ILE D 170 9.61 -66.37 3.95
C ILE D 170 8.48 -66.87 4.85
N VAL D 171 8.74 -66.95 6.15
CA VAL D 171 7.83 -67.75 6.98
C VAL D 171 7.10 -66.89 7.99
N GLY D 172 7.50 -65.62 8.12
CA GLY D 172 6.81 -64.76 9.05
C GLY D 172 7.31 -63.35 9.07
N VAL D 173 6.78 -62.61 10.05
CA VAL D 173 7.05 -61.19 10.21
C VAL D 173 7.33 -60.90 11.66
N LYS D 174 8.43 -60.22 11.90
CA LYS D 174 8.60 -59.54 13.16
C LYS D 174 7.97 -58.17 12.96
N ASP D 175 6.91 -57.88 13.73
CA ASP D 175 6.23 -56.63 13.54
C ASP D 175 6.62 -55.57 14.54
N ALA D 176 6.94 -54.39 14.06
CA ALA D 176 6.91 -53.21 14.92
C ALA D 176 5.97 -52.16 14.37
N LYS D 177 5.16 -52.51 13.38
CA LYS D 177 4.35 -51.51 12.71
C LYS D 177 3.02 -51.29 13.44
N ALA D 178 2.65 -52.26 14.29
CA ALA D 178 1.49 -52.15 15.18
C ALA D 178 0.16 -52.11 14.38
N ASP D 179 0.15 -52.58 13.13
CA ASP D 179 -1.14 -52.72 12.48
C ASP D 179 -1.75 -54.10 12.78
N LEU D 180 -2.30 -54.25 13.99
CA LEU D 180 -2.77 -55.56 14.48
C LEU D 180 -3.90 -56.06 13.62
N HIS D 181 -4.72 -55.14 13.18
CA HIS D 181 -5.84 -55.53 12.36
C HIS D 181 -5.37 -56.12 11.03
N SER D 182 -4.42 -55.45 10.40
CA SER D 182 -3.91 -55.94 9.15
C SER D 182 -3.10 -57.23 9.31
N GLY D 183 -2.17 -57.30 10.26
CA GLY D 183 -1.40 -58.51 10.52
C GLY D 183 -2.34 -59.66 10.85
N ALA D 184 -3.40 -59.40 11.63
CA ALA D 184 -4.34 -60.47 11.91
C ALA D 184 -4.87 -61.09 10.63
N GLN D 185 -5.26 -60.22 9.69
CA GLN D 185 -5.79 -60.71 8.43
C GLN D 185 -4.72 -61.40 7.56
N ILE D 186 -3.52 -60.85 7.58
CA ILE D 186 -2.42 -61.44 6.85
C ILE D 186 -2.16 -62.84 7.36
N MET D 187 -2.13 -62.99 8.68
CA MET D 187 -1.96 -64.29 9.28
C MET D 187 -3.05 -65.26 8.85
N ALA D 188 -4.29 -64.79 8.86
CA ALA D 188 -5.40 -65.62 8.53
C ALA D 188 -5.34 -66.03 7.08
N ASP D 189 -4.81 -65.13 6.25
CA ASP D 189 -4.85 -65.40 4.80
C ASP D 189 -3.63 -66.17 4.35
N THR D 190 -2.49 -65.98 5.02
CA THR D 190 -1.24 -66.49 4.46
C THR D 190 -0.60 -67.55 5.31
N GLY D 191 -1.00 -67.65 6.56
CA GLY D 191 -0.27 -68.51 7.46
C GLY D 191 1.12 -68.00 7.88
N LEU D 192 1.49 -66.79 7.50
CA LEU D 192 2.67 -66.18 8.01
C LEU D 192 2.64 -66.15 9.54
N ALA D 193 3.75 -66.47 10.18
CA ALA D 193 3.83 -66.37 11.64
C ALA D 193 4.15 -64.91 11.96
N TYR D 194 3.57 -64.37 13.03
CA TYR D 194 4.00 -63.04 13.49
C TYR D 194 4.66 -63.19 14.83
N TYR D 195 5.71 -62.39 15.02
CA TYR D 195 6.39 -62.16 16.30
C TYR D 195 6.19 -60.71 16.67
N SER D 196 5.80 -60.47 17.91
CA SER D 196 5.83 -59.11 18.40
C SER D 196 7.29 -58.58 18.36
N GLY D 197 7.51 -57.53 17.58
CA GLY D 197 8.80 -56.84 17.60
C GLY D 197 8.80 -55.56 18.42
N ASP D 198 7.84 -55.39 19.30
CA ASP D 198 7.84 -54.21 20.05
C ASP D 198 7.21 -54.63 21.32
N ASP D 199 7.99 -54.57 22.41
CA ASP D 199 7.55 -55.11 23.69
C ASP D 199 6.21 -54.51 24.13
N ALA D 200 5.96 -53.25 23.75
CA ALA D 200 4.71 -52.60 24.14
C ALA D 200 3.47 -53.42 23.72
N LEU D 201 3.61 -54.08 22.58
CA LEU D 201 2.53 -54.83 21.93
C LEU D 201 2.55 -56.35 22.04
N ASN D 202 3.41 -56.85 22.93
CA ASN D 202 3.56 -58.27 23.16
C ASN D 202 2.18 -58.93 23.37
N LEU D 203 1.44 -58.42 24.35
CA LEU D 203 0.20 -59.03 24.76
C LEU D 203 -0.88 -58.89 23.69
N PRO D 204 -1.11 -57.66 23.16
CA PRO D 204 -2.03 -57.50 22.02
C PRO D 204 -1.67 -58.44 20.84
N TRP D 205 -0.38 -58.59 20.52
CA TRP D 205 0.04 -59.49 19.43
C TRP D 205 -0.33 -60.95 19.69
N LEU D 206 -0.08 -61.42 20.90
CA LEU D 206 -0.55 -62.78 21.29
C LEU D 206 -2.02 -62.91 21.07
N ALA D 207 -2.81 -61.88 21.45
CA ALA D 207 -4.28 -61.99 21.26
C ALA D 207 -4.62 -62.18 19.81
N MET D 208 -3.88 -61.51 18.97
CA MET D 208 -4.07 -61.60 17.50
C MET D 208 -3.45 -62.89 16.87
N GLY D 209 -2.77 -63.71 17.67
CA GLY D 209 -2.27 -64.98 17.21
C GLY D 209 -0.79 -64.97 16.89
N ALA D 210 -0.07 -63.92 17.32
CA ALA D 210 1.41 -63.94 17.22
C ALA D 210 1.97 -65.24 17.84
N THR D 211 3.06 -65.70 17.24
CA THR D 211 3.74 -66.91 17.67
C THR D 211 4.54 -66.65 18.95
N GLY D 212 5.06 -65.44 19.09
CA GLY D 212 5.82 -65.14 20.30
C GLY D 212 6.42 -63.77 20.15
N PHE D 213 7.55 -63.57 20.86
CA PHE D 213 8.16 -62.27 20.96
C PHE D 213 9.59 -62.36 20.49
N ILE D 214 10.00 -61.35 19.73
CA ILE D 214 11.39 -61.06 19.53
C ILE D 214 11.66 -59.75 20.29
N SER D 215 12.21 -59.91 21.49
CA SER D 215 12.02 -58.94 22.55
C SER D 215 13.30 -58.26 22.93
N VAL D 216 13.21 -56.99 23.32
CA VAL D 216 14.34 -56.25 23.87
C VAL D 216 14.39 -56.35 25.40
N ILE D 217 13.24 -56.26 26.02
CA ILE D 217 13.22 -56.26 27.48
C ILE D 217 13.46 -57.66 27.97
N ALA D 218 13.41 -58.65 27.08
CA ALA D 218 13.81 -60.02 27.47
C ALA D 218 15.24 -60.05 27.99
N HIS D 219 16.09 -59.07 27.62
CA HIS D 219 17.42 -58.99 28.21
C HIS D 219 17.36 -59.01 29.74
N LEU D 220 16.29 -58.42 30.26
CA LEU D 220 16.18 -58.14 31.67
C LEU D 220 15.16 -59.02 32.33
N ALA D 221 14.15 -59.36 31.57
CA ALA D 221 12.94 -59.99 32.16
C ALA D 221 12.49 -61.18 31.33
N ALA D 222 13.43 -61.92 30.75
CA ALA D 222 13.04 -63.08 29.94
C ALA D 222 12.13 -64.02 30.71
N GLY D 223 12.42 -64.28 31.97
CA GLY D 223 11.67 -65.27 32.72
C GLY D 223 10.20 -64.86 32.81
N GLN D 224 9.94 -63.57 33.02
CA GLN D 224 8.55 -63.12 33.12
C GLN D 224 7.85 -63.16 31.74
N LEU D 225 8.59 -62.79 30.68
CA LEU D 225 8.05 -62.91 29.34
C LEU D 225 7.73 -64.36 29.03
N ARG D 226 8.57 -65.29 29.50
CA ARG D 226 8.25 -66.70 29.36
C ARG D 226 6.96 -67.06 30.11
N GLU D 227 6.81 -66.55 31.32
CA GLU D 227 5.65 -66.86 32.16
C GLU D 227 4.42 -66.26 31.45
N LEU D 228 4.63 -65.12 30.81
CA LEU D 228 3.56 -64.47 30.07
C LEU D 228 3.06 -65.35 28.92
N LEU D 229 3.98 -65.76 28.03
CA LEU D 229 3.68 -66.66 26.91
C LEU D 229 2.94 -67.92 27.38
N SER D 230 3.37 -68.47 28.51
CA SER D 230 2.82 -69.69 28.98
C SER D 230 1.41 -69.44 29.49
N ALA D 231 1.25 -68.42 30.34
CA ALA D 231 -0.08 -68.05 30.89
C ALA D 231 -1.04 -67.79 29.73
N PHE D 232 -0.62 -66.99 28.77
CA PHE D 232 -1.47 -66.74 27.61
C PHE D 232 -1.86 -68.03 26.88
N GLY D 233 -0.84 -68.86 26.60
CA GLY D 233 -0.98 -70.10 25.85
C GLY D 233 -1.89 -71.11 26.53
N SER D 234 -1.99 -71.05 27.85
CA SER D 234 -2.80 -71.99 28.51
C SER D 234 -4.21 -71.40 28.75
N GLY D 235 -4.46 -70.22 28.19
CA GLY D 235 -5.71 -69.55 28.41
C GLY D 235 -5.85 -68.73 29.70
N ASP D 236 -4.77 -68.40 30.39
CA ASP D 236 -4.92 -67.59 31.60
C ASP D 236 -4.53 -66.19 31.22
N ILE D 237 -5.37 -65.53 30.43
CA ILE D 237 -5.18 -64.13 30.02
C ILE D 237 -5.02 -63.19 31.24
N ALA D 238 -5.78 -63.39 32.28
CA ALA D 238 -5.65 -62.57 33.48
C ALA D 238 -4.23 -62.55 33.97
N THR D 239 -3.58 -63.70 33.99
CA THR D 239 -2.19 -63.74 34.48
C THR D 239 -1.26 -63.11 33.45
N ALA D 240 -1.55 -63.35 32.18
CA ALA D 240 -0.74 -62.78 31.15
C ALA D 240 -0.78 -61.23 31.27
N ARG D 241 -1.99 -60.72 31.44
CA ARG D 241 -2.20 -59.30 31.63
C ARG D 241 -1.41 -58.79 32.86
N LYS D 242 -1.45 -59.52 33.97
CA LYS D 242 -0.70 -59.10 35.16
C LYS D 242 0.81 -59.07 34.92
N ILE D 243 1.32 -60.06 34.20
CA ILE D 243 2.74 -60.09 33.94
C ILE D 243 3.12 -58.94 33.01
N ASN D 244 2.26 -58.66 32.04
CA ASN D 244 2.55 -57.65 31.12
C ASN D 244 2.63 -56.29 31.85
N ILE D 245 1.72 -56.06 32.79
CA ILE D 245 1.81 -54.90 33.69
C ILE D 245 3.11 -54.88 34.49
N ALA D 246 3.49 -56.04 35.02
CA ALA D 246 4.65 -56.08 35.92
C ALA D 246 5.91 -55.61 35.18
N VAL D 247 6.05 -55.97 33.90
CA VAL D 247 7.27 -55.62 33.16
C VAL D 247 7.14 -54.30 32.40
N ALA D 248 5.95 -53.67 32.45
CA ALA D 248 5.73 -52.42 31.75
C ALA D 248 6.81 -51.36 32.03
N PRO D 249 7.30 -51.22 33.27
CA PRO D 249 8.31 -50.20 33.51
C PRO D 249 9.55 -50.35 32.65
N LEU D 250 9.87 -51.58 32.28
CA LEU D 250 11.00 -51.84 31.40
C LEU D 250 10.72 -51.28 29.99
N CYS D 251 9.48 -51.44 29.55
CA CYS D 251 9.08 -50.89 28.27
C CYS D 251 9.11 -49.34 28.40
N ASN D 252 8.64 -48.81 29.52
CA ASN D 252 8.75 -47.36 29.73
C ASN D 252 10.24 -46.88 29.72
N ALA D 253 11.12 -47.60 30.43
CA ALA D 253 12.52 -47.23 30.42
C ALA D 253 13.04 -47.27 28.96
N MET D 254 12.60 -48.29 28.21
CA MET D 254 12.96 -48.37 26.80
C MET D 254 12.58 -47.17 25.95
N SER D 255 11.40 -46.61 26.19
CA SER D 255 10.96 -45.38 25.57
C SER D 255 11.90 -44.21 25.88
N ARG D 256 12.41 -44.15 27.10
CA ARG D 256 13.38 -43.12 27.46
C ARG D 256 14.76 -43.33 26.83
N LEU D 257 15.23 -44.57 26.74
CA LEU D 257 16.66 -44.84 26.47
C LEU D 257 16.93 -45.42 25.09
N GLY D 258 15.91 -46.05 24.48
CA GLY D 258 16.11 -46.96 23.34
C GLY D 258 16.69 -48.28 23.82
N GLY D 259 16.49 -49.31 23.01
CA GLY D 259 16.82 -50.69 23.39
C GLY D 259 18.29 -50.92 23.62
N VAL D 260 19.14 -50.27 22.83
CA VAL D 260 20.58 -50.53 22.96
C VAL D 260 21.10 -49.98 24.33
N THR D 261 20.88 -48.70 24.59
CA THR D 261 21.29 -48.11 25.84
C THR D 261 20.63 -48.84 27.01
N LEU D 262 19.32 -49.12 26.91
CA LEU D 262 18.64 -49.81 27.99
C LEU D 262 19.22 -51.20 28.27
N SER D 263 19.37 -52.00 27.21
CA SER D 263 19.80 -53.39 27.40
C SER D 263 21.22 -53.47 28.02
N LYS D 264 22.11 -52.57 27.61
CA LYS D 264 23.48 -52.71 28.04
C LYS D 264 23.56 -52.12 29.45
N ALA D 265 22.80 -51.07 29.74
CA ALA D 265 22.88 -50.52 31.10
C ALA D 265 22.20 -51.46 32.07
N GLY D 266 21.12 -52.10 31.63
CA GLY D 266 20.32 -52.90 32.54
C GLY D 266 21.04 -54.20 32.85
N LEU D 267 21.68 -54.76 31.83
CA LEU D 267 22.42 -56.00 32.07
C LEU D 267 23.54 -55.73 33.07
N ARG D 268 24.26 -54.63 32.88
CA ARG D 268 25.28 -54.24 33.81
C ARG D 268 24.68 -54.15 35.23
N LEU D 269 23.54 -53.49 35.36
CA LEU D 269 22.90 -53.34 36.65
C LEU D 269 22.60 -54.69 37.23
N GLN D 270 22.25 -55.65 36.39
CA GLN D 270 21.99 -57.02 36.86
C GLN D 270 23.26 -57.82 37.18
N GLY D 271 24.45 -57.30 36.81
CA GLY D 271 25.68 -58.00 37.10
C GLY D 271 26.26 -58.72 35.91
N ILE D 272 25.68 -58.44 34.72
CA ILE D 272 26.23 -58.96 33.48
C ILE D 272 26.67 -57.78 32.63
N ASP D 273 27.93 -57.41 32.81
CA ASP D 273 28.51 -56.29 32.06
C ASP D 273 28.67 -56.76 30.62
N VAL D 274 28.07 -56.04 29.70
CA VAL D 274 28.22 -56.31 28.27
C VAL D 274 28.83 -55.04 27.53
N GLY D 275 29.56 -54.23 28.31
CA GLY D 275 30.23 -53.01 27.85
C GLY D 275 29.21 -51.96 27.42
N ASP D 276 29.66 -51.06 26.52
CA ASP D 276 28.91 -49.88 26.16
C ASP D 276 28.63 -49.87 24.67
N PRO D 277 27.62 -49.09 24.24
CA PRO D 277 27.30 -49.04 22.80
C PRO D 277 28.40 -48.39 22.00
N ARG D 278 28.36 -48.58 20.68
CA ARG D 278 29.22 -47.86 19.78
C ARG D 278 28.48 -46.66 19.25
N LEU D 279 29.24 -45.56 19.08
CA LEU D 279 28.68 -44.36 18.51
C LEU D 279 28.06 -44.67 17.14
N PRO D 280 26.94 -44.01 16.81
CA PRO D 280 26.29 -42.91 17.48
C PRO D 280 25.41 -43.30 18.67
N GLN D 281 25.36 -44.61 19.01
CA GLN D 281 24.71 -45.00 20.25
C GLN D 281 25.55 -44.66 21.45
N VAL D 282 24.91 -44.50 22.61
CA VAL D 282 25.58 -43.96 23.77
C VAL D 282 25.25 -44.74 25.02
N ALA D 283 26.18 -44.73 25.95
CA ALA D 283 25.94 -45.39 27.22
C ALA D 283 25.05 -44.49 28.14
N ALA D 284 24.25 -45.12 29.01
CA ALA D 284 23.38 -44.42 29.90
C ALA D 284 24.13 -43.51 30.80
N THR D 285 23.56 -42.34 31.06
CA THR D 285 24.18 -41.43 32.01
C THR D 285 23.86 -41.92 33.44
N PRO D 286 24.52 -41.33 34.46
CA PRO D 286 24.20 -41.76 35.83
C PRO D 286 22.73 -41.62 36.22
N GLU D 287 22.07 -40.52 35.85
CA GLU D 287 20.65 -40.29 36.11
C GLU D 287 19.81 -41.30 35.38
N GLN D 288 20.23 -41.66 34.17
CA GLN D 288 19.51 -42.63 33.38
C GLN D 288 19.62 -43.99 34.00
N ILE D 289 20.80 -44.31 34.56
CA ILE D 289 21.00 -45.57 35.28
C ILE D 289 20.06 -45.64 36.49
N ASP D 290 19.97 -44.53 37.22
CA ASP D 290 19.10 -44.44 38.40
C ASP D 290 17.64 -44.68 38.03
N ALA D 291 17.19 -43.99 36.98
CA ALA D 291 15.82 -44.04 36.61
C ALA D 291 15.54 -45.46 36.07
N LEU D 292 16.52 -46.04 35.38
CA LEU D 292 16.33 -47.39 34.82
C LEU D 292 16.23 -48.40 35.98
N ALA D 293 17.11 -48.21 36.97
CA ALA D 293 17.20 -49.08 38.11
C ALA D 293 15.88 -49.11 38.84
N ALA D 294 15.27 -47.94 39.02
CA ALA D 294 13.95 -47.84 39.63
C ALA D 294 12.85 -48.66 38.89
N ASP D 295 12.87 -48.64 37.57
CA ASP D 295 11.93 -49.39 36.77
C ASP D 295 12.18 -50.87 36.89
N MET D 296 13.47 -51.24 36.97
CA MET D 296 13.84 -52.66 36.99
C MET D 296 13.47 -53.22 38.33
N ARG D 297 13.60 -52.39 39.37
CA ARG D 297 13.14 -52.80 40.71
C ARG D 297 11.65 -53.03 40.69
N ALA D 298 10.94 -52.09 40.06
CA ALA D 298 9.46 -52.14 39.93
C ALA D 298 9.03 -53.39 39.19
N ALA D 299 9.85 -53.78 38.20
CA ALA D 299 9.62 -54.97 37.42
C ALA D 299 10.18 -56.21 38.08
N SER D 300 10.74 -56.04 39.29
CA SER D 300 11.34 -57.13 40.06
C SER D 300 12.44 -57.84 39.29
N VAL D 301 13.25 -57.11 38.55
CA VAL D 301 14.38 -57.74 37.84
C VAL D 301 15.70 -57.13 38.38
N LEU D 302 15.62 -56.50 39.55
CA LEU D 302 16.79 -55.93 40.15
C LEU D 302 16.49 -55.75 41.62
N ARG D 303 17.50 -55.98 42.45
CA ARG D 303 17.25 -55.77 43.86
C ARG D 303 17.40 -54.27 44.22
N PHE E 9 -16.05 71.22 -30.95
CA PHE E 9 -15.08 70.31 -30.21
C PHE E 9 -14.10 71.10 -29.29
N ASP E 10 -13.55 70.40 -28.28
CA ASP E 10 -12.40 70.81 -27.45
C ASP E 10 -12.47 70.12 -26.08
N VAL E 11 -11.88 68.92 -25.95
CA VAL E 11 -12.01 68.15 -24.70
C VAL E 11 -11.45 68.87 -23.48
N ALA E 12 -10.28 69.48 -23.63
CA ALA E 12 -9.66 70.23 -22.55
C ALA E 12 -10.57 71.35 -22.08
N ALA E 13 -11.18 72.08 -23.01
CA ALA E 13 -12.08 73.15 -22.62
C ALA E 13 -13.42 72.63 -22.07
N ARG E 14 -13.93 71.55 -22.63
CA ARG E 14 -15.28 71.12 -22.31
C ARG E 14 -15.32 70.24 -21.06
N LEU E 15 -14.22 69.57 -20.78
CA LEU E 15 -14.17 68.67 -19.65
C LEU E 15 -13.13 69.10 -18.61
N GLY E 16 -12.09 69.82 -19.03
CA GLY E 16 -11.02 70.22 -18.16
C GLY E 16 -9.69 69.51 -18.39
N THR E 17 -8.70 69.94 -17.61
CA THR E 17 -7.38 69.37 -17.62
C THR E 17 -7.01 68.78 -16.24
N LEU E 18 -7.51 69.40 -15.17
CA LEU E 18 -7.24 68.90 -13.83
C LEU E 18 -8.56 68.83 -13.14
N LEU E 19 -9.00 67.60 -12.90
CA LEU E 19 -10.26 67.36 -12.22
C LEU E 19 -9.96 66.53 -11.00
N THR E 20 -10.79 66.72 -9.97
CA THR E 20 -10.69 65.89 -8.80
C THR E 20 -11.84 64.93 -8.92
N ALA E 21 -11.57 63.67 -8.63
CA ALA E 21 -12.60 62.66 -8.48
C ALA E 21 -13.13 62.94 -7.08
N MET E 22 -14.07 63.88 -6.99
CA MET E 22 -14.34 64.50 -5.70
C MET E 22 -15.11 63.60 -4.74
N VAL E 23 -14.72 63.60 -3.48
CA VAL E 23 -15.53 62.98 -2.43
C VAL E 23 -16.91 63.60 -2.33
N THR E 24 -17.83 62.81 -1.79
CA THR E 24 -19.13 63.31 -1.41
C THR E 24 -19.12 63.48 0.10
N PRO E 25 -19.11 64.75 0.57
CA PRO E 25 -19.13 65.04 2.00
C PRO E 25 -20.44 64.56 2.68
N PHE E 26 -20.31 63.91 3.83
CA PHE E 26 -21.45 63.51 4.61
C PHE E 26 -21.40 64.19 5.93
N SER E 27 -22.57 64.46 6.49
CA SER E 27 -22.66 65.03 7.85
C SER E 27 -22.36 63.97 8.89
N GLY E 28 -22.44 64.34 10.17
CA GLY E 28 -22.27 63.39 11.29
C GLY E 28 -23.10 62.10 11.22
N ASP E 29 -24.40 62.24 10.94
CA ASP E 29 -25.29 61.11 10.85
C ASP E 29 -25.11 60.27 9.57
N GLY E 30 -24.14 60.63 8.72
CA GLY E 30 -23.99 59.98 7.43
C GLY E 30 -24.75 60.62 6.26
N SER E 31 -25.61 61.62 6.56
CA SER E 31 -26.42 62.25 5.51
C SER E 31 -25.58 63.14 4.58
N LEU E 32 -26.07 63.36 3.37
CA LEU E 32 -25.42 64.19 2.38
C LEU E 32 -25.21 65.56 2.99
N ASP E 33 -24.01 66.12 2.75
CA ASP E 33 -23.72 67.47 3.25
C ASP E 33 -23.40 68.32 2.02
N THR E 34 -24.42 68.96 1.44
CA THR E 34 -24.23 69.72 0.18
C THR E 34 -23.53 71.04 0.40
N ALA E 35 -23.76 71.67 1.54
CA ALA E 35 -23.06 72.90 1.88
C ALA E 35 -21.56 72.65 1.86
N THR E 36 -21.12 71.55 2.49
CA THR E 36 -19.69 71.24 2.52
C THR E 36 -19.18 70.86 1.12
N ALA E 37 -20.02 70.14 0.38
CA ALA E 37 -19.70 69.79 -1.02
C ALA E 37 -19.45 71.05 -1.80
N ALA E 38 -20.29 72.04 -1.57
CA ALA E 38 -20.10 73.35 -2.15
C ALA E 38 -18.75 73.98 -1.68
N ARG E 39 -18.42 73.84 -0.40
CA ARG E 39 -17.15 74.39 0.11
C ARG E 39 -16.02 73.71 -0.61
N LEU E 40 -16.16 72.40 -0.78
CA LEU E 40 -15.03 71.62 -1.26
C LEU E 40 -14.79 71.88 -2.73
N ALA E 41 -15.90 71.91 -3.48
CA ALA E 41 -15.81 72.20 -4.90
C ALA E 41 -15.16 73.58 -5.15
N ASN E 42 -15.58 74.63 -4.44
CA ASN E 42 -14.95 75.92 -4.55
C ASN E 42 -13.48 75.83 -4.22
N HIS E 43 -13.15 75.13 -3.15
CA HIS E 43 -11.77 75.02 -2.72
C HIS E 43 -10.91 74.37 -3.81
N LEU E 44 -11.42 73.25 -4.33
CA LEU E 44 -10.64 72.51 -5.31
C LEU E 44 -10.49 73.29 -6.59
N VAL E 45 -11.52 74.04 -6.98
CA VAL E 45 -11.38 74.87 -8.18
C VAL E 45 -10.36 75.97 -7.91
N ASP E 46 -10.43 76.61 -6.74
CA ASP E 46 -9.56 77.74 -6.42
C ASP E 46 -8.13 77.26 -6.33
N GLN E 47 -7.95 76.01 -5.92
CA GLN E 47 -6.63 75.41 -5.85
C GLN E 47 -6.04 75.07 -7.20
N GLY E 48 -6.86 75.04 -8.26
CA GLY E 48 -6.35 74.89 -9.63
C GLY E 48 -7.06 73.86 -10.50
N CYS E 49 -8.03 73.13 -9.93
CA CYS E 49 -8.86 72.23 -10.74
C CYS E 49 -9.75 73.06 -11.68
N ASP E 50 -9.84 72.66 -12.95
CA ASP E 50 -10.77 73.33 -13.87
C ASP E 50 -11.98 72.42 -14.18
N GLY E 51 -12.04 71.29 -13.50
CA GLY E 51 -13.19 70.46 -13.56
C GLY E 51 -13.27 69.60 -12.32
N LEU E 52 -14.42 68.96 -12.14
CA LEU E 52 -14.64 68.06 -11.03
C LEU E 52 -15.47 66.90 -11.51
N VAL E 53 -15.14 65.71 -11.08
CA VAL E 53 -16.06 64.61 -11.26
C VAL E 53 -16.82 64.40 -9.96
N VAL E 54 -18.14 64.46 -10.05
CA VAL E 54 -18.97 64.25 -8.88
C VAL E 54 -19.65 62.88 -8.95
N SER E 55 -19.76 62.23 -7.80
CA SER E 55 -20.44 60.95 -7.64
C SER E 55 -19.74 59.88 -8.46
N GLY E 56 -18.43 59.96 -8.50
CA GLY E 56 -17.65 58.86 -9.01
C GLY E 56 -17.39 57.91 -7.88
N THR E 57 -16.45 57.00 -8.09
CA THR E 57 -16.07 56.01 -7.09
C THR E 57 -15.59 56.69 -5.84
N THR E 58 -14.74 57.70 -6.02
CA THR E 58 -14.18 58.41 -4.88
C THR E 58 -15.27 59.25 -4.23
N GLY E 59 -16.29 59.59 -5.03
CA GLY E 59 -17.46 60.26 -4.52
C GLY E 59 -18.43 59.28 -3.85
N GLU E 60 -18.02 58.01 -3.70
CA GLU E 60 -18.84 56.97 -3.02
C GLU E 60 -20.15 56.76 -3.74
N SER E 61 -20.06 56.76 -5.06
CA SER E 61 -21.24 56.38 -5.87
C SER E 61 -21.92 55.08 -5.41
N PRO E 62 -21.17 54.10 -4.90
CA PRO E 62 -21.88 52.88 -4.45
C PRO E 62 -22.87 53.06 -3.31
N THR E 63 -22.66 54.05 -2.45
CA THR E 63 -23.42 54.11 -1.21
C THR E 63 -24.38 55.31 -1.17
N THR E 64 -24.39 56.09 -2.25
CA THR E 64 -25.31 57.21 -2.31
C THR E 64 -26.52 56.85 -3.19
N THR E 65 -27.63 57.49 -2.92
CA THR E 65 -28.86 57.23 -3.69
C THR E 65 -28.82 58.14 -4.92
N ASP E 66 -29.61 57.79 -5.92
CA ASP E 66 -29.85 58.66 -7.07
C ASP E 66 -30.18 60.08 -6.65
N GLY E 67 -31.08 60.21 -5.68
CA GLY E 67 -31.49 61.53 -5.19
C GLY E 67 -30.32 62.30 -4.61
N GLU E 68 -29.46 61.58 -3.89
CA GLU E 68 -28.28 62.21 -3.31
C GLU E 68 -27.35 62.68 -4.39
N LYS E 69 -27.19 61.85 -5.43
CA LYS E 69 -26.28 62.19 -6.52
C LYS E 69 -26.75 63.45 -7.25
N ILE E 70 -28.05 63.60 -7.43
CA ILE E 70 -28.59 64.72 -8.15
C ILE E 70 -28.45 65.96 -7.28
N GLU E 71 -28.77 65.80 -6.01
CA GLU E 71 -28.63 66.90 -5.08
C GLU E 71 -27.19 67.40 -5.09
N LEU E 72 -26.25 66.47 -4.98
CA LEU E 72 -24.84 66.80 -4.96
C LEU E 72 -24.47 67.55 -6.22
N LEU E 73 -24.82 66.98 -7.38
CA LEU E 73 -24.62 67.63 -8.68
C LEU E 73 -25.14 69.08 -8.75
N ARG E 74 -26.35 69.25 -8.25
CA ARG E 74 -27.02 70.55 -8.25
C ARG E 74 -26.28 71.52 -7.38
N ALA E 75 -25.73 71.03 -6.27
CA ALA E 75 -25.03 71.89 -5.34
C ALA E 75 -23.67 72.23 -5.91
N VAL E 76 -23.07 71.32 -6.66
CA VAL E 76 -21.73 71.55 -7.19
C VAL E 76 -21.89 72.40 -8.44
N LEU E 77 -22.95 72.15 -9.23
CA LEU E 77 -23.21 73.08 -10.34
C LEU E 77 -23.37 74.52 -9.88
N GLU E 78 -24.11 74.72 -8.78
CA GLU E 78 -24.34 76.04 -8.24
C GLU E 78 -23.02 76.66 -7.76
N ALA E 79 -22.20 75.88 -7.07
CA ALA E 79 -20.97 76.36 -6.48
C ALA E 79 -19.90 76.77 -7.51
N VAL E 80 -19.68 75.98 -8.54
CA VAL E 80 -18.52 76.23 -9.41
C VAL E 80 -18.85 76.05 -10.89
N GLY E 81 -20.11 75.74 -11.21
CA GLY E 81 -20.48 75.37 -12.57
C GLY E 81 -20.21 76.45 -13.59
N ASP E 82 -20.26 77.69 -13.13
CA ASP E 82 -19.96 78.83 -13.98
C ASP E 82 -18.47 78.99 -14.32
N ARG E 83 -17.60 78.26 -13.62
CA ARG E 83 -16.15 78.48 -13.81
C ARG E 83 -15.34 77.19 -13.79
N ALA E 84 -15.99 76.05 -13.59
CA ALA E 84 -15.37 74.73 -13.70
C ALA E 84 -16.33 73.78 -14.41
N ARG E 85 -15.76 72.74 -15.02
CA ARG E 85 -16.53 71.73 -15.70
C ARG E 85 -16.96 70.65 -14.68
N VAL E 86 -18.27 70.45 -14.53
CA VAL E 86 -18.81 69.50 -13.57
C VAL E 86 -19.24 68.27 -14.34
N ILE E 87 -18.46 67.20 -14.12
CA ILE E 87 -18.69 65.92 -14.74
C ILE E 87 -19.40 65.00 -13.71
N ALA E 88 -20.44 64.33 -14.18
CA ALA E 88 -21.30 63.50 -13.35
C ALA E 88 -20.99 62.04 -13.59
N GLY E 89 -20.69 61.33 -12.51
CA GLY E 89 -20.54 59.91 -12.59
C GLY E 89 -21.95 59.41 -12.80
N ALA E 90 -22.16 58.56 -13.79
CA ALA E 90 -23.49 58.00 -13.98
C ALA E 90 -23.25 56.64 -14.60
N GLY E 91 -22.89 55.66 -13.79
CA GLY E 91 -22.50 54.40 -14.38
C GLY E 91 -22.47 53.32 -13.36
N THR E 92 -23.16 52.26 -13.71
CA THR E 92 -23.29 51.11 -12.84
C THR E 92 -23.29 49.88 -13.73
N TYR E 93 -23.46 48.73 -13.10
CA TYR E 93 -23.51 47.48 -13.82
C TYR E 93 -24.94 47.17 -14.30
N ASP E 94 -25.74 48.23 -14.42
CA ASP E 94 -27.15 48.17 -14.78
C ASP E 94 -27.39 49.27 -15.80
N THR E 95 -27.54 48.84 -17.04
CA THR E 95 -27.67 49.76 -18.14
C THR E 95 -28.87 50.66 -17.98
N ALA E 96 -30.07 50.09 -17.81
CA ALA E 96 -31.28 50.93 -17.71
C ALA E 96 -31.14 51.93 -16.58
N HIS E 97 -30.66 51.46 -15.43
CA HIS E 97 -30.32 52.38 -14.35
C HIS E 97 -29.32 53.42 -14.79
N SER E 98 -28.32 53.02 -15.56
CA SER E 98 -27.26 53.94 -16.01
C SER E 98 -27.83 54.97 -16.95
N ILE E 99 -28.63 54.52 -17.91
CA ILE E 99 -29.39 55.45 -18.73
C ILE E 99 -30.18 56.49 -17.91
N ARG E 100 -30.97 56.03 -16.94
CA ARG E 100 -31.76 56.96 -16.08
C ARG E 100 -30.87 58.01 -15.43
N LEU E 101 -29.85 57.53 -14.75
CA LEU E 101 -29.02 58.38 -13.97
C LEU E 101 -28.33 59.42 -14.87
N ALA E 102 -27.86 58.99 -16.04
CA ALA E 102 -27.28 59.88 -17.08
C ALA E 102 -28.27 60.96 -17.54
N LYS E 103 -29.52 60.58 -17.73
CA LYS E 103 -30.55 61.52 -18.14
C LYS E 103 -30.86 62.56 -17.04
N ALA E 104 -30.89 62.08 -15.80
CA ALA E 104 -31.10 62.97 -14.68
C ALA E 104 -29.91 63.91 -14.50
N CYS E 105 -28.70 63.45 -14.81
CA CYS E 105 -27.54 64.34 -14.73
C CYS E 105 -27.60 65.40 -15.80
N ALA E 106 -27.93 64.97 -17.01
CA ALA E 106 -28.09 65.90 -18.12
C ALA E 106 -29.14 66.93 -17.77
N ALA E 107 -30.28 66.48 -17.24
CA ALA E 107 -31.37 67.39 -16.83
C ALA E 107 -30.94 68.40 -15.78
N GLU E 108 -30.03 68.01 -14.88
CA GLU E 108 -29.47 68.96 -13.90
C GLU E 108 -28.52 69.99 -14.49
N GLY E 109 -27.90 69.69 -15.63
CA GLY E 109 -27.00 70.60 -16.26
C GLY E 109 -25.57 70.15 -16.13
N ALA E 110 -25.33 68.85 -15.88
CA ALA E 110 -23.97 68.33 -15.86
C ALA E 110 -23.29 68.68 -17.16
N HIS E 111 -21.99 68.95 -17.11
CA HIS E 111 -21.27 69.30 -18.33
C HIS E 111 -20.81 68.09 -19.12
N GLY E 112 -20.84 66.93 -18.48
CA GLY E 112 -20.26 65.72 -19.04
C GLY E 112 -20.57 64.53 -18.17
N LEU E 113 -20.32 63.35 -18.68
CA LEU E 113 -20.55 62.14 -17.94
C LEU E 113 -19.28 61.33 -17.87
N LEU E 114 -19.10 60.66 -16.75
CA LEU E 114 -18.08 59.66 -16.60
C LEU E 114 -18.82 58.34 -16.38
N VAL E 115 -18.51 57.33 -17.20
CA VAL E 115 -19.22 56.09 -17.20
C VAL E 115 -18.27 54.91 -17.07
N VAL E 116 -18.31 54.28 -15.91
CA VAL E 116 -17.38 53.22 -15.60
C VAL E 116 -17.85 51.93 -16.24
N THR E 117 -16.91 51.08 -16.61
CA THR E 117 -17.21 49.73 -17.03
C THR E 117 -18.11 49.06 -15.98
N PRO E 118 -19.27 48.53 -16.41
CA PRO E 118 -20.07 47.73 -15.49
C PRO E 118 -19.20 46.76 -14.72
N TYR E 119 -19.27 46.84 -13.40
CA TYR E 119 -18.48 46.03 -12.50
C TYR E 119 -19.20 44.77 -12.07
N TYR E 120 -18.43 43.83 -11.51
CA TYR E 120 -18.93 42.67 -10.80
C TYR E 120 -19.52 41.57 -11.69
N SER E 121 -20.43 41.93 -12.59
CA SER E 121 -21.21 40.93 -13.34
C SER E 121 -20.48 40.45 -14.57
N LYS E 122 -19.38 41.14 -14.92
CA LYS E 122 -18.49 40.66 -16.00
C LYS E 122 -19.21 40.40 -17.31
N PRO E 123 -19.90 41.43 -17.86
CA PRO E 123 -20.52 41.25 -19.16
C PRO E 123 -19.45 41.04 -20.25
N PRO E 124 -19.83 40.39 -21.35
CA PRO E 124 -18.83 40.25 -22.40
C PRO E 124 -18.60 41.59 -23.11
N GLN E 125 -17.52 41.68 -23.89
CA GLN E 125 -17.23 42.93 -24.59
C GLN E 125 -18.44 43.48 -25.36
N ARG E 126 -19.22 42.60 -26.01
CA ARG E 126 -20.36 43.08 -26.79
C ARG E 126 -21.45 43.63 -25.87
N GLY E 127 -21.56 43.08 -24.65
CA GLY E 127 -22.41 43.67 -23.64
C GLY E 127 -21.93 45.07 -23.25
N LEU E 128 -20.62 45.19 -23.06
CA LEU E 128 -20.04 46.46 -22.69
C LEU E 128 -20.34 47.49 -23.79
N GLN E 129 -20.14 47.08 -25.05
CA GLN E 129 -20.35 47.99 -26.17
C GLN E 129 -21.82 48.47 -26.24
N ALA E 130 -22.72 47.51 -26.12
CA ALA E 130 -24.14 47.81 -26.07
C ALA E 130 -24.47 48.73 -24.89
N HIS E 131 -23.86 48.47 -23.74
CA HIS E 131 -24.13 49.27 -22.57
C HIS E 131 -23.67 50.73 -22.76
N PHE E 132 -22.43 50.90 -23.22
CA PHE E 132 -21.84 52.22 -23.34
C PHE E 132 -22.53 52.99 -24.46
N THR E 133 -22.82 52.30 -25.57
CA THR E 133 -23.61 52.85 -26.65
C THR E 133 -24.94 53.40 -26.14
N ALA E 134 -25.69 52.59 -25.38
CA ALA E 134 -27.03 52.98 -24.87
C ALA E 134 -26.93 54.18 -23.93
N VAL E 135 -25.90 54.20 -23.09
CA VAL E 135 -25.71 55.34 -22.20
C VAL E 135 -25.34 56.58 -23.01
N ALA E 136 -24.42 56.41 -23.95
CA ALA E 136 -24.02 57.49 -24.83
C ALA E 136 -25.18 58.01 -25.68
N ASP E 137 -26.09 57.12 -26.07
CA ASP E 137 -27.29 57.50 -26.79
C ASP E 137 -28.30 58.26 -25.95
N ALA E 138 -28.19 58.18 -24.62
CA ALA E 138 -29.24 58.62 -23.72
C ALA E 138 -29.33 60.11 -23.60
N THR E 139 -28.22 60.80 -23.79
CA THR E 139 -28.16 62.26 -23.65
C THR E 139 -27.22 62.79 -24.70
N GLU E 140 -27.09 64.12 -24.67
CA GLU E 140 -26.31 64.87 -25.62
C GLU E 140 -25.00 65.29 -24.99
N LEU E 141 -24.72 64.75 -23.82
CA LEU E 141 -23.54 65.14 -23.08
C LEU E 141 -22.29 64.43 -23.56
N PRO E 142 -21.14 65.12 -23.52
CA PRO E 142 -19.89 64.41 -23.80
C PRO E 142 -19.65 63.37 -22.70
N MET E 143 -19.05 62.25 -23.07
CA MET E 143 -18.97 61.12 -22.18
C MET E 143 -17.57 60.56 -22.19
N LEU E 144 -17.07 60.25 -20.99
CA LEU E 144 -15.83 59.53 -20.83
C LEU E 144 -16.09 58.13 -20.35
N LEU E 145 -15.40 57.17 -20.98
CA LEU E 145 -15.40 55.80 -20.55
C LEU E 145 -14.40 55.73 -19.42
N TYR E 146 -14.72 54.95 -18.40
CA TYR E 146 -13.78 54.79 -17.30
C TYR E 146 -13.33 53.34 -17.24
N ASP E 147 -12.13 53.12 -17.76
CA ASP E 147 -11.56 51.79 -17.87
C ASP E 147 -10.72 51.52 -16.62
N ILE E 148 -11.30 50.71 -15.73
CA ILE E 148 -10.64 50.32 -14.50
C ILE E 148 -10.89 48.83 -14.15
N PRO E 149 -10.24 47.91 -14.89
CA PRO E 149 -10.57 46.49 -14.70
C PRO E 149 -10.22 46.05 -13.28
N GLY E 150 -9.34 46.79 -12.62
CA GLY E 150 -8.90 46.41 -11.27
C GLY E 150 -10.05 46.51 -10.28
N ARG E 151 -11.07 47.29 -10.62
CA ARG E 151 -12.29 47.41 -9.80
C ARG E 151 -13.44 46.69 -10.46
N SER E 152 -13.58 46.86 -11.77
CA SER E 152 -14.76 46.34 -12.48
C SER E 152 -14.67 44.88 -12.81
N ALA E 153 -13.46 44.30 -12.76
CA ALA E 153 -13.23 42.88 -13.10
C ALA E 153 -13.26 42.53 -14.58
N VAL E 154 -13.52 43.51 -15.44
CA VAL E 154 -13.32 43.36 -16.87
C VAL E 154 -12.71 44.63 -17.42
N PRO E 155 -11.82 44.50 -18.42
CA PRO E 155 -11.32 45.72 -19.09
C PRO E 155 -12.29 46.15 -20.20
N ILE E 156 -12.20 47.39 -20.65
CA ILE E 156 -12.78 47.70 -21.96
C ILE E 156 -11.64 47.36 -22.93
N GLU E 157 -11.82 46.30 -23.69
CA GLU E 157 -10.78 45.86 -24.58
C GLU E 157 -10.50 46.89 -25.69
N PRO E 158 -9.24 46.99 -26.16
CA PRO E 158 -8.94 48.02 -27.17
C PRO E 158 -9.90 48.08 -28.38
N ASP E 159 -10.36 46.93 -28.87
CA ASP E 159 -11.29 46.91 -30.00
C ASP E 159 -12.64 47.49 -29.62
N THR E 160 -13.02 47.28 -28.36
CA THR E 160 -14.27 47.82 -27.87
C THR E 160 -14.13 49.34 -27.73
N ILE E 161 -13.03 49.79 -27.12
CA ILE E 161 -12.80 51.22 -27.03
C ILE E 161 -12.86 51.82 -28.42
N ARG E 162 -12.11 51.24 -29.37
CA ARG E 162 -12.08 51.72 -30.76
C ARG E 162 -13.46 51.77 -31.45
N ALA E 163 -14.28 50.77 -31.20
CA ALA E 163 -15.64 50.75 -31.74
C ALA E 163 -16.47 51.89 -31.12
N LEU E 164 -16.30 52.06 -29.82
CA LEU E 164 -17.00 53.08 -29.09
C LEU E 164 -16.59 54.51 -29.48
N ALA E 165 -15.34 54.65 -29.93
CA ALA E 165 -14.78 55.96 -30.28
C ALA E 165 -15.58 56.69 -31.34
N SER E 166 -16.15 55.95 -32.29
CA SER E 166 -16.94 56.50 -33.37
C SER E 166 -18.24 57.14 -32.85
N HIS E 167 -18.68 56.76 -31.63
CA HIS E 167 -19.89 57.39 -31.06
C HIS E 167 -19.63 58.87 -30.88
N PRO E 168 -20.52 59.72 -31.46
CA PRO E 168 -20.30 61.17 -31.37
C PRO E 168 -20.21 61.71 -29.93
N ASN E 169 -20.87 61.05 -28.99
CA ASN E 169 -20.87 61.53 -27.62
C ASN E 169 -19.74 61.00 -26.74
N ILE E 170 -19.09 59.94 -27.20
CA ILE E 170 -18.00 59.33 -26.43
C ILE E 170 -16.70 60.01 -26.87
N VAL E 171 -16.13 60.81 -25.97
CA VAL E 171 -15.05 61.68 -26.37
C VAL E 171 -13.70 61.31 -25.78
N GLY E 172 -13.68 60.42 -24.81
CA GLY E 172 -12.42 60.07 -24.18
C GLY E 172 -12.52 58.96 -23.19
N VAL E 173 -11.37 58.73 -22.53
CA VAL E 173 -11.20 57.64 -21.59
C VAL E 173 -10.50 58.13 -20.34
N LYS E 174 -11.11 57.91 -19.19
CA LYS E 174 -10.37 57.95 -17.93
C LYS E 174 -9.74 56.58 -17.73
N ASP E 175 -8.42 56.53 -17.78
CA ASP E 175 -7.76 55.27 -17.70
C ASP E 175 -7.22 54.97 -16.31
N ALA E 176 -7.55 53.79 -15.82
CA ALA E 176 -6.85 53.23 -14.71
C ALA E 176 -6.26 51.86 -15.08
N LYS E 177 -6.28 51.50 -16.36
CA LYS E 177 -5.83 50.16 -16.79
C LYS E 177 -4.32 50.13 -16.99
N ALA E 178 -3.72 51.30 -17.16
CA ALA E 178 -2.26 51.44 -17.27
C ALA E 178 -1.68 50.76 -18.53
N ASP E 179 -2.49 50.54 -19.55
CA ASP E 179 -1.91 50.07 -20.79
C ASP E 179 -1.51 51.30 -21.61
N LEU E 180 -0.39 51.90 -21.21
CA LEU E 180 0.12 53.11 -21.84
C LEU E 180 0.31 52.92 -23.35
N HIS E 181 0.92 51.84 -23.72
CA HIS E 181 1.13 51.57 -25.12
C HIS E 181 -0.15 51.49 -25.93
N SER E 182 -1.15 50.80 -25.38
CA SER E 182 -2.40 50.66 -26.10
C SER E 182 -3.14 52.00 -26.17
N GLY E 183 -3.31 52.67 -25.03
CA GLY E 183 -3.95 54.00 -24.99
C GLY E 183 -3.29 54.99 -25.94
N ALA E 184 -1.96 54.99 -25.98
CA ALA E 184 -1.24 55.84 -26.94
C ALA E 184 -1.72 55.59 -28.36
N GLN E 185 -1.81 54.32 -28.75
CA GLN E 185 -2.26 53.98 -30.10
C GLN E 185 -3.71 54.35 -30.31
N ILE E 186 -4.55 54.01 -29.35
CA ILE E 186 -5.97 54.40 -29.41
C ILE E 186 -6.10 55.91 -29.65
N MET E 187 -5.38 56.69 -28.87
CA MET E 187 -5.41 58.16 -29.05
C MET E 187 -4.99 58.57 -30.42
N ALA E 188 -3.94 57.94 -30.93
CA ALA E 188 -3.42 58.26 -32.26
C ALA E 188 -4.42 57.89 -33.33
N ASP E 189 -5.12 56.78 -33.12
CA ASP E 189 -6.03 56.25 -34.14
C ASP E 189 -7.43 56.87 -34.13
N THR E 190 -7.90 57.22 -32.94
CA THR E 190 -9.29 57.62 -32.79
C THR E 190 -9.47 59.07 -32.34
N GLY E 191 -8.40 59.66 -31.80
CA GLY E 191 -8.48 61.03 -31.28
C GLY E 191 -9.29 61.10 -29.99
N LEU E 192 -9.59 59.94 -29.39
CA LEU E 192 -10.13 59.93 -28.05
C LEU E 192 -9.15 60.65 -27.12
N ALA E 193 -9.66 61.53 -26.26
CA ALA E 193 -8.86 62.12 -25.19
C ALA E 193 -8.68 61.12 -24.05
N TYR E 194 -7.48 61.08 -23.47
CA TYR E 194 -7.28 60.28 -22.28
C TYR E 194 -7.05 61.17 -21.11
N TYR E 195 -7.62 60.78 -19.98
CA TYR E 195 -7.29 61.34 -18.69
C TYR E 195 -6.63 60.28 -17.84
N SER E 196 -5.56 60.67 -17.13
CA SER E 196 -4.98 59.74 -16.15
C SER E 196 -6.02 59.55 -15.05
N GLY E 197 -6.41 58.30 -14.85
CA GLY E 197 -7.31 57.95 -13.76
C GLY E 197 -6.60 57.26 -12.60
N ASP E 198 -5.29 57.34 -12.59
CA ASP E 198 -4.51 56.74 -11.57
C ASP E 198 -3.37 57.68 -11.37
N ASP E 199 -3.37 58.36 -10.22
CA ASP E 199 -2.34 59.37 -9.90
C ASP E 199 -0.91 58.87 -10.06
N ALA E 200 -0.69 57.56 -9.80
CA ALA E 200 0.63 56.95 -9.98
C ALA E 200 1.11 57.16 -11.40
N LEU E 201 0.16 57.19 -12.35
CA LEU E 201 0.51 57.29 -13.78
C LEU E 201 0.29 58.63 -14.47
N ASN E 202 0.03 59.67 -13.67
CA ASN E 202 -0.18 61.02 -14.17
C ASN E 202 0.88 61.48 -15.17
N LEU E 203 2.11 61.47 -14.72
CA LEU E 203 3.21 61.89 -15.57
C LEU E 203 3.44 60.99 -16.80
N PRO E 204 3.53 59.64 -16.61
CA PRO E 204 3.55 58.77 -17.81
C PRO E 204 2.39 59.05 -18.80
N TRP E 205 1.18 59.23 -18.29
CA TRP E 205 0.04 59.52 -19.16
C TRP E 205 0.22 60.82 -19.96
N LEU E 206 0.69 61.88 -19.30
CA LEU E 206 1.02 63.12 -20.01
C LEU E 206 2.04 62.87 -21.12
N ALA E 207 3.09 62.09 -20.83
CA ALA E 207 4.09 61.75 -21.87
C ALA E 207 3.41 61.11 -23.08
N MET E 208 2.43 60.24 -22.82
CA MET E 208 1.70 59.55 -23.90
C MET E 208 0.59 60.40 -24.58
N GLY E 209 0.39 61.63 -24.11
CA GLY E 209 -0.55 62.58 -24.71
C GLY E 209 -1.88 62.72 -24.01
N ALA E 210 -1.98 62.23 -22.78
CA ALA E 210 -3.21 62.44 -22.01
C ALA E 210 -3.51 63.95 -21.91
N THR E 211 -4.79 64.27 -21.82
CA THR E 211 -5.29 65.63 -21.78
C THR E 211 -5.11 66.23 -20.38
N GLY E 212 -5.13 65.36 -19.38
CA GLY E 212 -4.97 65.77 -18.02
C GLY E 212 -5.28 64.62 -17.08
N PHE E 213 -5.70 64.98 -15.87
CA PHE E 213 -5.85 64.05 -14.77
C PHE E 213 -7.28 64.17 -14.27
N ILE E 214 -7.89 63.03 -14.00
CA ILE E 214 -9.00 62.99 -13.09
C ILE E 214 -8.48 62.31 -11.84
N SER E 215 -8.08 63.15 -10.89
CA SER E 215 -7.18 62.79 -9.80
C SER E 215 -7.89 62.61 -8.45
N VAL E 216 -7.35 61.71 -7.64
CA VAL E 216 -7.79 61.59 -6.27
C VAL E 216 -6.96 62.50 -5.36
N ILE E 217 -5.64 62.53 -5.63
CA ILE E 217 -4.74 63.22 -4.72
C ILE E 217 -4.84 64.71 -4.91
N ALA E 218 -5.56 65.11 -5.98
CA ALA E 218 -5.90 66.52 -6.20
C ALA E 218 -6.69 67.07 -5.04
N HIS E 219 -7.34 66.22 -4.27
CA HIS E 219 -8.05 66.68 -3.06
C HIS E 219 -7.09 67.44 -2.17
N LEU E 220 -5.86 66.96 -2.13
CA LEU E 220 -4.89 67.43 -1.17
C LEU E 220 -3.84 68.30 -1.81
N ALA E 221 -3.58 68.08 -3.11
CA ALA E 221 -2.42 68.71 -3.77
C ALA E 221 -2.76 69.23 -5.14
N ALA E 222 -3.98 69.71 -5.32
CA ALA E 222 -4.40 70.20 -6.64
C ALA E 222 -3.44 71.25 -7.17
N GLY E 223 -3.00 72.17 -6.32
CA GLY E 223 -2.07 73.25 -6.76
C GLY E 223 -0.82 72.66 -7.42
N GLN E 224 -0.24 71.66 -6.79
CA GLN E 224 0.99 71.03 -7.34
C GLN E 224 0.69 70.27 -8.63
N LEU E 225 -0.44 69.59 -8.69
CA LEU E 225 -0.79 68.89 -9.94
C LEU E 225 -0.99 69.87 -11.08
N ARG E 226 -1.66 70.97 -10.80
CA ARG E 226 -1.76 72.05 -11.77
C ARG E 226 -0.32 72.59 -12.18
N GLU E 227 0.58 72.77 -11.20
CA GLU E 227 1.96 73.17 -11.52
C GLU E 227 2.58 72.07 -12.43
N LEU E 228 2.34 70.83 -12.09
CA LEU E 228 2.78 69.69 -12.92
C LEU E 228 2.29 69.81 -14.39
N LEU E 229 0.96 69.96 -14.57
CA LEU E 229 0.38 70.11 -15.88
C LEU E 229 1.01 71.26 -16.65
N SER E 230 1.15 72.43 -16.02
CA SER E 230 1.68 73.58 -16.70
C SER E 230 3.12 73.32 -17.02
N ALA E 231 3.84 72.63 -16.13
CA ALA E 231 5.27 72.45 -16.39
C ALA E 231 5.48 71.47 -17.56
N PHE E 232 4.84 70.32 -17.52
CA PHE E 232 4.86 69.47 -18.68
C PHE E 232 4.42 70.22 -19.94
N GLY E 233 3.32 70.98 -19.82
CA GLY E 233 2.70 71.66 -20.96
C GLY E 233 3.66 72.62 -21.65
N SER E 234 4.52 73.27 -20.86
CA SER E 234 5.56 74.14 -21.40
C SER E 234 6.89 73.40 -21.71
N GLY E 235 6.92 72.07 -21.62
CA GLY E 235 8.13 71.30 -21.96
C GLY E 235 9.22 71.23 -20.88
N ASP E 236 8.94 71.79 -19.71
CA ASP E 236 9.82 71.64 -18.55
C ASP E 236 9.53 70.32 -17.82
N ILE E 237 9.99 69.21 -18.43
CA ILE E 237 9.77 67.86 -17.94
C ILE E 237 10.44 67.65 -16.58
N ALA E 238 11.59 68.27 -16.38
CA ALA E 238 12.31 68.11 -15.13
C ALA E 238 11.53 68.70 -13.99
N THR E 239 10.91 69.85 -14.22
CA THR E 239 10.09 70.44 -13.20
C THR E 239 8.89 69.55 -12.96
N ALA E 240 8.27 69.06 -14.02
CA ALA E 240 7.11 68.21 -13.88
C ALA E 240 7.44 66.97 -13.04
N ARG E 241 8.60 66.40 -13.32
CA ARG E 241 9.09 65.21 -12.65
C ARG E 241 9.38 65.50 -11.16
N LYS E 242 10.09 66.59 -10.87
CA LYS E 242 10.20 67.08 -9.48
C LYS E 242 8.86 67.16 -8.76
N ILE E 243 7.87 67.75 -9.42
CA ILE E 243 6.58 67.93 -8.81
C ILE E 243 5.99 66.54 -8.54
N ASN E 244 6.09 65.66 -9.54
CA ASN E 244 5.54 64.32 -9.43
C ASN E 244 6.18 63.56 -8.27
N ILE E 245 7.48 63.75 -8.11
CA ILE E 245 8.17 63.18 -6.98
C ILE E 245 7.67 63.75 -5.67
N ALA E 246 7.52 65.09 -5.63
CA ALA E 246 7.07 65.79 -4.43
C ALA E 246 5.72 65.25 -3.91
N VAL E 247 4.78 64.93 -4.81
CA VAL E 247 3.46 64.47 -4.36
C VAL E 247 3.37 62.97 -4.21
N ALA E 248 4.43 62.26 -4.57
CA ALA E 248 4.42 60.81 -4.56
C ALA E 248 3.95 60.19 -3.22
N PRO E 249 4.35 60.76 -2.08
CA PRO E 249 3.88 60.24 -0.80
C PRO E 249 2.39 60.20 -0.66
N LEU E 250 1.69 61.11 -1.34
CA LEU E 250 0.23 61.07 -1.31
C LEU E 250 -0.29 59.85 -2.03
N CYS E 251 0.33 59.56 -3.18
CA CYS E 251 -0.01 58.36 -3.94
C CYS E 251 0.36 57.12 -3.11
N ASN E 252 1.52 57.11 -2.45
CA ASN E 252 1.80 56.03 -1.48
C ASN E 252 0.72 55.82 -0.38
N ALA E 253 0.31 56.90 0.27
CA ALA E 253 -0.74 56.87 1.27
C ALA E 253 -2.02 56.32 0.64
N MET E 254 -2.30 56.72 -0.59
CA MET E 254 -3.45 56.20 -1.28
C MET E 254 -3.42 54.70 -1.43
N SER E 255 -2.23 54.13 -1.66
CA SER E 255 -2.09 52.66 -1.75
C SER E 255 -2.43 51.99 -0.44
N ARG E 256 -2.09 52.64 0.67
CA ARG E 256 -2.41 52.11 1.98
C ARG E 256 -3.91 52.23 2.26
N LEU E 257 -4.54 53.32 1.85
CA LEU E 257 -5.85 53.69 2.42
C LEU E 257 -7.00 53.54 1.44
N GLY E 258 -6.68 53.54 0.16
CA GLY E 258 -7.70 53.80 -0.88
C GLY E 258 -8.13 55.27 -0.89
N GLY E 259 -8.65 55.70 -2.02
CA GLY E 259 -8.95 57.11 -2.27
C GLY E 259 -9.98 57.73 -1.37
N VAL E 260 -11.01 56.95 -1.05
CA VAL E 260 -12.10 57.47 -0.24
C VAL E 260 -11.58 57.79 1.16
N THR E 261 -11.05 56.79 1.84
CA THR E 261 -10.45 57.00 3.16
C THR E 261 -9.35 58.08 3.16
N LEU E 262 -8.48 58.02 2.16
CA LEU E 262 -7.43 59.00 2.06
C LEU E 262 -7.96 60.43 1.92
N SER E 263 -8.88 60.61 0.97
CA SER E 263 -9.38 61.93 0.68
C SER E 263 -10.09 62.59 1.87
N LYS E 264 -10.89 61.83 2.60
CA LYS E 264 -11.70 62.40 3.66
C LYS E 264 -10.79 62.63 4.86
N ALA E 265 -9.84 61.73 5.10
CA ALA E 265 -8.93 61.94 6.23
C ALA E 265 -7.94 63.07 5.97
N GLY E 266 -7.49 63.18 4.73
CA GLY E 266 -6.52 64.21 4.36
C GLY E 266 -7.13 65.58 4.35
N LEU E 267 -8.36 65.68 3.84
CA LEU E 267 -9.05 66.94 3.83
C LEU E 267 -9.25 67.44 5.26
N ARG E 268 -9.73 66.56 6.15
CA ARG E 268 -9.89 66.91 7.56
C ARG E 268 -8.54 67.40 8.08
N LEU E 269 -7.46 66.69 7.78
CA LEU E 269 -6.14 67.14 8.28
C LEU E 269 -5.76 68.52 7.79
N GLN E 270 -6.19 68.86 6.58
CA GLN E 270 -5.98 70.19 6.05
C GLN E 270 -6.95 71.26 6.59
N GLY E 271 -7.96 70.88 7.40
CA GLY E 271 -8.89 71.86 7.94
C GLY E 271 -10.19 71.91 7.16
N ILE E 272 -10.39 70.95 6.26
CA ILE E 272 -11.67 70.83 5.57
C ILE E 272 -12.33 69.51 5.91
N ASP E 273 -13.12 69.52 6.98
CA ASP E 273 -13.81 68.33 7.40
C ASP E 273 -14.90 68.03 6.38
N VAL E 274 -14.88 66.84 5.83
CA VAL E 274 -15.87 66.43 4.86
C VAL E 274 -16.54 65.15 5.38
N GLY E 275 -16.48 64.94 6.69
CA GLY E 275 -17.09 63.77 7.34
C GLY E 275 -16.35 62.47 7.03
N ASP E 276 -17.07 61.38 7.21
CA ASP E 276 -16.54 60.06 7.13
C ASP E 276 -17.19 59.24 6.01
N PRO E 277 -16.50 58.18 5.53
CA PRO E 277 -17.13 57.29 4.53
C PRO E 277 -18.39 56.61 5.04
N ARG E 278 -19.22 56.19 4.10
CA ARG E 278 -20.26 55.23 4.39
C ARG E 278 -19.78 53.84 4.18
N LEU E 279 -20.20 52.96 5.08
CA LEU E 279 -19.95 51.52 5.03
C LEU E 279 -20.37 50.98 3.68
N PRO E 280 -19.59 50.03 3.11
CA PRO E 280 -18.44 49.30 3.67
C PRO E 280 -17.10 50.07 3.65
N GLN E 281 -17.12 51.33 3.21
CA GLN E 281 -15.93 52.18 3.36
C GLN E 281 -15.79 52.62 4.80
N VAL E 282 -14.57 52.92 5.23
CA VAL E 282 -14.31 53.22 6.63
C VAL E 282 -13.39 54.44 6.76
N ALA E 283 -13.52 55.12 7.90
CA ALA E 283 -12.70 56.27 8.20
C ALA E 283 -11.31 55.77 8.60
N ALA E 284 -10.28 56.54 8.26
CA ALA E 284 -8.91 56.27 8.71
C ALA E 284 -8.85 56.12 10.22
N THR E 285 -8.08 55.15 10.69
CA THR E 285 -7.81 54.96 12.11
C THR E 285 -6.78 56.00 12.51
N PRO E 286 -6.48 56.13 13.81
CA PRO E 286 -5.52 57.11 14.26
C PRO E 286 -4.10 56.87 13.70
N GLU E 287 -3.72 55.59 13.54
CA GLU E 287 -2.40 55.25 13.02
C GLU E 287 -2.30 55.58 11.54
N GLN E 288 -3.41 55.39 10.82
CA GLN E 288 -3.42 55.66 9.40
C GLN E 288 -3.33 57.15 9.19
N ILE E 289 -3.87 57.92 10.14
CA ILE E 289 -3.95 59.37 10.04
C ILE E 289 -2.55 59.90 10.24
N ASP E 290 -1.87 59.43 11.28
CA ASP E 290 -0.48 59.84 11.51
C ASP E 290 0.39 59.55 10.27
N ALA E 291 0.24 58.32 9.75
CA ALA E 291 1.06 57.90 8.63
C ALA E 291 0.74 58.76 7.41
N LEU E 292 -0.55 59.04 7.22
CA LEU E 292 -1.00 59.94 6.17
C LEU E 292 -0.44 61.34 6.36
N ALA E 293 -0.51 61.85 7.59
CA ALA E 293 -0.02 63.18 7.85
C ALA E 293 1.48 63.28 7.48
N ALA E 294 2.25 62.26 7.83
CA ALA E 294 3.68 62.21 7.47
C ALA E 294 3.88 62.31 5.94
N ASP E 295 3.08 61.56 5.19
CA ASP E 295 3.12 61.67 3.75
C ASP E 295 2.79 63.08 3.29
N MET E 296 1.79 63.67 3.94
CA MET E 296 1.28 64.98 3.52
C MET E 296 2.30 66.05 3.77
N ARG E 297 2.96 65.98 4.91
CA ARG E 297 4.08 66.91 5.19
C ARG E 297 5.15 66.70 4.19
N ALA E 298 5.50 65.44 3.93
CA ALA E 298 6.56 65.15 2.99
C ALA E 298 6.23 65.88 1.68
N ALA E 299 4.95 65.86 1.31
CA ALA E 299 4.47 66.43 0.07
C ALA E 299 4.22 67.91 0.17
N SER E 300 4.54 68.51 1.32
CA SER E 300 4.34 69.95 1.53
C SER E 300 2.88 70.40 1.33
N VAL E 301 1.93 69.55 1.74
CA VAL E 301 0.52 69.90 1.70
C VAL E 301 -0.09 69.86 3.10
N LEU E 302 0.78 69.76 4.09
CA LEU E 302 0.40 69.83 5.50
C LEU E 302 1.59 70.34 6.28
N ARG E 303 1.36 71.22 7.24
CA ARG E 303 2.41 71.60 8.15
C ARG E 303 2.43 70.63 9.37
N GLY F 8 -25.31 21.34 15.31
CA GLY F 8 -26.38 21.95 16.17
C GLY F 8 -27.36 22.80 15.35
N PHE F 9 -26.82 23.75 14.58
CA PHE F 9 -27.47 24.28 13.38
C PHE F 9 -27.16 23.32 12.19
N ASP F 10 -28.22 22.80 11.53
CA ASP F 10 -28.03 21.82 10.44
C ASP F 10 -27.94 22.49 9.05
N VAL F 11 -26.74 22.86 8.62
CA VAL F 11 -26.60 23.62 7.37
C VAL F 11 -27.19 22.91 6.15
N ALA F 12 -26.87 21.63 6.02
CA ALA F 12 -27.40 20.82 4.93
C ALA F 12 -28.93 20.76 4.91
N ALA F 13 -29.57 20.68 6.07
CA ALA F 13 -31.04 20.69 6.13
C ALA F 13 -31.61 22.09 5.95
N ARG F 14 -30.96 23.06 6.56
CA ARG F 14 -31.49 24.43 6.59
C ARG F 14 -31.25 25.21 5.30
N LEU F 15 -30.19 24.85 4.58
CA LEU F 15 -29.81 25.58 3.38
C LEU F 15 -29.79 24.71 2.15
N GLY F 16 -29.53 23.42 2.35
CA GLY F 16 -29.52 22.47 1.24
C GLY F 16 -28.15 21.90 0.92
N THR F 17 -28.13 21.02 -0.08
CA THR F 17 -26.91 20.40 -0.55
C THR F 17 -26.69 20.68 -2.03
N LEU F 18 -27.78 20.74 -2.78
CA LEU F 18 -27.71 21.13 -4.18
C LEU F 18 -28.64 22.27 -4.43
N LEU F 19 -28.06 23.45 -4.66
CA LEU F 19 -28.82 24.65 -4.97
C LEU F 19 -28.42 25.18 -6.32
N THR F 20 -29.41 25.68 -7.05
CA THR F 20 -29.13 26.42 -8.27
C THR F 20 -29.07 27.91 -7.95
N ALA F 21 -27.99 28.55 -8.39
CA ALA F 21 -27.90 30.00 -8.44
C ALA F 21 -28.85 30.40 -9.56
N MET F 22 -30.13 30.49 -9.25
CA MET F 22 -31.17 30.50 -10.28
C MET F 22 -31.27 31.82 -11.06
N VAL F 23 -31.44 31.70 -12.38
CA VAL F 23 -31.75 32.87 -13.21
C VAL F 23 -33.09 33.46 -12.82
N THR F 24 -33.23 34.74 -13.14
CA THR F 24 -34.51 35.43 -13.00
C THR F 24 -35.10 35.52 -14.38
N PRO F 25 -36.15 34.75 -14.63
CA PRO F 25 -36.80 34.80 -15.93
C PRO F 25 -37.39 36.16 -16.22
N PHE F 26 -37.22 36.62 -17.45
CA PHE F 26 -37.84 37.86 -17.91
C PHE F 26 -38.76 37.55 -19.08
N SER F 27 -39.83 38.33 -19.20
CA SER F 27 -40.73 38.23 -20.35
C SER F 27 -40.05 38.78 -21.61
N GLY F 28 -40.70 38.54 -22.76
CA GLY F 28 -40.25 39.01 -24.07
C GLY F 28 -39.91 40.49 -24.08
N ASP F 29 -40.74 41.30 -23.41
CA ASP F 29 -40.50 42.75 -23.24
C ASP F 29 -39.50 43.13 -22.14
N GLY F 30 -38.91 42.14 -21.48
CA GLY F 30 -37.89 42.37 -20.46
C GLY F 30 -38.32 42.39 -19.00
N SER F 31 -39.62 42.44 -18.76
CA SER F 31 -40.18 42.52 -17.41
C SER F 31 -40.05 41.19 -16.67
N LEU F 32 -40.13 41.26 -15.35
CA LEU F 32 -40.08 40.07 -14.50
C LEU F 32 -41.16 39.06 -14.90
N ASP F 33 -40.77 37.79 -15.01
CA ASP F 33 -41.70 36.74 -15.34
C ASP F 33 -41.82 35.74 -14.17
N THR F 34 -42.67 36.04 -13.20
CA THR F 34 -42.76 35.22 -11.99
C THR F 34 -43.40 33.86 -12.23
N ALA F 35 -44.30 33.79 -13.20
CA ALA F 35 -44.93 32.51 -13.54
C ALA F 35 -43.86 31.53 -14.02
N THR F 36 -42.96 32.00 -14.88
CA THR F 36 -41.90 31.14 -15.38
C THR F 36 -40.91 30.81 -14.26
N ALA F 37 -40.67 31.76 -13.37
CA ALA F 37 -39.75 31.57 -12.24
C ALA F 37 -40.26 30.41 -11.39
N ALA F 38 -41.60 30.33 -11.25
CA ALA F 38 -42.29 29.27 -10.52
C ALA F 38 -42.19 27.90 -11.18
N ARG F 39 -42.27 27.84 -12.51
CA ARG F 39 -42.07 26.58 -13.25
C ARG F 39 -40.61 26.17 -13.08
N LEU F 40 -39.74 27.14 -13.32
CA LEU F 40 -38.30 26.88 -13.24
C LEU F 40 -37.90 26.33 -11.89
N ALA F 41 -38.35 26.98 -10.83
CA ALA F 41 -38.07 26.56 -9.46
C ALA F 41 -38.63 25.15 -9.23
N ASN F 42 -39.84 24.90 -9.68
CA ASN F 42 -40.37 23.54 -9.56
C ASN F 42 -39.56 22.51 -10.32
N HIS F 43 -39.16 22.89 -11.52
CA HIS F 43 -38.38 22.02 -12.38
C HIS F 43 -37.05 21.68 -11.72
N LEU F 44 -36.40 22.70 -11.17
CA LEU F 44 -35.06 22.54 -10.62
C LEU F 44 -35.10 21.69 -9.35
N VAL F 45 -36.15 21.87 -8.56
CA VAL F 45 -36.33 21.06 -7.35
C VAL F 45 -36.67 19.63 -7.74
N ASP F 46 -37.60 19.48 -8.68
CA ASP F 46 -37.93 18.13 -9.19
C ASP F 46 -36.72 17.39 -9.74
N GLN F 47 -35.83 18.13 -10.37
CA GLN F 47 -34.63 17.55 -10.95
C GLN F 47 -33.57 17.17 -9.88
N GLY F 48 -33.76 17.59 -8.63
CA GLY F 48 -32.89 17.18 -7.53
C GLY F 48 -32.24 18.27 -6.68
N CYS F 49 -32.49 19.54 -6.99
CA CYS F 49 -32.05 20.59 -6.10
C CYS F 49 -32.92 20.56 -4.86
N ASP F 50 -32.31 20.71 -3.68
CA ASP F 50 -33.09 20.84 -2.45
C ASP F 50 -33.05 22.30 -1.91
N GLY F 51 -32.44 23.19 -2.68
CA GLY F 51 -32.43 24.60 -2.37
C GLY F 51 -32.26 25.40 -3.65
N LEU F 52 -32.58 26.69 -3.57
CA LEU F 52 -32.37 27.61 -4.67
C LEU F 52 -31.89 28.92 -4.09
N VAL F 53 -30.92 29.55 -4.79
CA VAL F 53 -30.55 30.92 -4.48
C VAL F 53 -31.26 31.77 -5.51
N VAL F 54 -32.08 32.70 -5.03
CA VAL F 54 -32.79 33.59 -5.91
C VAL F 54 -32.16 34.96 -5.81
N SER F 55 -32.17 35.67 -6.92
CA SER F 55 -31.62 37.02 -7.04
C SER F 55 -30.15 37.13 -6.68
N GLY F 56 -29.37 36.12 -7.04
CA GLY F 56 -27.93 36.19 -6.93
C GLY F 56 -27.40 36.76 -8.24
N THR F 57 -26.09 36.67 -8.42
CA THR F 57 -25.43 37.13 -9.62
C THR F 57 -26.04 36.50 -10.86
N THR F 58 -26.24 35.18 -10.82
CA THR F 58 -26.79 34.46 -11.96
C THR F 58 -28.26 34.82 -12.14
N GLY F 59 -28.93 35.19 -11.05
CA GLY F 59 -30.27 35.75 -11.11
C GLY F 59 -30.31 37.23 -11.50
N GLU F 60 -29.17 37.75 -11.97
CA GLU F 60 -29.05 39.10 -12.49
C GLU F 60 -29.48 40.12 -11.46
N SER F 61 -29.08 39.89 -10.21
CA SER F 61 -29.20 40.88 -9.16
C SER F 61 -28.82 42.31 -9.59
N PRO F 62 -27.78 42.49 -10.43
CA PRO F 62 -27.41 43.88 -10.78
C PRO F 62 -28.49 44.65 -11.56
N THR F 63 -29.29 43.94 -12.35
CA THR F 63 -30.22 44.62 -13.24
C THR F 63 -31.68 44.55 -12.79
N THR F 64 -31.94 43.91 -11.65
CA THR F 64 -33.31 43.88 -11.11
C THR F 64 -33.46 44.88 -9.96
N THR F 65 -34.68 45.39 -9.81
CA THR F 65 -35.00 46.33 -8.73
C THR F 65 -35.23 45.51 -7.46
N ASP F 66 -35.21 46.20 -6.32
CA ASP F 66 -35.61 45.61 -5.04
C ASP F 66 -36.99 44.96 -5.13
N GLY F 67 -37.91 45.68 -5.76
CA GLY F 67 -39.30 45.24 -5.93
C GLY F 67 -39.37 43.93 -6.70
N GLU F 68 -38.62 43.85 -7.78
CA GLU F 68 -38.56 42.63 -8.57
C GLU F 68 -37.99 41.50 -7.75
N LYS F 69 -36.91 41.75 -7.01
CA LYS F 69 -36.30 40.69 -6.18
C LYS F 69 -37.33 40.12 -5.19
N ILE F 70 -38.12 41.00 -4.59
CA ILE F 70 -39.09 40.58 -3.60
C ILE F 70 -40.21 39.76 -4.24
N GLU F 71 -40.76 40.24 -5.36
CA GLU F 71 -41.77 39.47 -6.07
C GLU F 71 -41.20 38.17 -6.68
N LEU F 72 -39.90 38.15 -7.01
CA LEU F 72 -39.31 36.87 -7.40
C LEU F 72 -39.22 35.96 -6.18
N LEU F 73 -38.70 36.52 -5.07
CA LEU F 73 -38.56 35.76 -3.84
C LEU F 73 -39.90 35.12 -3.52
N ARG F 74 -40.94 35.96 -3.50
CA ARG F 74 -42.30 35.59 -3.23
C ARG F 74 -42.63 34.35 -4.04
N ALA F 75 -42.48 34.46 -5.37
CA ALA F 75 -42.92 33.41 -6.26
C ALA F 75 -42.20 32.11 -6.03
N VAL F 76 -40.87 32.18 -5.89
CA VAL F 76 -40.06 30.97 -5.71
C VAL F 76 -40.41 30.28 -4.39
N LEU F 77 -40.70 31.11 -3.34
CA LEU F 77 -41.18 30.65 -2.03
C LEU F 77 -42.47 29.88 -2.15
N GLU F 78 -43.50 30.50 -2.73
CA GLU F 78 -44.80 29.79 -2.85
C GLU F 78 -44.63 28.53 -3.70
N ALA F 79 -43.86 28.65 -4.79
CA ALA F 79 -43.65 27.56 -5.72
C ALA F 79 -43.02 26.29 -5.08
N VAL F 80 -41.97 26.46 -4.29
CA VAL F 80 -41.17 25.31 -3.81
C VAL F 80 -40.70 25.43 -2.34
N GLY F 81 -41.21 26.44 -1.62
CA GLY F 81 -40.82 26.71 -0.24
C GLY F 81 -41.14 25.60 0.76
N ASP F 82 -42.21 24.84 0.50
CA ASP F 82 -42.58 23.74 1.36
C ASP F 82 -41.59 22.59 1.27
N ARG F 83 -40.89 22.48 0.14
CA ARG F 83 -40.07 21.29 -0.12
C ARG F 83 -38.62 21.61 -0.53
N ALA F 84 -38.24 22.88 -0.51
CA ALA F 84 -36.89 23.24 -0.82
C ALA F 84 -36.56 24.50 -0.07
N ARG F 85 -35.31 24.64 0.34
CA ARG F 85 -34.83 25.88 0.99
C ARG F 85 -34.59 26.98 -0.01
N VAL F 86 -35.20 28.13 0.25
CA VAL F 86 -35.16 29.26 -0.65
C VAL F 86 -34.29 30.39 -0.04
N ILE F 87 -33.06 30.51 -0.53
CA ILE F 87 -32.10 31.47 -0.03
C ILE F 87 -32.09 32.68 -0.98
N ALA F 88 -32.13 33.89 -0.42
CA ALA F 88 -32.19 35.09 -1.22
C ALA F 88 -30.85 35.84 -1.17
N GLY F 89 -30.38 36.21 -2.34
CA GLY F 89 -29.25 37.11 -2.44
C GLY F 89 -29.70 38.47 -1.91
N ALA F 90 -29.08 38.88 -0.81
CA ALA F 90 -29.28 40.17 -0.23
C ALA F 90 -27.87 40.70 -0.08
N GLY F 91 -27.42 41.52 -1.02
CA GLY F 91 -26.04 41.96 -0.92
C GLY F 91 -25.51 42.75 -2.08
N THR F 92 -25.22 44.01 -1.82
CA THR F 92 -24.55 44.83 -2.78
C THR F 92 -23.28 45.43 -2.17
N TYR F 93 -22.70 46.41 -2.87
CA TYR F 93 -21.57 47.13 -2.38
C TYR F 93 -22.03 48.27 -1.49
N ASP F 94 -23.31 48.29 -1.10
CA ASP F 94 -23.88 49.39 -0.32
C ASP F 94 -24.43 48.77 0.95
N THR F 95 -23.83 49.08 2.09
CA THR F 95 -24.20 48.37 3.34
C THR F 95 -25.65 48.62 3.75
N ALA F 96 -26.01 49.91 3.83
CA ALA F 96 -27.35 50.27 4.27
C ALA F 96 -28.39 49.62 3.37
N HIS F 97 -28.03 49.47 2.09
CA HIS F 97 -28.91 48.93 1.08
C HIS F 97 -29.07 47.46 1.24
N SER F 98 -27.95 46.75 1.44
CA SER F 98 -27.95 45.32 1.77
C SER F 98 -28.78 45.02 3.04
N ILE F 99 -28.73 45.92 4.01
CA ILE F 99 -29.51 45.73 5.23
C ILE F 99 -30.99 45.78 4.87
N ARG F 100 -31.39 46.82 4.11
CA ARG F 100 -32.77 46.96 3.60
C ARG F 100 -33.22 45.70 2.85
N LEU F 101 -32.36 45.23 1.94
CA LEU F 101 -32.68 44.10 1.11
C LEU F 101 -32.75 42.83 1.95
N ALA F 102 -31.83 42.71 2.91
CA ALA F 102 -31.86 41.55 3.80
C ALA F 102 -33.21 41.51 4.51
N LYS F 103 -33.58 42.59 5.17
CA LYS F 103 -34.81 42.65 5.95
C LYS F 103 -36.04 42.40 5.09
N ALA F 104 -36.04 42.95 3.87
CA ALA F 104 -37.10 42.68 2.90
C ALA F 104 -37.20 41.16 2.52
N CYS F 105 -36.06 40.48 2.51
CA CYS F 105 -36.08 39.05 2.24
C CYS F 105 -36.57 38.25 3.45
N ALA F 106 -36.12 38.63 4.65
CA ALA F 106 -36.57 37.97 5.86
C ALA F 106 -38.08 38.14 6.03
N ALA F 107 -38.59 39.34 5.76
CA ALA F 107 -40.03 39.61 5.90
C ALA F 107 -40.84 38.77 4.93
N GLU F 108 -40.29 38.46 3.75
CA GLU F 108 -40.97 37.60 2.79
C GLU F 108 -40.99 36.15 3.21
N GLY F 109 -40.03 35.75 4.04
CA GLY F 109 -39.94 34.36 4.49
C GLY F 109 -38.80 33.62 3.84
N ALA F 110 -37.80 34.34 3.34
CA ALA F 110 -36.61 33.67 2.81
C ALA F 110 -36.05 32.78 3.89
N HIS F 111 -35.48 31.64 3.49
CA HIS F 111 -34.95 30.69 4.47
C HIS F 111 -33.53 31.02 4.88
N GLY F 112 -32.88 31.85 4.09
CA GLY F 112 -31.49 32.21 4.37
C GLY F 112 -31.03 33.30 3.43
N LEU F 113 -29.84 33.84 3.69
CA LEU F 113 -29.31 34.89 2.84
C LEU F 113 -27.96 34.52 2.27
N LEU F 114 -27.71 34.98 1.05
CA LEU F 114 -26.42 34.86 0.44
C LEU F 114 -25.92 36.28 0.29
N VAL F 115 -24.76 36.55 0.85
CA VAL F 115 -24.27 37.91 0.90
C VAL F 115 -22.88 37.99 0.30
N VAL F 116 -22.79 38.59 -0.89
CA VAL F 116 -21.55 38.66 -1.64
C VAL F 116 -20.66 39.77 -1.11
N THR F 117 -19.34 39.55 -1.19
CA THR F 117 -18.40 40.60 -0.86
C THR F 117 -18.74 41.87 -1.63
N PRO F 118 -18.90 43.03 -0.93
CA PRO F 118 -19.07 44.27 -1.67
C PRO F 118 -18.04 44.38 -2.79
N TYR F 119 -18.56 44.58 -4.00
CA TYR F 119 -17.77 44.67 -5.23
C TYR F 119 -17.38 46.10 -5.58
N TYR F 120 -16.41 46.19 -6.48
CA TYR F 120 -16.06 47.44 -7.17
C TYR F 120 -15.32 48.47 -6.31
N SER F 121 -15.86 48.76 -5.13
CA SER F 121 -15.39 49.90 -4.33
C SER F 121 -14.17 49.51 -3.48
N LYS F 122 -13.89 48.21 -3.40
CA LYS F 122 -12.73 47.69 -2.68
C LYS F 122 -12.60 48.21 -1.25
N PRO F 123 -13.59 47.94 -0.41
CA PRO F 123 -13.40 48.34 0.97
C PRO F 123 -12.21 47.58 1.59
N PRO F 124 -11.64 48.13 2.68
CA PRO F 124 -10.64 47.32 3.37
C PRO F 124 -11.32 46.16 4.14
N GLN F 125 -10.54 45.23 4.63
CA GLN F 125 -11.07 44.08 5.35
C GLN F 125 -11.96 44.46 6.51
N ARG F 126 -11.58 45.51 7.25
CA ARG F 126 -12.38 45.93 8.41
C ARG F 126 -13.71 46.52 7.97
N GLY F 127 -13.75 47.05 6.75
CA GLY F 127 -14.98 47.51 6.15
C GLY F 127 -15.84 46.33 5.73
N LEU F 128 -15.21 45.30 5.18
CA LEU F 128 -15.95 44.06 4.87
C LEU F 128 -16.54 43.45 6.14
N GLN F 129 -15.70 43.35 7.17
CA GLN F 129 -16.15 42.84 8.44
C GLN F 129 -17.42 43.58 8.83
N ALA F 130 -17.30 44.92 8.93
CA ALA F 130 -18.34 45.72 9.52
C ALA F 130 -19.58 45.58 8.65
N HIS F 131 -19.39 45.49 7.34
CA HIS F 131 -20.49 45.30 6.42
C HIS F 131 -21.25 43.97 6.65
N PHE F 132 -20.53 42.85 6.59
CA PHE F 132 -21.10 41.53 6.79
C PHE F 132 -21.74 41.35 8.17
N THR F 133 -21.15 42.02 9.15
CA THR F 133 -21.67 41.96 10.50
C THR F 133 -22.99 42.75 10.57
N ALA F 134 -23.04 43.91 9.94
CA ALA F 134 -24.25 44.70 9.98
C ALA F 134 -25.35 43.97 9.26
N VAL F 135 -25.04 43.37 8.12
CA VAL F 135 -26.05 42.57 7.42
C VAL F 135 -26.49 41.33 8.23
N ALA F 136 -25.53 40.66 8.86
CA ALA F 136 -25.82 39.53 9.75
C ALA F 136 -26.68 39.94 10.94
N ASP F 137 -26.47 41.15 11.44
CA ASP F 137 -27.22 41.68 12.58
C ASP F 137 -28.65 42.08 12.20
N ALA F 138 -28.87 42.34 10.91
CA ALA F 138 -30.12 42.88 10.42
C ALA F 138 -31.33 41.93 10.54
N THR F 139 -31.09 40.62 10.42
CA THR F 139 -32.17 39.64 10.53
C THR F 139 -31.69 38.45 11.34
N GLU F 140 -32.55 37.46 11.47
CA GLU F 140 -32.21 36.33 12.27
C GLU F 140 -31.97 35.16 11.35
N LEU F 141 -31.96 35.43 10.04
CA LEU F 141 -31.76 34.42 9.03
C LEU F 141 -30.34 33.89 8.97
N PRO F 142 -30.18 32.56 8.70
CA PRO F 142 -28.83 32.06 8.43
C PRO F 142 -28.27 32.72 7.18
N MET F 143 -26.99 33.03 7.23
CA MET F 143 -26.36 33.80 6.21
C MET F 143 -25.07 33.14 5.74
N LEU F 144 -24.92 33.10 4.42
CA LEU F 144 -23.68 32.63 3.78
C LEU F 144 -22.90 33.81 3.22
N LEU F 145 -21.61 33.85 3.51
CA LEU F 145 -20.70 34.79 2.81
C LEU F 145 -20.49 34.26 1.42
N TYR F 146 -20.41 35.14 0.44
CA TYR F 146 -20.07 34.70 -0.88
C TYR F 146 -18.77 35.34 -1.22
N ASP F 147 -17.71 34.52 -1.16
CA ASP F 147 -16.34 34.95 -1.44
C ASP F 147 -16.01 34.73 -2.91
N ILE F 148 -15.99 35.82 -3.66
CA ILE F 148 -15.69 35.75 -5.09
C ILE F 148 -14.87 36.96 -5.56
N PRO F 149 -13.57 37.00 -5.20
CA PRO F 149 -12.74 38.14 -5.51
C PRO F 149 -12.58 38.41 -6.99
N GLY F 150 -12.77 37.37 -7.81
CA GLY F 150 -12.70 37.53 -9.25
C GLY F 150 -13.81 38.42 -9.81
N ARG F 151 -14.92 38.57 -9.09
CA ARG F 151 -15.97 39.52 -9.46
C ARG F 151 -15.88 40.76 -8.59
N SER F 152 -15.69 40.56 -7.28
CA SER F 152 -15.79 41.68 -6.32
C SER F 152 -14.53 42.54 -6.23
N ALA F 153 -13.41 41.99 -6.67
CA ALA F 153 -12.10 42.70 -6.73
C ALA F 153 -11.37 42.76 -5.39
N VAL F 154 -11.98 42.17 -4.36
CA VAL F 154 -11.34 41.97 -3.06
C VAL F 154 -11.85 40.65 -2.54
N PRO F 155 -10.96 39.87 -1.89
CA PRO F 155 -11.30 38.62 -1.24
C PRO F 155 -11.82 38.89 0.15
N ILE F 156 -12.55 37.95 0.72
CA ILE F 156 -12.74 38.00 2.17
C ILE F 156 -11.54 37.26 2.69
N GLU F 157 -10.60 37.98 3.30
CA GLU F 157 -9.39 37.33 3.74
C GLU F 157 -9.66 36.27 4.83
N PRO F 158 -8.82 35.22 4.90
CA PRO F 158 -9.10 34.20 5.91
C PRO F 158 -9.36 34.72 7.32
N ASP F 159 -8.59 35.69 7.77
CA ASP F 159 -8.79 36.28 9.12
C ASP F 159 -10.16 36.94 9.30
N THR F 160 -10.61 37.61 8.25
CA THR F 160 -11.92 38.21 8.22
C THR F 160 -12.99 37.12 8.27
N ILE F 161 -12.84 36.06 7.47
CA ILE F 161 -13.83 34.99 7.47
C ILE F 161 -13.91 34.39 8.90
N ARG F 162 -12.74 34.15 9.51
CA ARG F 162 -12.67 33.54 10.80
C ARG F 162 -13.33 34.43 11.87
N ALA F 163 -13.09 35.76 11.80
CA ALA F 163 -13.73 36.72 12.69
C ALA F 163 -15.24 36.70 12.53
N LEU F 164 -15.70 36.64 11.28
CA LEU F 164 -17.10 36.59 10.96
C LEU F 164 -17.77 35.28 11.39
N ALA F 165 -17.02 34.19 11.44
CA ALA F 165 -17.55 32.87 11.76
C ALA F 165 -18.25 32.85 13.11
N SER F 166 -17.76 33.64 14.06
CA SER F 166 -18.36 33.59 15.37
C SER F 166 -19.67 34.42 15.46
N HIS F 167 -20.00 35.15 14.39
CA HIS F 167 -21.35 35.66 14.29
C HIS F 167 -22.37 34.50 14.24
N PRO F 168 -23.35 34.52 15.15
CA PRO F 168 -24.29 33.42 15.22
C PRO F 168 -25.08 33.23 13.92
N ASN F 169 -25.25 34.26 13.11
CA ASN F 169 -26.08 34.11 11.94
C ASN F 169 -25.27 33.76 10.71
N ILE F 170 -23.95 33.87 10.80
CA ILE F 170 -23.07 33.60 9.66
C ILE F 170 -22.67 32.11 9.75
N VAL F 171 -23.17 31.32 8.81
CA VAL F 171 -23.10 29.86 8.97
C VAL F 171 -22.24 29.21 7.92
N GLY F 172 -21.88 29.96 6.90
CA GLY F 172 -21.04 29.38 5.89
C GLY F 172 -20.60 30.32 4.82
N VAL F 173 -19.94 29.72 3.83
CA VAL F 173 -19.30 30.42 2.77
C VAL F 173 -19.67 29.71 1.49
N LYS F 174 -20.19 30.47 0.52
CA LYS F 174 -20.19 30.05 -0.88
C LYS F 174 -18.85 30.51 -1.51
N ASP F 175 -18.03 29.55 -1.91
CA ASP F 175 -16.69 29.92 -2.34
C ASP F 175 -16.52 29.91 -3.84
N ALA F 176 -16.03 31.02 -4.37
CA ALA F 176 -15.53 31.03 -5.73
C ALA F 176 -14.04 31.40 -5.72
N LYS F 177 -13.46 31.50 -4.53
CA LYS F 177 -12.07 31.95 -4.43
C LYS F 177 -11.07 30.81 -4.74
N ALA F 178 -11.51 29.57 -4.60
CA ALA F 178 -10.71 28.38 -4.95
C ALA F 178 -9.46 28.18 -4.03
N ASP F 179 -9.48 28.78 -2.85
CA ASP F 179 -8.40 28.52 -1.91
C ASP F 179 -8.82 27.32 -1.06
N LEU F 180 -8.75 26.14 -1.64
CA LEU F 180 -9.29 24.94 -0.97
C LEU F 180 -8.54 24.62 0.31
N HIS F 181 -7.23 24.86 0.28
CA HIS F 181 -6.40 24.66 1.43
C HIS F 181 -6.83 25.57 2.55
N SER F 182 -7.04 26.84 2.24
CA SER F 182 -7.52 27.77 3.28
C SER F 182 -8.96 27.43 3.79
N GLY F 183 -9.87 27.23 2.86
CA GLY F 183 -11.24 26.88 3.24
C GLY F 183 -11.32 25.60 4.07
N ALA F 184 -10.54 24.58 3.70
CA ALA F 184 -10.45 23.34 4.49
C ALA F 184 -10.09 23.66 5.93
N GLN F 185 -9.11 24.53 6.14
CA GLN F 185 -8.70 24.89 7.50
C GLN F 185 -9.76 25.71 8.25
N ILE F 186 -10.34 26.67 7.55
CA ILE F 186 -11.39 27.49 8.10
C ILE F 186 -12.56 26.59 8.54
N MET F 187 -12.93 25.63 7.70
CA MET F 187 -13.95 24.69 8.04
C MET F 187 -13.59 23.96 9.32
N ALA F 188 -12.36 23.47 9.37
CA ALA F 188 -11.90 22.65 10.51
C ALA F 188 -11.91 23.46 11.78
N ASP F 189 -11.56 24.73 11.65
CA ASP F 189 -11.38 25.58 12.82
C ASP F 189 -12.66 26.21 13.29
N THR F 190 -13.55 26.51 12.37
CA THR F 190 -14.71 27.30 12.70
C THR F 190 -16.02 26.53 12.62
N GLY F 191 -16.03 25.40 11.93
CA GLY F 191 -17.31 24.75 11.64
C GLY F 191 -18.17 25.45 10.58
N LEU F 192 -17.68 26.55 9.97
CA LEU F 192 -18.37 27.12 8.82
C LEU F 192 -18.62 26.07 7.74
N ALA F 193 -19.82 26.07 7.16
CA ALA F 193 -20.13 25.21 6.04
C ALA F 193 -19.60 25.86 4.77
N TYR F 194 -19.05 25.06 3.85
CA TYR F 194 -18.69 25.61 2.56
C TYR F 194 -19.54 25.01 1.50
N TYR F 195 -19.91 25.84 0.53
CA TYR F 195 -20.59 25.44 -0.67
C TYR F 195 -19.64 25.78 -1.83
N SER F 196 -19.51 24.85 -2.76
CA SER F 196 -18.83 25.14 -3.98
C SER F 196 -19.67 26.22 -4.68
N GLY F 197 -19.05 27.39 -4.92
CA GLY F 197 -19.67 28.40 -5.74
C GLY F 197 -18.99 28.50 -7.09
N ASP F 198 -18.19 27.50 -7.43
CA ASP F 198 -17.66 27.45 -8.77
C ASP F 198 -17.75 25.99 -9.26
N ASP F 199 -18.59 25.73 -10.28
CA ASP F 199 -18.86 24.37 -10.74
C ASP F 199 -17.60 23.60 -11.06
N ALA F 200 -16.61 24.29 -11.58
CA ALA F 200 -15.32 23.67 -11.92
C ALA F 200 -14.77 22.93 -10.69
N LEU F 201 -15.05 23.45 -9.49
CA LEU F 201 -14.43 22.94 -8.26
C LEU F 201 -15.39 22.14 -7.36
N ASN F 202 -16.58 21.87 -7.88
CA ASN F 202 -17.53 21.06 -7.16
C ASN F 202 -16.90 19.84 -6.49
N LEU F 203 -16.27 18.97 -7.29
CA LEU F 203 -15.70 17.76 -6.75
C LEU F 203 -14.47 17.97 -5.79
N PRO F 204 -13.49 18.82 -6.17
CA PRO F 204 -12.48 19.22 -5.20
C PRO F 204 -13.06 19.76 -3.88
N TRP F 205 -14.12 20.58 -3.95
CA TRP F 205 -14.73 21.12 -2.73
C TRP F 205 -15.33 20.02 -1.86
N LEU F 206 -16.01 19.06 -2.49
CA LEU F 206 -16.58 17.99 -1.72
C LEU F 206 -15.50 17.22 -0.98
N ALA F 207 -14.37 17.00 -1.67
CA ALA F 207 -13.20 16.30 -1.07
C ALA F 207 -12.75 16.99 0.20
N MET F 208 -12.74 18.31 0.15
CA MET F 208 -12.35 19.19 1.25
C MET F 208 -13.42 19.37 2.33
N GLY F 209 -14.60 18.77 2.15
CA GLY F 209 -15.63 18.80 3.18
C GLY F 209 -16.77 19.76 2.90
N ALA F 210 -16.83 20.33 1.68
CA ALA F 210 -17.94 21.20 1.31
C ALA F 210 -19.28 20.52 1.58
N THR F 211 -20.28 21.32 1.98
CA THR F 211 -21.62 20.77 2.26
C THR F 211 -22.31 20.41 0.95
N GLY F 212 -22.01 21.14 -0.12
CA GLY F 212 -22.67 20.92 -1.39
C GLY F 212 -22.36 22.03 -2.37
N PHE F 213 -23.27 22.22 -3.32
CA PHE F 213 -23.02 23.14 -4.41
C PHE F 213 -24.10 24.22 -4.45
N ILE F 214 -23.64 25.44 -4.68
CA ILE F 214 -24.54 26.46 -5.18
C ILE F 214 -24.10 26.66 -6.63
N SER F 215 -24.86 26.04 -7.52
CA SER F 215 -24.40 25.71 -8.86
C SER F 215 -25.09 26.55 -9.94
N VAL F 216 -24.34 26.86 -10.99
CA VAL F 216 -24.93 27.46 -12.18
C VAL F 216 -25.36 26.38 -13.17
N ILE F 217 -24.48 25.39 -13.43
CA ILE F 217 -24.79 24.35 -14.40
C ILE F 217 -25.94 23.41 -13.93
N ALA F 218 -26.28 23.50 -12.64
CA ALA F 218 -27.46 22.82 -12.12
C ALA F 218 -28.73 23.24 -12.89
N HIS F 219 -28.74 24.43 -13.49
CA HIS F 219 -29.87 24.80 -14.36
C HIS F 219 -30.16 23.72 -15.39
N LEU F 220 -29.09 23.09 -15.86
CA LEU F 220 -29.13 22.21 -17.01
C LEU F 220 -28.94 20.76 -16.63
N ALA F 221 -28.26 20.52 -15.53
CA ALA F 221 -27.76 19.18 -15.17
C ALA F 221 -27.96 18.86 -13.70
N ALA F 222 -29.02 19.39 -13.09
CA ALA F 222 -29.23 19.21 -11.67
C ALA F 222 -29.24 17.72 -11.28
N GLY F 223 -29.91 16.89 -12.07
CA GLY F 223 -29.97 15.45 -11.79
C GLY F 223 -28.59 14.83 -11.61
N GLN F 224 -27.73 15.12 -12.56
CA GLN F 224 -26.36 14.61 -12.53
C GLN F 224 -25.58 15.13 -11.35
N LEU F 225 -25.71 16.42 -11.08
CA LEU F 225 -25.10 16.98 -9.89
C LEU F 225 -25.57 16.34 -8.58
N ARG F 226 -26.86 16.03 -8.46
CA ARG F 226 -27.37 15.31 -7.31
C ARG F 226 -26.72 13.93 -7.25
N GLU F 227 -26.65 13.27 -8.40
CA GLU F 227 -25.98 11.98 -8.52
C GLU F 227 -24.53 12.12 -8.08
N LEU F 228 -23.90 13.20 -8.51
CA LEU F 228 -22.51 13.48 -8.14
C LEU F 228 -22.35 13.53 -6.62
N LEU F 229 -23.11 14.44 -6.00
CA LEU F 229 -23.27 14.53 -4.56
C LEU F 229 -23.51 13.20 -3.85
N SER F 230 -24.48 12.42 -4.32
CA SER F 230 -24.83 11.14 -3.68
C SER F 230 -23.75 10.07 -3.80
N ALA F 231 -23.19 9.91 -4.99
CA ALA F 231 -22.05 8.99 -5.18
C ALA F 231 -20.86 9.43 -4.32
N PHE F 232 -20.50 10.73 -4.34
CA PHE F 232 -19.45 11.16 -3.43
C PHE F 232 -19.79 10.80 -1.96
N GLY F 233 -20.97 11.19 -1.51
CA GLY F 233 -21.41 10.89 -0.15
C GLY F 233 -21.38 9.42 0.26
N SER F 234 -21.62 8.50 -0.66
CA SER F 234 -21.58 7.08 -0.30
C SER F 234 -20.17 6.51 -0.23
N GLY F 235 -19.19 7.26 -0.77
CA GLY F 235 -17.81 6.80 -0.91
C GLY F 235 -17.40 6.35 -2.32
N ASP F 236 -18.36 6.38 -3.23
CA ASP F 236 -18.12 6.07 -4.64
C ASP F 236 -17.52 7.23 -5.41
N ILE F 237 -16.29 7.58 -5.07
CA ILE F 237 -15.52 8.66 -5.74
C ILE F 237 -15.35 8.39 -7.23
N ALA F 238 -15.22 7.14 -7.63
CA ALA F 238 -15.07 6.84 -9.05
C ALA F 238 -16.26 7.34 -9.89
N THR F 239 -17.47 7.03 -9.44
CA THR F 239 -18.70 7.52 -10.05
C THR F 239 -18.81 9.05 -9.90
N ALA F 240 -18.46 9.58 -8.73
CA ALA F 240 -18.49 11.03 -8.57
C ALA F 240 -17.60 11.61 -9.69
N ARG F 241 -16.43 11.03 -9.82
CA ARG F 241 -15.41 11.55 -10.72
C ARG F 241 -15.92 11.51 -12.15
N LYS F 242 -16.59 10.42 -12.47
CA LYS F 242 -17.16 10.15 -13.78
C LYS F 242 -18.33 11.08 -14.14
N ILE F 243 -19.21 11.33 -13.18
CA ILE F 243 -20.26 12.28 -13.42
C ILE F 243 -19.62 13.64 -13.62
N ASN F 244 -18.58 13.95 -12.87
CA ASN F 244 -18.02 15.32 -12.92
C ASN F 244 -17.42 15.58 -14.29
N ILE F 245 -16.82 14.55 -14.86
CA ILE F 245 -16.34 14.57 -16.23
C ILE F 245 -17.52 14.70 -17.22
N ALA F 246 -18.62 14.02 -16.93
CA ALA F 246 -19.77 14.02 -17.83
C ALA F 246 -20.28 15.43 -18.01
N VAL F 247 -20.31 16.23 -16.94
CA VAL F 247 -20.90 17.55 -17.01
C VAL F 247 -19.89 18.64 -17.35
N ALA F 248 -18.62 18.27 -17.42
CA ALA F 248 -17.57 19.22 -17.67
C ALA F 248 -17.81 20.13 -18.88
N PRO F 249 -18.34 19.60 -20.00
CA PRO F 249 -18.67 20.48 -21.12
C PRO F 249 -19.54 21.67 -20.76
N LEU F 250 -20.41 21.51 -19.78
CA LEU F 250 -21.27 22.62 -19.37
C LEU F 250 -20.46 23.70 -18.70
N CYS F 251 -19.50 23.26 -17.88
CA CYS F 251 -18.57 24.16 -17.21
C CYS F 251 -17.69 24.84 -18.24
N ASN F 252 -17.21 24.09 -19.23
CA ASN F 252 -16.56 24.69 -20.38
C ASN F 252 -17.42 25.74 -21.11
N ALA F 253 -18.69 25.42 -21.37
CA ALA F 253 -19.57 26.35 -22.04
C ALA F 253 -19.71 27.62 -21.17
N MET F 254 -19.78 27.41 -19.86
CA MET F 254 -19.87 28.51 -18.94
C MET F 254 -18.68 29.45 -19.01
N SER F 255 -17.46 28.91 -19.18
CA SER F 255 -16.29 29.75 -19.39
C SER F 255 -16.44 30.65 -20.61
N ARG F 256 -17.10 30.15 -21.65
CA ARG F 256 -17.23 30.89 -22.89
C ARG F 256 -18.29 31.98 -22.76
N LEU F 257 -19.36 31.66 -22.03
CA LEU F 257 -20.58 32.45 -22.06
C LEU F 257 -20.85 33.27 -20.79
N GLY F 258 -20.33 32.83 -19.66
CA GLY F 258 -20.79 33.35 -18.37
C GLY F 258 -22.10 32.66 -17.99
N GLY F 259 -22.38 32.59 -16.69
CA GLY F 259 -23.53 31.82 -16.18
C GLY F 259 -24.90 32.32 -16.62
N VAL F 260 -25.06 33.64 -16.66
CA VAL F 260 -26.31 34.24 -17.07
C VAL F 260 -26.68 33.83 -18.52
N THR F 261 -25.79 34.15 -19.46
CA THR F 261 -25.96 33.81 -20.86
C THR F 261 -26.14 32.31 -21.03
N LEU F 262 -25.26 31.52 -20.38
CA LEU F 262 -25.34 30.08 -20.51
C LEU F 262 -26.67 29.54 -19.98
N SER F 263 -27.02 29.95 -18.77
CA SER F 263 -28.25 29.45 -18.12
C SER F 263 -29.51 29.74 -18.94
N LYS F 264 -29.62 30.94 -19.46
CA LYS F 264 -30.84 31.34 -20.17
C LYS F 264 -30.91 30.69 -21.54
N ALA F 265 -29.76 30.60 -22.21
CA ALA F 265 -29.71 29.99 -23.51
C ALA F 265 -29.96 28.49 -23.42
N GLY F 266 -29.34 27.86 -22.40
CA GLY F 266 -29.42 26.43 -22.22
C GLY F 266 -30.80 25.97 -21.81
N LEU F 267 -31.43 26.73 -20.93
CA LEU F 267 -32.78 26.42 -20.51
C LEU F 267 -33.73 26.50 -21.70
N ARG F 268 -33.50 27.51 -22.54
CA ARG F 268 -34.28 27.63 -23.75
C ARG F 268 -34.08 26.39 -24.62
N LEU F 269 -32.82 25.95 -24.77
CA LEU F 269 -32.54 24.77 -25.57
C LEU F 269 -33.28 23.57 -25.01
N GLN F 270 -33.42 23.51 -23.69
CA GLN F 270 -34.10 22.39 -23.05
C GLN F 270 -35.60 22.52 -23.10
N GLY F 271 -36.11 23.61 -23.65
CA GLY F 271 -37.56 23.79 -23.80
C GLY F 271 -38.20 24.62 -22.68
N ILE F 272 -37.35 25.24 -21.86
CA ILE F 272 -37.80 26.08 -20.78
C ILE F 272 -37.33 27.50 -21.06
N ASP F 273 -38.18 28.26 -21.75
CA ASP F 273 -37.82 29.61 -22.13
C ASP F 273 -37.90 30.50 -20.90
N VAL F 274 -36.80 31.18 -20.60
CA VAL F 274 -36.71 32.06 -19.42
C VAL F 274 -36.36 33.48 -19.86
N GLY F 275 -36.66 33.76 -21.13
CA GLY F 275 -36.30 35.01 -21.76
C GLY F 275 -34.79 35.22 -21.83
N ASP F 276 -34.41 36.49 -21.95
CA ASP F 276 -33.06 36.90 -22.27
C ASP F 276 -32.54 37.72 -21.11
N PRO F 277 -31.21 37.87 -21.02
CA PRO F 277 -30.59 38.73 -20.01
C PRO F 277 -30.86 40.21 -20.23
N ARG F 278 -30.79 40.97 -19.14
CA ARG F 278 -30.82 42.42 -19.20
C ARG F 278 -29.43 43.00 -19.40
N LEU F 279 -29.34 44.00 -20.27
CA LEU F 279 -28.10 44.71 -20.47
C LEU F 279 -27.56 45.18 -19.13
N PRO F 280 -26.22 45.13 -18.96
CA PRO F 280 -25.19 44.86 -19.97
C PRO F 280 -24.95 43.39 -20.31
N GLN F 281 -25.73 42.48 -19.70
CA GLN F 281 -25.68 41.09 -20.08
C GLN F 281 -26.41 40.91 -21.41
N VAL F 282 -26.04 39.87 -22.14
CA VAL F 282 -26.55 39.68 -23.49
C VAL F 282 -26.94 38.22 -23.72
N ALA F 283 -27.88 38.02 -24.63
CA ALA F 283 -28.38 36.70 -25.02
C ALA F 283 -27.35 36.05 -25.93
N ALA F 284 -27.25 34.73 -25.86
CA ALA F 284 -26.30 33.99 -26.69
C ALA F 284 -26.59 34.27 -28.17
N THR F 285 -25.53 34.38 -28.97
CA THR F 285 -25.63 34.51 -30.41
C THR F 285 -26.00 33.14 -30.99
N PRO F 286 -26.54 33.09 -32.23
CA PRO F 286 -26.89 31.78 -32.79
C PRO F 286 -25.72 30.81 -32.79
N GLU F 287 -24.53 31.33 -33.09
CA GLU F 287 -23.30 30.57 -33.02
C GLU F 287 -23.09 30.07 -31.61
N GLN F 288 -23.21 30.96 -30.61
CA GLN F 288 -23.00 30.55 -29.21
C GLN F 288 -24.07 29.53 -28.76
N ILE F 289 -25.28 29.69 -29.27
CA ILE F 289 -26.34 28.72 -29.01
C ILE F 289 -25.96 27.35 -29.60
N ASP F 290 -25.43 27.36 -30.83
CA ASP F 290 -24.99 26.12 -31.48
C ASP F 290 -23.74 25.48 -30.81
N ALA F 291 -22.89 26.28 -30.18
CA ALA F 291 -21.72 25.71 -29.47
C ALA F 291 -22.12 25.15 -28.12
N LEU F 292 -23.09 25.81 -27.50
CA LEU F 292 -23.60 25.40 -26.20
C LEU F 292 -24.36 24.08 -26.31
N ALA F 293 -25.12 23.95 -27.40
CA ALA F 293 -25.90 22.73 -27.67
C ALA F 293 -25.01 21.53 -27.76
N ALA F 294 -23.86 21.65 -28.41
CA ALA F 294 -22.98 20.50 -28.56
C ALA F 294 -22.53 20.08 -27.15
N ASP F 295 -22.17 21.07 -26.35
CA ASP F 295 -21.75 20.84 -24.97
C ASP F 295 -22.84 20.19 -24.12
N MET F 296 -24.06 20.69 -24.25
CA MET F 296 -25.20 20.08 -23.55
C MET F 296 -25.49 18.61 -23.98
N ARG F 297 -25.41 18.35 -25.29
CA ARG F 297 -25.57 17.01 -25.81
C ARG F 297 -24.53 16.09 -25.22
N ALA F 298 -23.26 16.49 -25.36
CA ALA F 298 -22.13 15.70 -24.87
C ALA F 298 -22.33 15.38 -23.38
N ALA F 299 -22.87 16.37 -22.64
CA ALA F 299 -23.23 16.22 -21.23
C ALA F 299 -24.58 15.52 -20.95
N SER F 300 -25.28 15.06 -22.01
CA SER F 300 -26.55 14.28 -21.94
C SER F 300 -27.75 15.02 -21.34
N VAL F 301 -27.72 16.34 -21.46
CA VAL F 301 -28.83 17.17 -20.97
C VAL F 301 -29.58 17.82 -22.14
N LEU F 302 -29.23 17.37 -23.35
CA LEU F 302 -29.91 17.86 -24.54
C LEU F 302 -29.99 16.84 -25.69
N ARG F 303 -31.06 16.94 -26.47
CA ARG F 303 -31.15 16.38 -27.81
C ARG F 303 -31.36 14.88 -27.75
N PHE G 9 1.04 0.24 -19.58
CA PHE G 9 2.12 0.88 -18.74
C PHE G 9 1.56 1.34 -17.35
N ASP G 10 2.19 0.90 -16.25
CA ASP G 10 1.65 1.07 -14.88
C ASP G 10 2.31 2.25 -14.16
N VAL G 11 1.72 3.44 -14.25
CA VAL G 11 2.43 4.63 -13.73
C VAL G 11 2.65 4.53 -12.22
N ALA G 12 1.63 4.10 -11.48
CA ALA G 12 1.75 3.92 -10.03
C ALA G 12 2.93 3.00 -9.68
N ALA G 13 3.12 1.92 -10.45
CA ALA G 13 4.17 1.00 -10.16
C ALA G 13 5.50 1.56 -10.64
N ARG G 14 5.49 2.21 -11.79
CA ARG G 14 6.74 2.52 -12.43
C ARG G 14 7.33 3.75 -11.87
N LEU G 15 6.47 4.66 -11.39
CA LEU G 15 6.88 5.96 -10.89
C LEU G 15 6.59 6.17 -9.40
N GLY G 16 5.56 5.52 -8.89
CA GLY G 16 5.24 5.60 -7.49
C GLY G 16 3.93 6.29 -7.24
N THR G 17 3.56 6.38 -5.96
CA THR G 17 2.35 7.06 -5.51
C THR G 17 2.66 8.18 -4.54
N LEU G 18 3.66 7.98 -3.72
CA LEU G 18 4.11 9.01 -2.78
C LEU G 18 5.61 9.24 -3.00
N LEU G 19 5.91 10.39 -3.60
CA LEU G 19 7.31 10.75 -3.85
C LEU G 19 7.61 12.01 -3.09
N THR G 20 8.84 12.12 -2.61
CA THR G 20 9.31 13.40 -2.09
C THR G 20 10.09 14.08 -3.17
N ALA G 21 9.81 15.34 -3.35
CA ALA G 21 10.62 16.25 -4.16
C ALA G 21 11.86 16.52 -3.31
N MET G 22 12.79 15.57 -3.32
CA MET G 22 13.82 15.50 -2.27
C MET G 22 14.88 16.61 -2.30
N VAL G 23 15.19 17.17 -1.14
CA VAL G 23 16.32 18.11 -1.06
C VAL G 23 17.60 17.44 -1.49
N THR G 24 18.57 18.27 -1.88
CA THR G 24 19.94 17.80 -2.07
C THR G 24 20.73 18.25 -0.84
N PRO G 25 21.15 17.29 -0.02
CA PRO G 25 21.95 17.64 1.16
C PRO G 25 23.27 18.19 0.78
N PHE G 26 23.65 19.30 1.42
CA PHE G 26 24.99 19.87 1.31
C PHE G 26 25.72 19.72 2.63
N SER G 27 27.02 19.53 2.57
CA SER G 27 27.88 19.59 3.77
C SER G 27 27.95 20.99 4.32
N GLY G 28 28.56 21.14 5.49
CA GLY G 28 28.70 22.45 6.09
C GLY G 28 29.49 23.38 5.19
N ASP G 29 30.26 22.84 4.26
CA ASP G 29 30.94 23.77 3.36
C ASP G 29 30.12 23.99 2.09
N GLY G 30 28.91 23.45 2.05
CA GLY G 30 28.05 23.67 0.94
C GLY G 30 28.28 22.65 -0.15
N SER G 31 29.31 21.79 -0.04
CA SER G 31 29.55 20.74 -1.07
C SER G 31 28.47 19.70 -1.02
N LEU G 32 28.33 18.94 -2.10
CA LEU G 32 27.39 17.82 -2.16
C LEU G 32 27.66 16.82 -1.01
N ASP G 33 26.58 16.40 -0.37
CA ASP G 33 26.66 15.42 0.72
C ASP G 33 25.87 14.17 0.32
N THR G 34 26.49 13.25 -0.42
CA THR G 34 25.77 12.06 -0.87
C THR G 34 25.48 11.05 0.22
N ALA G 35 26.37 10.97 1.23
CA ALA G 35 26.17 10.06 2.31
C ALA G 35 24.85 10.44 3.01
N THR G 36 24.66 11.71 3.28
CA THR G 36 23.41 12.17 3.87
C THR G 36 22.24 11.98 2.92
N ALA G 37 22.46 12.13 1.62
CA ALA G 37 21.40 11.95 0.62
C ALA G 37 20.97 10.49 0.67
N ALA G 38 21.93 9.57 0.86
CA ALA G 38 21.58 8.14 0.89
C ALA G 38 20.74 7.84 2.12
N ARG G 39 21.17 8.44 3.22
CA ARG G 39 20.53 8.21 4.48
C ARG G 39 19.09 8.75 4.46
N LEU G 40 18.95 9.98 3.96
CA LEU G 40 17.68 10.66 3.79
C LEU G 40 16.76 9.88 2.90
N ALA G 41 17.29 9.43 1.76
CA ALA G 41 16.49 8.66 0.82
C ALA G 41 15.95 7.42 1.54
N ASN G 42 16.81 6.75 2.27
CA ASN G 42 16.39 5.55 3.01
C ASN G 42 15.32 5.88 4.03
N HIS G 43 15.44 7.06 4.69
CA HIS G 43 14.51 7.47 5.69
C HIS G 43 13.14 7.72 5.02
N LEU G 44 13.15 8.45 3.93
CA LEU G 44 11.90 8.86 3.27
C LEU G 44 11.14 7.64 2.73
N VAL G 45 11.90 6.68 2.17
CA VAL G 45 11.29 5.45 1.69
C VAL G 45 10.76 4.64 2.88
N ASP G 46 11.56 4.50 3.94
CA ASP G 46 11.08 3.82 5.16
C ASP G 46 9.81 4.46 5.73
N GLN G 47 9.72 5.80 5.65
CA GLN G 47 8.54 6.53 6.16
C GLN G 47 7.27 6.33 5.31
N GLY G 48 7.42 5.78 4.11
CA GLY G 48 6.27 5.49 3.27
C GLY G 48 6.37 5.97 1.83
N CYS G 49 7.43 6.70 1.47
CA CYS G 49 7.51 7.10 0.04
C CYS G 49 7.82 5.87 -0.79
N ASP G 50 7.16 5.66 -1.93
CA ASP G 50 7.66 4.57 -2.81
C ASP G 50 8.43 5.10 -4.04
N GLY G 51 8.66 6.41 -4.08
CA GLY G 51 9.50 6.98 -5.09
C GLY G 51 10.08 8.26 -4.52
N LEU G 52 11.11 8.77 -5.22
CA LEU G 52 11.76 10.04 -4.90
C LEU G 52 12.09 10.76 -6.17
N VAL G 53 11.94 12.09 -6.15
CA VAL G 53 12.40 12.90 -7.23
C VAL G 53 13.69 13.50 -6.75
N VAL G 54 14.76 13.23 -7.50
CA VAL G 54 16.03 13.83 -7.17
C VAL G 54 16.37 14.95 -8.16
N SER G 55 17.00 15.98 -7.60
CA SER G 55 17.50 17.13 -8.36
C SER G 55 16.39 17.83 -9.06
N GLY G 56 15.23 17.90 -8.40
CA GLY G 56 14.15 18.81 -8.82
C GLY G 56 14.40 20.18 -8.21
N THR G 57 13.41 21.04 -8.25
CA THR G 57 13.46 22.40 -7.73
C THR G 57 13.80 22.36 -6.25
N THR G 58 13.10 21.52 -5.51
CA THR G 58 13.30 21.42 -4.07
C THR G 58 14.69 20.79 -3.82
N GLY G 59 15.18 19.99 -4.77
CA GLY G 59 16.54 19.50 -4.74
C GLY G 59 17.53 20.52 -5.21
N GLU G 60 17.10 21.79 -5.32
CA GLU G 60 18.00 22.89 -5.72
C GLU G 60 18.75 22.63 -7.03
N SER G 61 18.03 22.03 -7.99
CA SER G 61 18.49 21.96 -9.34
C SER G 61 19.13 23.24 -9.90
N PRO G 62 18.63 24.42 -9.54
CA PRO G 62 19.32 25.60 -10.10
C PRO G 62 20.77 25.80 -9.67
N THR G 63 21.12 25.34 -8.47
CA THR G 63 22.42 25.65 -7.91
C THR G 63 23.40 24.46 -7.87
N THR G 64 22.99 23.31 -8.39
CA THR G 64 23.90 22.17 -8.42
C THR G 64 24.37 21.99 -9.83
N THR G 65 25.59 21.50 -9.99
CA THR G 65 26.14 21.22 -11.32
C THR G 65 25.55 19.89 -11.84
N ASP G 66 25.70 19.64 -13.15
CA ASP G 66 25.44 18.35 -13.77
C ASP G 66 26.11 17.23 -13.02
N GLY G 67 27.35 17.43 -12.61
CA GLY G 67 28.16 16.39 -12.01
C GLY G 67 27.57 16.03 -10.66
N GLU G 68 27.18 17.06 -9.92
CA GLU G 68 26.52 16.85 -8.64
C GLU G 68 25.20 16.14 -8.74
N LYS G 69 24.37 16.54 -9.71
CA LYS G 69 23.12 15.80 -10.01
C LYS G 69 23.37 14.31 -10.32
N ILE G 70 24.41 14.01 -11.09
CA ILE G 70 24.65 12.59 -11.42
C ILE G 70 25.16 11.84 -10.18
N GLU G 71 26.04 12.50 -9.44
CA GLU G 71 26.57 11.93 -8.24
C GLU G 71 25.42 11.66 -7.26
N LEU G 72 24.53 12.64 -7.12
CA LEU G 72 23.41 12.51 -6.25
C LEU G 72 22.53 11.35 -6.70
N LEU G 73 22.20 11.36 -7.99
CA LEU G 73 21.31 10.36 -8.56
C LEU G 73 21.87 9.01 -8.25
N ARG G 74 23.15 8.88 -8.48
CA ARG G 74 23.78 7.63 -8.22
C ARG G 74 23.66 7.14 -6.75
N ALA G 75 23.95 8.04 -5.82
CA ALA G 75 23.94 7.69 -4.42
C ALA G 75 22.51 7.27 -4.00
N VAL G 76 21.50 7.91 -4.58
CA VAL G 76 20.11 7.59 -4.21
C VAL G 76 19.66 6.30 -4.84
N LEU G 77 20.08 6.07 -6.06
CA LEU G 77 19.78 4.81 -6.73
C LEU G 77 20.31 3.66 -5.96
N GLU G 78 21.56 3.82 -5.58
CA GLU G 78 22.25 2.85 -4.76
C GLU G 78 21.58 2.63 -3.38
N ALA G 79 21.13 3.72 -2.75
CA ALA G 79 20.45 3.64 -1.44
C ALA G 79 19.09 2.93 -1.48
N VAL G 80 18.25 3.25 -2.46
CA VAL G 80 16.84 2.87 -2.40
C VAL G 80 16.27 2.41 -3.75
N GLY G 81 17.13 2.44 -4.78
CA GLY G 81 16.73 2.13 -6.13
C GLY G 81 16.12 0.75 -6.29
N ASP G 82 16.52 -0.16 -5.42
CA ASP G 82 16.03 -1.51 -5.52
C ASP G 82 14.61 -1.68 -4.97
N ARG G 83 14.11 -0.71 -4.19
CA ARG G 83 12.85 -0.88 -3.48
C ARG G 83 11.93 0.38 -3.61
N ALA G 84 12.36 1.33 -4.42
CA ALA G 84 11.63 2.56 -4.64
C ALA G 84 12.06 3.10 -6.00
N ARG G 85 11.19 3.90 -6.59
CA ARG G 85 11.44 4.47 -7.90
C ARG G 85 12.11 5.80 -7.71
N VAL G 86 13.14 6.01 -8.49
CA VAL G 86 13.92 7.22 -8.45
C VAL G 86 13.79 7.96 -9.78
N ILE G 87 13.21 9.14 -9.67
CA ILE G 87 12.87 9.92 -10.84
C ILE G 87 13.88 11.04 -10.81
N ALA G 88 14.50 11.32 -11.96
CA ALA G 88 15.52 12.39 -11.98
C ALA G 88 14.91 13.62 -12.61
N GLY G 89 15.04 14.77 -11.96
CA GLY G 89 14.72 16.03 -12.61
C GLY G 89 15.74 16.24 -13.71
N ALA G 90 15.25 16.57 -14.88
CA ALA G 90 16.12 16.77 -16.02
C ALA G 90 15.65 17.96 -16.84
N GLY G 91 14.88 18.87 -16.31
CA GLY G 91 14.55 20.00 -17.15
C GLY G 91 15.17 21.33 -16.79
N THR G 92 15.58 22.05 -17.83
CA THR G 92 16.01 23.42 -17.70
C THR G 92 15.33 24.24 -18.79
N TYR G 93 15.74 25.50 -18.94
CA TYR G 93 15.22 26.34 -19.98
C TYR G 93 16.08 26.22 -21.26
N ASP G 94 16.83 25.13 -21.33
CA ASP G 94 17.82 24.91 -22.40
C ASP G 94 17.61 23.46 -22.85
N THR G 95 17.17 23.31 -24.06
CA THR G 95 16.75 22.02 -24.57
C THR G 95 17.94 21.10 -24.75
N ALA G 96 19.02 21.63 -25.31
CA ALA G 96 20.27 20.84 -25.43
C ALA G 96 20.75 20.30 -24.06
N HIS G 97 20.78 21.19 -23.05
CA HIS G 97 21.19 20.84 -21.73
C HIS G 97 20.18 19.84 -21.15
N SER G 98 18.88 20.12 -21.26
CA SER G 98 17.88 19.14 -20.72
C SER G 98 18.08 17.75 -21.37
N ILE G 99 18.48 17.76 -22.65
CA ILE G 99 18.74 16.50 -23.37
C ILE G 99 19.96 15.78 -22.77
N ARG G 100 21.05 16.52 -22.56
CA ARG G 100 22.28 15.88 -21.98
C ARG G 100 21.93 15.28 -20.63
N LEU G 101 21.13 16.01 -19.90
CA LEU G 101 20.80 15.65 -18.55
C LEU G 101 19.88 14.45 -18.53
N ALA G 102 18.86 14.48 -19.39
CA ALA G 102 18.00 13.32 -19.55
C ALA G 102 18.82 12.06 -19.90
N LYS G 103 19.72 12.17 -20.88
CA LYS G 103 20.57 11.03 -21.29
C LYS G 103 21.49 10.56 -20.15
N ALA G 104 22.00 11.51 -19.36
CA ALA G 104 22.94 11.13 -18.32
C ALA G 104 22.21 10.42 -17.23
N CYS G 105 21.02 10.88 -16.91
CA CYS G 105 20.19 10.26 -15.87
C CYS G 105 19.77 8.89 -16.25
N ALA G 106 19.37 8.72 -17.52
CA ALA G 106 19.09 7.43 -18.09
C ALA G 106 20.32 6.51 -17.95
N ALA G 107 21.51 7.02 -18.29
CA ALA G 107 22.72 6.20 -18.27
C ALA G 107 23.03 5.74 -16.84
N GLU G 108 22.72 6.57 -15.85
CA GLU G 108 22.88 6.16 -14.45
C GLU G 108 21.84 5.11 -14.01
N GLY G 109 20.69 5.03 -14.68
CA GLY G 109 19.68 4.04 -14.28
C GLY G 109 18.47 4.70 -13.60
N ALA G 110 18.30 6.03 -13.77
CA ALA G 110 17.09 6.69 -13.25
C ALA G 110 15.89 5.91 -13.76
N HIS G 111 14.86 5.80 -12.94
CA HIS G 111 13.65 5.06 -13.34
C HIS G 111 12.69 5.93 -14.17
N GLY G 112 12.86 7.24 -14.13
CA GLY G 112 11.96 8.15 -14.89
C GLY G 112 12.50 9.55 -14.78
N LEU G 113 11.88 10.49 -15.49
CA LEU G 113 12.33 11.84 -15.60
C LEU G 113 11.20 12.77 -15.26
N LEU G 114 11.56 13.83 -14.55
CA LEU G 114 10.61 14.89 -14.30
C LEU G 114 11.13 16.05 -15.08
N VAL G 115 10.31 16.63 -15.95
CA VAL G 115 10.80 17.68 -16.86
C VAL G 115 9.96 18.94 -16.75
N VAL G 116 10.53 19.94 -16.10
CA VAL G 116 9.81 21.18 -15.85
C VAL G 116 9.64 22.00 -17.13
N THR G 117 8.54 22.72 -17.24
CA THR G 117 8.44 23.76 -18.25
C THR G 117 9.67 24.65 -18.24
N PRO G 118 10.36 24.81 -19.42
CA PRO G 118 11.36 25.86 -19.51
C PRO G 118 10.92 27.15 -18.89
N TYR G 119 11.71 27.61 -17.92
CA TYR G 119 11.38 28.82 -17.19
C TYR G 119 12.08 30.06 -17.74
N TYR G 120 11.56 31.23 -17.36
CA TYR G 120 12.22 32.50 -17.53
C TYR G 120 12.11 33.05 -18.95
N SER G 121 12.50 32.24 -19.94
CA SER G 121 12.63 32.73 -21.33
C SER G 121 11.28 32.76 -22.02
N LYS G 122 10.24 32.15 -21.42
CA LYS G 122 8.87 32.24 -22.00
C LYS G 122 8.78 31.81 -23.49
N PRO G 123 9.21 30.57 -23.78
CA PRO G 123 9.04 30.14 -25.17
C PRO G 123 7.56 30.01 -25.50
N PRO G 124 7.19 30.06 -26.81
CA PRO G 124 5.80 29.88 -27.13
C PRO G 124 5.41 28.41 -26.97
N GLN G 125 4.12 28.11 -27.00
CA GLN G 125 3.67 26.75 -26.82
C GLN G 125 4.38 25.78 -27.76
N ARG G 126 4.58 26.19 -29.00
CA ARG G 126 5.18 25.28 -29.98
C ARG G 126 6.65 25.05 -29.65
N GLY G 127 7.30 26.03 -29.03
CA GLY G 127 8.65 25.83 -28.48
C GLY G 127 8.65 24.84 -27.33
N LEU G 128 7.71 25.00 -26.40
CA LEU G 128 7.51 24.01 -25.36
C LEU G 128 7.30 22.62 -25.94
N GLN G 129 6.40 22.50 -26.91
CA GLN G 129 6.13 21.19 -27.52
C GLN G 129 7.39 20.55 -28.13
N ALA G 130 8.14 21.35 -28.89
CA ALA G 130 9.35 20.89 -29.50
C ALA G 130 10.34 20.50 -28.41
N HIS G 131 10.45 21.31 -27.36
CA HIS G 131 11.36 21.04 -26.26
C HIS G 131 11.05 19.71 -25.55
N PHE G 132 9.81 19.56 -25.07
CA PHE G 132 9.42 18.36 -24.38
C PHE G 132 9.53 17.15 -25.28
N THR G 133 9.14 17.29 -26.54
CA THR G 133 9.34 16.19 -27.50
C THR G 133 10.78 15.76 -27.62
N ALA G 134 11.69 16.72 -27.70
CA ALA G 134 13.11 16.42 -27.91
C ALA G 134 13.62 15.71 -26.67
N VAL G 135 13.19 16.17 -25.50
CA VAL G 135 13.63 15.54 -24.28
C VAL G 135 13.06 14.13 -24.16
N ALA G 136 11.79 13.98 -24.52
CA ALA G 136 11.11 12.68 -24.53
C ALA G 136 11.75 11.75 -25.57
N ASP G 137 12.25 12.31 -26.67
CA ASP G 137 12.89 11.48 -27.70
C ASP G 137 14.32 11.03 -27.28
N ALA G 138 14.90 11.69 -26.28
CA ALA G 138 16.31 11.52 -25.93
C ALA G 138 16.63 10.21 -25.19
N THR G 139 15.66 9.64 -24.48
CA THR G 139 15.83 8.39 -23.78
C THR G 139 14.54 7.57 -23.84
N GLU G 140 14.65 6.35 -23.36
CA GLU G 140 13.54 5.43 -23.29
C GLU G 140 12.80 5.48 -21.95
N LEU G 141 13.13 6.47 -21.12
CA LEU G 141 12.59 6.59 -19.78
C LEU G 141 11.19 7.19 -19.79
N PRO G 142 10.31 6.71 -18.88
CA PRO G 142 9.02 7.37 -18.71
C PRO G 142 9.27 8.81 -18.19
N MET G 143 8.45 9.72 -18.65
CA MET G 143 8.72 11.12 -18.38
C MET G 143 7.44 11.82 -17.90
N LEU G 144 7.60 12.61 -16.86
CA LEU G 144 6.52 13.49 -16.42
C LEU G 144 6.83 14.94 -16.79
N LEU G 145 5.81 15.63 -17.27
CA LEU G 145 5.83 17.08 -17.48
C LEU G 145 5.58 17.72 -16.13
N TYR G 146 6.26 18.82 -15.88
CA TYR G 146 6.04 19.50 -14.65
C TYR G 146 5.51 20.86 -15.01
N ASP G 147 4.23 21.08 -14.74
CA ASP G 147 3.53 22.26 -15.16
C ASP G 147 3.45 23.16 -13.94
N ILE G 148 4.27 24.20 -13.96
CA ILE G 148 4.33 25.13 -12.83
C ILE G 148 4.53 26.54 -13.34
N PRO G 149 3.45 27.15 -13.88
CA PRO G 149 3.60 28.46 -14.50
C PRO G 149 3.96 29.53 -13.47
N GLY G 150 3.59 29.27 -12.21
CA GLY G 150 3.90 30.23 -11.15
C GLY G 150 5.42 30.37 -10.98
N ARG G 151 6.20 29.35 -11.39
CA ARG G 151 7.69 29.46 -11.36
C ARG G 151 8.25 29.70 -12.77
N SER G 152 7.70 28.98 -13.75
CA SER G 152 8.25 29.04 -15.08
C SER G 152 7.83 30.26 -15.89
N ALA G 153 6.70 30.85 -15.51
CA ALA G 153 6.19 32.08 -16.16
C ALA G 153 5.41 31.78 -17.43
N VAL G 154 5.32 30.51 -17.83
CA VAL G 154 4.41 30.05 -18.85
C VAL G 154 3.85 28.69 -18.40
N PRO G 155 2.54 28.47 -18.70
CA PRO G 155 1.93 27.20 -18.45
C PRO G 155 2.18 26.24 -19.63
N ILE G 156 2.08 24.95 -19.38
CA ILE G 156 1.86 24.07 -20.51
C ILE G 156 0.35 24.14 -20.76
N GLU G 157 -0.05 24.80 -21.83
CA GLU G 157 -1.45 24.90 -22.17
C GLU G 157 -2.07 23.53 -22.42
N PRO G 158 -3.36 23.38 -22.06
CA PRO G 158 -4.01 22.06 -22.25
C PRO G 158 -3.81 21.42 -23.64
N ASP G 159 -3.89 22.20 -24.72
CA ASP G 159 -3.67 21.66 -26.07
C ASP G 159 -2.27 21.13 -26.25
N THR G 160 -1.31 21.81 -25.66
CA THR G 160 0.07 21.33 -25.67
C THR G 160 0.23 20.00 -24.91
N ILE G 161 -0.34 19.97 -23.70
CA ILE G 161 -0.31 18.76 -22.89
C ILE G 161 -0.92 17.60 -23.68
N ARG G 162 -2.07 17.84 -24.30
CA ARG G 162 -2.79 16.83 -25.02
C ARG G 162 -1.95 16.35 -26.21
N ALA G 163 -1.30 17.29 -26.93
CA ALA G 163 -0.42 16.94 -28.03
C ALA G 163 0.74 16.09 -27.53
N LEU G 164 1.31 16.47 -26.39
CA LEU G 164 2.42 15.74 -25.83
C LEU G 164 2.04 14.37 -25.31
N ALA G 165 0.80 14.21 -24.84
CA ALA G 165 0.29 12.96 -24.22
C ALA G 165 0.54 11.79 -25.11
N SER G 166 0.52 12.01 -26.41
CA SER G 166 0.56 10.87 -27.29
C SER G 166 2.00 10.42 -27.54
N HIS G 167 2.97 11.19 -27.06
CA HIS G 167 4.32 10.70 -27.04
C HIS G 167 4.38 9.43 -26.17
N PRO G 168 4.94 8.35 -26.70
CA PRO G 168 5.01 7.12 -25.92
C PRO G 168 5.73 7.24 -24.55
N ASN G 169 6.65 8.21 -24.43
CA ASN G 169 7.48 8.30 -23.22
C ASN G 169 6.92 9.29 -22.23
N ILE G 170 5.97 10.11 -22.68
CA ILE G 170 5.38 11.11 -21.80
C ILE G 170 4.15 10.48 -21.16
N VAL G 171 4.21 10.25 -19.85
CA VAL G 171 3.22 9.38 -19.21
C VAL G 171 2.37 10.11 -18.18
N GLY G 172 2.81 11.30 -17.79
CA GLY G 172 1.94 12.12 -16.95
C GLY G 172 2.48 13.50 -16.67
N VAL G 173 1.89 14.13 -15.65
CA VAL G 173 2.06 15.52 -15.33
C VAL G 173 2.13 15.65 -13.83
N LYS G 174 3.21 16.28 -13.39
CA LYS G 174 3.25 16.79 -12.05
C LYS G 174 2.65 18.18 -12.17
N ASP G 175 1.54 18.40 -11.47
CA ASP G 175 0.83 19.66 -11.64
C ASP G 175 1.03 20.58 -10.47
N ALA G 176 1.43 21.81 -10.74
CA ALA G 176 1.33 22.83 -9.75
C ALA G 176 0.46 23.94 -10.27
N LYS G 177 -0.18 23.76 -11.42
CA LYS G 177 -0.97 24.83 -12.04
C LYS G 177 -2.33 24.98 -11.38
N ALA G 178 -2.78 23.96 -10.66
CA ALA G 178 -4.07 24.02 -9.98
C ALA G 178 -5.33 24.13 -10.92
N ASP G 179 -5.19 23.80 -12.19
CA ASP G 179 -6.39 23.77 -13.02
C ASP G 179 -6.97 22.37 -12.93
N LEU G 180 -7.61 22.12 -11.79
CA LEU G 180 -8.09 20.78 -11.48
C LEU G 180 -9.09 20.35 -12.56
N HIS G 181 -9.96 21.28 -12.97
CA HIS G 181 -11.00 21.01 -13.97
C HIS G 181 -10.38 20.60 -15.28
N SER G 182 -9.37 21.34 -15.73
CA SER G 182 -8.69 21.01 -16.97
C SER G 182 -7.91 19.70 -16.87
N GLY G 183 -7.09 19.57 -15.83
CA GLY G 183 -6.36 18.30 -15.53
C GLY G 183 -7.28 17.09 -15.49
N ALA G 184 -8.44 17.21 -14.86
CA ALA G 184 -9.39 16.12 -14.84
C ALA G 184 -9.80 15.70 -16.25
N GLN G 185 -10.07 16.68 -17.11
CA GLN G 185 -10.45 16.37 -18.47
C GLN G 185 -9.32 15.72 -19.29
N ILE G 186 -8.11 16.27 -19.15
CA ILE G 186 -6.91 15.75 -19.80
C ILE G 186 -6.70 14.29 -19.39
N MET G 187 -6.72 14.02 -18.08
CA MET G 187 -6.70 12.63 -17.63
C MET G 187 -7.74 11.73 -18.30
N ALA G 188 -8.98 12.18 -18.31
CA ALA G 188 -10.06 11.39 -18.90
C ALA G 188 -9.82 11.14 -20.41
N ASP G 189 -9.33 12.17 -21.09
CA ASP G 189 -9.13 12.09 -22.51
C ASP G 189 -7.86 11.37 -22.94
N THR G 190 -6.79 11.48 -22.15
CA THR G 190 -5.51 11.04 -22.65
C THR G 190 -4.98 9.86 -21.87
N GLY G 191 -5.53 9.62 -20.68
CA GLY G 191 -4.95 8.64 -19.79
C GLY G 191 -3.64 9.08 -19.16
N LEU G 192 -3.23 10.32 -19.37
CA LEU G 192 -2.05 10.80 -18.62
C LEU G 192 -2.28 10.66 -17.11
N ALA G 193 -1.25 10.30 -16.38
CA ALA G 193 -1.32 10.25 -14.92
C ALA G 193 -0.99 11.64 -14.37
N TYR G 194 -1.72 12.05 -13.34
CA TYR G 194 -1.39 13.29 -12.64
C TYR G 194 -0.88 13.00 -11.24
N TYR G 195 0.12 13.78 -10.88
CA TYR G 195 0.64 13.84 -9.55
C TYR G 195 0.39 15.22 -9.02
N SER G 196 -0.08 15.28 -7.78
CA SER G 196 -0.19 16.59 -7.15
C SER G 196 1.23 17.10 -6.99
N GLY G 197 1.49 18.30 -7.55
CA GLY G 197 2.80 18.92 -7.33
C GLY G 197 2.72 20.08 -6.39
N ASP G 198 1.65 20.16 -5.63
CA ASP G 198 1.47 21.25 -4.70
C ASP G 198 0.70 20.62 -3.54
N ASP G 199 1.39 20.51 -2.40
CA ASP G 199 0.82 19.84 -1.24
C ASP G 199 -0.53 20.44 -0.81
N ALA G 200 -0.75 21.74 -1.02
CA ALA G 200 -2.06 22.32 -0.72
C ALA G 200 -3.19 21.60 -1.46
N LEU G 201 -2.90 21.11 -2.66
CA LEU G 201 -3.92 20.50 -3.51
C LEU G 201 -3.87 18.97 -3.58
N ASN G 202 -3.10 18.35 -2.68
CA ASN G 202 -2.98 16.89 -2.59
C ASN G 202 -4.34 16.20 -2.62
N LEU G 203 -5.18 16.55 -1.65
CA LEU G 203 -6.49 15.90 -1.54
C LEU G 203 -7.49 16.26 -2.69
N PRO G 204 -7.61 17.55 -3.05
CA PRO G 204 -8.38 17.83 -4.27
C PRO G 204 -7.90 17.04 -5.50
N TRP G 205 -6.58 16.90 -5.67
CA TRP G 205 -6.04 16.19 -6.83
C TRP G 205 -6.45 14.71 -6.82
N LEU G 206 -6.44 14.12 -5.63
CA LEU G 206 -6.83 12.72 -5.48
C LEU G 206 -8.26 12.54 -5.90
N ALA G 207 -9.11 13.48 -5.48
CA ALA G 207 -10.53 13.46 -5.86
C ALA G 207 -10.70 13.49 -7.40
N MET G 208 -9.84 14.24 -8.06
CA MET G 208 -9.89 14.35 -9.50
C MET G 208 -9.21 13.18 -10.23
N GLY G 209 -8.58 12.26 -9.49
CA GLY G 209 -8.03 11.08 -10.12
C GLY G 209 -6.54 11.09 -10.16
N ALA G 210 -5.89 11.99 -9.44
CA ALA G 210 -4.44 11.97 -9.41
C ALA G 210 -3.92 10.61 -8.88
N THR G 211 -2.80 10.17 -9.44
CA THR G 211 -2.15 8.92 -9.05
C THR G 211 -1.49 9.02 -7.68
N GLY G 212 -1.08 10.22 -7.29
CA GLY G 212 -0.38 10.39 -6.01
C GLY G 212 0.22 11.78 -5.94
N PHE G 213 1.23 11.89 -5.05
CA PHE G 213 1.88 13.13 -4.74
C PHE G 213 3.34 13.08 -5.11
N ILE G 214 3.83 14.18 -5.66
CA ILE G 214 5.22 14.48 -5.63
C ILE G 214 5.33 15.68 -4.69
N SER G 215 5.72 15.38 -3.46
CA SER G 215 5.44 16.21 -2.32
C SER G 215 6.69 16.85 -1.72
N VAL G 216 6.53 18.05 -1.20
CA VAL G 216 7.60 18.70 -0.48
C VAL G 216 7.47 18.37 1.02
N ILE G 217 6.26 18.47 1.56
CA ILE G 217 6.06 18.26 2.96
C ILE G 217 6.27 16.82 3.35
N ALA G 218 6.36 15.96 2.35
CA ALA G 218 6.67 14.54 2.57
C ALA G 218 8.04 14.39 3.24
N HIS G 219 8.91 15.39 3.10
CA HIS G 219 10.18 15.38 3.84
C HIS G 219 9.95 15.16 5.32
N LEU G 220 8.82 15.70 5.82
CA LEU G 220 8.61 15.84 7.25
C LEU G 220 7.49 14.95 7.70
N ALA G 221 6.56 14.69 6.79
CA ALA G 221 5.29 13.98 7.12
C ALA G 221 4.96 12.89 6.13
N ALA G 222 5.97 12.24 5.54
CA ALA G 222 5.69 11.16 4.57
C ALA G 222 4.67 10.14 5.10
N GLY G 223 4.84 9.71 6.34
CA GLY G 223 3.99 8.67 6.91
C GLY G 223 2.54 9.06 6.90
N GLN G 224 2.26 10.31 7.27
CA GLN G 224 0.88 10.81 7.24
C GLN G 224 0.33 10.92 5.83
N LEU G 225 1.17 11.36 4.90
CA LEU G 225 0.75 11.43 3.50
C LEU G 225 0.43 10.04 2.91
N ARG G 226 1.21 9.04 3.30
CA ARG G 226 0.96 7.65 2.90
C ARG G 226 -0.40 7.18 3.47
N GLU G 227 -0.62 7.42 4.77
CA GLU G 227 -1.88 7.14 5.42
C GLU G 227 -3.00 7.84 4.63
N LEU G 228 -2.74 9.05 4.13
CA LEU G 228 -3.76 9.84 3.46
C LEU G 228 -4.14 9.19 2.12
N LEU G 229 -3.10 8.79 1.40
CA LEU G 229 -3.19 8.13 0.11
C LEU G 229 -3.99 6.87 0.26
N SER G 230 -3.64 6.10 1.30
CA SER G 230 -4.36 4.85 1.61
C SER G 230 -5.78 5.07 2.02
N ALA G 231 -6.03 6.06 2.88
CA ALA G 231 -7.39 6.34 3.33
C ALA G 231 -8.20 6.75 2.12
N PHE G 232 -7.62 7.61 1.29
CA PHE G 232 -8.43 8.03 0.13
C PHE G 232 -8.74 6.85 -0.83
N GLY G 233 -7.71 6.03 -1.04
CA GLY G 233 -7.72 4.96 -2.04
C GLY G 233 -8.75 3.91 -1.68
N SER G 234 -9.03 3.78 -0.38
CA SER G 234 -10.01 2.82 0.12
C SER G 234 -11.37 3.45 0.37
N GLY G 235 -11.52 4.72 0.01
CA GLY G 235 -12.81 5.34 0.09
C GLY G 235 -13.10 5.92 1.47
N ASP G 236 -12.11 5.85 2.35
CA ASP G 236 -12.24 6.52 3.64
C ASP G 236 -11.86 8.01 3.52
N ILE G 237 -12.82 8.83 3.08
CA ILE G 237 -12.55 10.25 2.82
C ILE G 237 -12.45 11.10 4.07
N ALA G 238 -13.28 10.82 5.07
CA ALA G 238 -13.23 11.50 6.35
C ALA G 238 -11.82 11.46 6.90
N THR G 239 -11.19 10.31 6.77
CA THR G 239 -9.90 10.12 7.37
C THR G 239 -8.84 10.88 6.54
N ALA G 240 -8.97 10.85 5.21
CA ALA G 240 -8.00 11.50 4.33
C ALA G 240 -8.04 12.99 4.66
N ARG G 241 -9.25 13.46 4.90
CA ARG G 241 -9.51 14.86 5.11
C ARG G 241 -8.91 15.25 6.44
N LYS G 242 -9.11 14.40 7.46
CA LYS G 242 -8.58 14.69 8.77
C LYS G 242 -7.06 14.70 8.76
N ILE G 243 -6.47 13.81 7.97
CA ILE G 243 -5.05 13.74 7.83
C ILE G 243 -4.58 14.99 7.08
N ASN G 244 -5.29 15.36 6.01
CA ASN G 244 -4.92 16.53 5.25
C ASN G 244 -4.94 17.79 6.12
N ILE G 245 -5.95 17.87 7.01
CA ILE G 245 -6.00 18.97 8.00
C ILE G 245 -4.83 18.89 8.93
N ALA G 246 -4.51 17.69 9.45
CA ALA G 246 -3.38 17.52 10.38
C ALA G 246 -2.04 18.02 9.81
N VAL G 247 -1.77 17.78 8.55
CA VAL G 247 -0.49 18.27 7.99
C VAL G 247 -0.54 19.70 7.46
N ALA G 248 -1.72 20.29 7.50
CA ALA G 248 -1.90 21.64 6.90
C ALA G 248 -0.85 22.67 7.41
N PRO G 249 -0.50 22.62 8.71
CA PRO G 249 0.53 23.59 9.18
C PRO G 249 1.83 23.58 8.42
N LEU G 250 2.19 22.42 7.93
CA LEU G 250 3.43 22.25 7.16
C LEU G 250 3.27 22.93 5.82
N CYS G 251 2.07 22.81 5.24
CA CYS G 251 1.83 23.50 4.00
C CYS G 251 1.85 25.05 4.26
N ASN G 252 1.26 25.48 5.34
CA ASN G 252 1.36 26.87 5.77
C ASN G 252 2.80 27.34 5.98
N ALA G 253 3.58 26.53 6.69
CA ALA G 253 5.00 26.84 6.87
C ALA G 253 5.69 26.98 5.54
N MET G 254 5.36 26.07 4.61
CA MET G 254 5.90 26.18 3.26
C MET G 254 5.57 27.46 2.54
N SER G 255 4.38 28.04 2.76
CA SER G 255 4.02 29.31 2.14
C SER G 255 4.90 30.40 2.65
N ARG G 256 5.24 30.34 3.94
CA ARG G 256 6.17 31.31 4.54
C ARG G 256 7.63 31.17 4.05
N LEU G 257 8.07 29.94 3.82
CA LEU G 257 9.51 29.66 3.70
C LEU G 257 9.94 29.27 2.30
N GLY G 258 9.00 28.71 1.54
CA GLY G 258 9.31 27.94 0.36
C GLY G 258 9.86 26.57 0.71
N GLY G 259 9.76 25.66 -0.23
CA GLY G 259 10.10 24.24 0.01
C GLY G 259 11.52 23.96 0.40
N VAL G 260 12.45 24.65 -0.27
CA VAL G 260 13.87 24.41 -0.01
C VAL G 260 14.21 24.78 1.43
N THR G 261 13.94 26.03 1.83
CA THR G 261 14.19 26.48 3.17
C THR G 261 13.42 25.62 4.16
N LEU G 262 12.16 25.37 3.87
CA LEU G 262 11.35 24.58 4.82
C LEU G 262 11.91 23.17 4.97
N SER G 263 12.24 22.54 3.86
CA SER G 263 12.63 21.14 3.92
C SER G 263 13.95 20.94 4.72
N LYS G 264 14.90 21.84 4.52
CA LYS G 264 16.21 21.68 5.13
C LYS G 264 16.13 22.03 6.60
N ALA G 265 15.41 23.11 6.92
CA ALA G 265 15.24 23.50 8.31
C ALA G 265 14.40 22.45 9.09
N GLY G 266 13.41 21.87 8.45
CA GLY G 266 12.51 20.95 9.15
C GLY G 266 13.21 19.64 9.40
N LEU G 267 14.02 19.20 8.44
CA LEU G 267 14.75 17.95 8.58
C LEU G 267 15.79 18.08 9.69
N ARG G 268 16.40 19.25 9.78
CA ARG G 268 17.33 19.52 10.85
C ARG G 268 16.61 19.46 12.15
N LEU G 269 15.42 20.08 12.23
CA LEU G 269 14.62 20.01 13.46
C LEU G 269 14.33 18.60 13.84
N GLN G 270 14.14 17.74 12.85
CA GLN G 270 13.78 16.34 13.11
C GLN G 270 15.03 15.53 13.40
N GLY G 271 16.19 16.15 13.22
CA GLY G 271 17.42 15.48 13.63
C GLY G 271 18.21 14.89 12.50
N ILE G 272 17.80 15.23 11.28
CA ILE G 272 18.49 14.80 10.10
C ILE G 272 19.01 16.07 9.39
N ASP G 273 20.24 16.42 9.67
CA ASP G 273 20.79 17.64 9.18
C ASP G 273 21.17 17.41 7.71
N VAL G 274 20.64 18.26 6.85
CA VAL G 274 20.88 18.11 5.43
C VAL G 274 21.59 19.36 4.93
N GLY G 275 22.21 20.06 5.85
CA GLY G 275 22.89 21.32 5.52
C GLY G 275 21.91 22.44 5.20
N ASP G 276 22.44 23.46 4.52
CA ASP G 276 21.69 24.67 4.21
C ASP G 276 21.53 24.83 2.71
N PRO G 277 20.60 25.69 2.27
CA PRO G 277 20.49 25.96 0.86
C PRO G 277 21.70 26.75 0.32
N ARG G 278 21.87 26.67 -0.99
CA ARG G 278 22.85 27.48 -1.67
C ARG G 278 22.15 28.77 -2.13
N LEU G 279 22.86 29.88 -2.03
CA LEU G 279 22.43 31.13 -2.65
C LEU G 279 22.00 30.99 -4.09
N PRO G 280 20.92 31.68 -4.47
CA PRO G 280 20.16 32.70 -3.74
C PRO G 280 19.12 32.20 -2.72
N GLN G 281 18.97 30.89 -2.58
CA GLN G 281 18.22 30.33 -1.48
C GLN G 281 18.98 30.49 -0.18
N VAL G 282 18.20 30.56 0.91
CA VAL G 282 18.74 30.89 2.22
C VAL G 282 18.18 29.97 3.33
N ALA G 283 18.99 29.72 4.35
CA ALA G 283 18.61 28.95 5.51
C ALA G 283 17.61 29.73 6.32
N ALA G 284 16.67 29.01 6.91
CA ALA G 284 15.71 29.63 7.83
C ALA G 284 16.43 30.43 8.93
N THR G 285 15.87 31.59 9.29
CA THR G 285 16.36 32.38 10.41
C THR G 285 15.92 31.70 11.71
N PRO G 286 16.55 32.07 12.84
CA PRO G 286 16.11 31.50 14.12
C PRO G 286 14.59 31.62 14.38
N GLU G 287 13.99 32.75 14.06
CA GLU G 287 12.57 32.88 14.30
C GLU G 287 11.72 32.07 13.30
N GLN G 288 12.20 31.94 12.07
CA GLN G 288 11.54 31.05 11.11
C GLN G 288 11.62 29.61 11.63
N ILE G 289 12.71 29.31 12.34
CA ILE G 289 12.91 27.97 12.83
C ILE G 289 11.89 27.69 13.93
N ASP G 290 11.71 28.63 14.84
CA ASP G 290 10.72 28.51 15.88
C ASP G 290 9.29 28.38 15.29
N ALA G 291 8.98 29.23 14.32
CA ALA G 291 7.65 29.23 13.74
C ALA G 291 7.34 27.88 13.00
N LEU G 292 8.38 27.33 12.38
CA LEU G 292 8.34 26.07 11.71
C LEU G 292 8.13 24.96 12.72
N ALA G 293 8.90 25.02 13.82
CA ALA G 293 8.86 24.05 14.86
C ALA G 293 7.43 23.95 15.39
N ALA G 294 6.79 25.09 15.61
CA ALA G 294 5.39 25.12 16.10
C ALA G 294 4.42 24.45 15.11
N ASP G 295 4.56 24.77 13.82
CA ASP G 295 3.76 24.08 12.82
C ASP G 295 4.04 22.58 12.80
N MET G 296 5.30 22.20 13.03
CA MET G 296 5.71 20.78 12.99
C MET G 296 5.14 20.02 14.20
N ARG G 297 5.29 20.58 15.38
CA ARG G 297 4.60 20.05 16.54
C ARG G 297 3.09 19.89 16.34
N ALA G 298 2.41 20.93 15.81
CA ALA G 298 0.99 20.82 15.45
C ALA G 298 0.64 19.69 14.48
N ALA G 299 1.51 19.46 13.52
CA ALA G 299 1.38 18.41 12.51
C ALA G 299 1.85 17.06 13.04
N SER G 300 2.32 17.05 14.29
CA SER G 300 2.82 15.84 14.94
C SER G 300 4.01 15.21 14.28
N VAL G 301 4.95 16.03 13.86
CA VAL G 301 6.16 15.50 13.21
C VAL G 301 7.41 16.09 13.86
N LEU G 302 7.20 16.57 15.07
CA LEU G 302 8.29 17.09 15.86
C LEU G 302 7.87 16.87 17.29
N ARG G 303 8.71 16.19 18.06
CA ARG G 303 8.51 16.11 19.53
C ARG G 303 8.76 17.51 20.11
N GLY H 8 31.75 62.12 -9.59
CA GLY H 8 30.76 61.01 -9.48
C GLY H 8 30.72 60.13 -10.73
N PHE H 9 30.06 58.98 -10.61
CA PHE H 9 29.77 58.05 -11.73
C PHE H 9 28.79 58.64 -12.77
N ASP H 10 29.23 58.70 -14.03
CA ASP H 10 28.36 59.11 -15.12
C ASP H 10 27.67 57.91 -15.80
N VAL H 11 26.46 57.53 -15.36
CA VAL H 11 25.83 56.32 -15.90
C VAL H 11 25.63 56.39 -17.43
N ALA H 12 25.18 57.54 -17.92
CA ALA H 12 24.94 57.73 -19.36
C ALA H 12 26.20 57.57 -20.16
N ALA H 13 27.32 58.07 -19.63
CA ALA H 13 28.59 57.90 -20.33
C ALA H 13 29.15 56.49 -20.14
N ARG H 14 29.01 55.93 -18.96
CA ARG H 14 29.63 54.66 -18.65
C ARG H 14 28.86 53.43 -19.18
N LEU H 15 27.54 53.59 -19.28
CA LEU H 15 26.72 52.48 -19.70
C LEU H 15 25.97 52.77 -21.00
N GLY H 16 25.74 54.05 -21.32
CA GLY H 16 25.02 54.38 -22.53
C GLY H 16 23.61 54.90 -22.32
N THR H 17 22.99 55.31 -23.41
CA THR H 17 21.63 55.84 -23.38
C THR H 17 20.69 54.99 -24.24
N LEU H 18 21.20 54.49 -25.34
CA LEU H 18 20.44 53.58 -26.15
C LEU H 18 21.29 52.31 -26.33
N LEU H 19 20.81 51.23 -25.73
CA LEU H 19 21.48 49.94 -25.83
C LEU H 19 20.51 48.98 -26.45
N THR H 20 21.04 48.07 -27.28
CA THR H 20 20.23 46.93 -27.72
C THR H 20 20.48 45.74 -26.80
N ALA H 21 19.38 45.10 -26.37
CA ALA H 21 19.48 43.80 -25.73
C ALA H 21 19.81 42.80 -26.87
N MET H 22 21.10 42.68 -27.22
CA MET H 22 21.47 42.15 -28.53
C MET H 22 21.30 40.63 -28.59
N VAL H 23 20.72 40.17 -29.70
CA VAL H 23 20.71 38.73 -30.00
C VAL H 23 22.13 38.15 -30.10
N THR H 24 22.21 36.85 -29.86
CA THR H 24 23.41 36.13 -30.15
C THR H 24 23.20 35.40 -31.45
N PRO H 25 23.93 35.85 -32.52
CA PRO H 25 23.85 35.18 -33.81
C PRO H 25 24.41 33.79 -33.76
N PHE H 26 23.67 32.87 -34.37
CA PHE H 26 24.10 31.50 -34.49
C PHE H 26 24.22 31.15 -35.96
N SER H 27 25.12 30.22 -36.26
CA SER H 27 25.27 29.67 -37.62
C SER H 27 24.10 28.69 -37.87
N GLY H 28 24.01 28.13 -39.07
CA GLY H 28 22.89 27.23 -39.37
C GLY H 28 22.82 26.04 -38.41
N ASP H 29 23.96 25.59 -37.89
CA ASP H 29 23.90 24.50 -36.92
C ASP H 29 23.62 24.92 -35.47
N GLY H 30 23.26 26.17 -35.24
CA GLY H 30 23.12 26.65 -33.88
C GLY H 30 24.45 27.06 -33.24
N SER H 31 25.59 26.83 -33.88
CA SER H 31 26.85 27.20 -33.26
C SER H 31 26.96 28.72 -33.21
N LEU H 32 27.75 29.20 -32.26
CA LEU H 32 28.00 30.65 -32.14
C LEU H 32 28.58 31.24 -33.40
N ASP H 33 28.04 32.37 -33.81
CA ASP H 33 28.54 33.06 -35.01
C ASP H 33 29.07 34.46 -34.62
N THR H 34 30.32 34.50 -34.17
CA THR H 34 30.92 35.75 -33.67
C THR H 34 31.17 36.78 -34.76
N ALA H 35 31.45 36.35 -35.99
CA ALA H 35 31.71 37.28 -37.09
C ALA H 35 30.42 38.08 -37.35
N THR H 36 29.29 37.39 -37.34
CA THR H 36 28.03 38.04 -37.52
C THR H 36 27.70 38.92 -36.30
N ALA H 37 28.03 38.45 -35.09
CA ALA H 37 27.82 39.25 -33.87
C ALA H 37 28.58 40.61 -33.99
N ALA H 38 29.83 40.57 -34.49
CA ALA H 38 30.60 41.82 -34.76
C ALA H 38 29.96 42.70 -35.85
N ARG H 39 29.43 42.09 -36.91
CA ARG H 39 28.73 42.82 -37.95
C ARG H 39 27.45 43.49 -37.41
N LEU H 40 26.76 42.75 -36.54
CA LEU H 40 25.56 43.23 -35.87
C LEU H 40 25.87 44.36 -34.91
N ALA H 41 26.92 44.17 -34.13
CA ALA H 41 27.25 45.14 -33.08
C ALA H 41 27.66 46.43 -33.81
N ASN H 42 28.45 46.29 -34.87
CA ASN H 42 28.83 47.48 -35.63
C ASN H 42 27.63 48.24 -36.21
N HIS H 43 26.69 47.46 -36.74
CA HIS H 43 25.50 47.96 -37.36
C HIS H 43 24.66 48.74 -36.34
N LEU H 44 24.49 48.15 -35.18
CA LEU H 44 23.62 48.71 -34.15
C LEU H 44 24.22 49.99 -33.58
N VAL H 45 25.53 50.01 -33.40
CA VAL H 45 26.21 51.21 -32.99
C VAL H 45 26.13 52.27 -34.09
N ASP H 46 26.37 51.86 -35.32
CA ASP H 46 26.28 52.81 -36.42
C ASP H 46 24.89 53.41 -36.54
N GLN H 47 23.88 52.60 -36.25
CA GLN H 47 22.48 53.03 -36.28
C GLN H 47 22.08 53.96 -35.13
N GLY H 48 22.92 54.11 -34.11
CA GLY H 48 22.67 55.08 -33.05
C GLY H 48 22.73 54.54 -31.63
N CYS H 49 22.95 53.23 -31.45
CA CYS H 49 23.20 52.68 -30.10
C CYS H 49 24.55 53.12 -29.58
N ASP H 50 24.62 53.56 -28.32
CA ASP H 50 25.90 53.86 -27.71
C ASP H 50 26.33 52.82 -26.69
N GLY H 51 25.56 51.76 -26.59
CA GLY H 51 25.93 50.61 -25.77
C GLY H 51 25.20 49.41 -26.31
N LEU H 52 25.62 48.23 -25.85
CA LEU H 52 24.98 46.98 -26.16
C LEU H 52 24.99 46.11 -24.92
N VAL H 53 23.91 45.37 -24.73
CA VAL H 53 23.94 44.30 -23.75
C VAL H 53 24.10 43.00 -24.49
N VAL H 54 25.15 42.26 -24.13
CA VAL H 54 25.38 41.01 -24.79
C VAL H 54 25.05 39.92 -23.81
N SER H 55 24.51 38.79 -24.33
CA SER H 55 24.21 37.58 -23.54
C SER H 55 23.18 37.87 -22.45
N GLY H 56 22.27 38.76 -22.77
CA GLY H 56 21.06 38.89 -21.97
C GLY H 56 20.03 37.87 -22.43
N THR H 57 18.77 38.09 -22.00
CA THR H 57 17.69 37.22 -22.32
C THR H 57 17.47 37.20 -23.81
N THR H 58 17.49 38.37 -24.43
CA THR H 58 17.30 38.43 -25.88
C THR H 58 18.54 37.83 -26.61
N GLY H 59 19.71 37.90 -25.96
CA GLY H 59 20.89 37.22 -26.41
C GLY H 59 20.85 35.71 -26.13
N GLU H 60 19.70 35.20 -25.71
CA GLU H 60 19.57 33.74 -25.47
C GLU H 60 20.55 33.17 -24.45
N SER H 61 20.81 33.96 -23.41
CA SER H 61 21.59 33.53 -22.27
C SER H 61 21.20 32.14 -21.73
N PRO H 62 19.90 31.78 -21.76
CA PRO H 62 19.59 30.42 -21.27
C PRO H 62 20.18 29.27 -22.06
N THR H 63 20.42 29.46 -23.34
CA THR H 63 20.86 28.34 -24.20
C THR H 63 22.32 28.38 -24.65
N THR H 64 23.06 29.40 -24.23
CA THR H 64 24.46 29.51 -24.57
C THR H 64 25.30 29.10 -23.38
N THR H 65 26.48 28.60 -23.66
CA THR H 65 27.39 28.16 -22.59
C THR H 65 28.13 29.39 -22.08
N ASP H 66 28.76 29.28 -20.90
CA ASP H 66 29.74 30.27 -20.46
C ASP H 66 30.78 30.63 -21.53
N GLY H 67 31.36 29.61 -22.13
CA GLY H 67 32.41 29.82 -23.12
C GLY H 67 31.89 30.66 -24.26
N GLU H 68 30.68 30.34 -24.73
CA GLU H 68 30.06 31.08 -25.83
C GLU H 68 29.80 32.53 -25.43
N LYS H 69 29.23 32.72 -24.24
CA LYS H 69 29.08 34.10 -23.70
C LYS H 69 30.41 34.89 -23.73
N ILE H 70 31.49 34.25 -23.33
CA ILE H 70 32.78 34.96 -23.25
C ILE H 70 33.32 35.26 -24.61
N GLU H 71 33.24 34.28 -25.49
CA GLU H 71 33.62 34.44 -26.86
C GLU H 71 32.83 35.61 -27.43
N LEU H 72 31.51 35.61 -27.19
CA LEU H 72 30.66 36.61 -27.77
C LEU H 72 31.03 37.99 -27.26
N LEU H 73 31.17 38.09 -25.95
CA LEU H 73 31.60 39.32 -25.29
C LEU H 73 32.89 39.86 -25.92
N ARG H 74 33.86 38.96 -26.05
CA ARG H 74 35.17 39.32 -26.48
C ARG H 74 35.15 39.77 -27.96
N ALA H 75 34.22 39.21 -28.74
CA ALA H 75 34.04 39.60 -30.14
C ALA H 75 33.33 40.95 -30.27
N VAL H 76 32.37 41.22 -29.39
CA VAL H 76 31.67 42.47 -29.45
C VAL H 76 32.54 43.64 -28.98
N LEU H 77 33.33 43.39 -27.93
CA LEU H 77 34.24 44.39 -27.43
C LEU H 77 35.19 44.73 -28.51
N GLU H 78 35.67 43.71 -29.20
CA GLU H 78 36.69 43.94 -30.23
C GLU H 78 36.07 44.72 -31.37
N ALA H 79 34.80 44.46 -31.68
CA ALA H 79 34.11 45.16 -32.75
C ALA H 79 33.74 46.65 -32.48
N VAL H 80 33.20 46.96 -31.30
CA VAL H 80 32.66 48.29 -31.04
C VAL H 80 33.08 48.80 -29.69
N GLY H 81 33.87 48.01 -28.96
CA GLY H 81 34.29 48.38 -27.59
C GLY H 81 34.91 49.77 -27.42
N ASP H 82 35.55 50.26 -28.48
CA ASP H 82 36.19 51.56 -28.45
C ASP H 82 35.24 52.72 -28.71
N ARG H 83 34.00 52.47 -29.08
CA ARG H 83 33.07 53.57 -29.36
C ARG H 83 31.66 53.28 -28.81
N ALA H 84 31.53 52.20 -28.04
CA ALA H 84 30.26 51.87 -27.39
C ALA H 84 30.54 51.15 -26.12
N ARG H 85 29.57 51.23 -25.20
CA ARG H 85 29.65 50.54 -23.92
C ARG H 85 29.11 49.18 -24.15
N VAL H 86 29.88 48.19 -23.71
CA VAL H 86 29.47 46.82 -23.84
C VAL H 86 29.19 46.26 -22.44
N ILE H 87 27.93 45.89 -22.22
CA ILE H 87 27.46 45.49 -20.93
C ILE H 87 27.14 44.00 -21.12
N ALA H 88 27.60 43.18 -20.18
CA ALA H 88 27.48 41.73 -20.30
C ALA H 88 26.41 41.25 -19.37
N GLY H 89 25.51 40.44 -19.88
CA GLY H 89 24.53 39.76 -19.04
C GLY H 89 25.27 38.78 -18.15
N ALA H 90 25.09 38.87 -16.85
CA ALA H 90 25.76 37.89 -16.00
C ALA H 90 24.99 37.36 -14.79
N GLY H 91 23.69 37.32 -14.79
CA GLY H 91 23.07 36.70 -13.65
C GLY H 91 22.22 35.53 -14.06
N THR H 92 22.20 34.51 -13.20
CA THR H 92 21.33 33.41 -13.36
C THR H 92 20.65 33.19 -12.03
N TYR H 93 20.00 32.04 -11.88
CA TYR H 93 19.32 31.72 -10.64
C TYR H 93 20.30 31.05 -9.65
N ASP H 94 21.60 31.19 -9.90
CA ASP H 94 22.63 30.46 -9.14
C ASP H 94 23.72 31.48 -8.83
N THR H 95 23.91 31.77 -7.54
CA THR H 95 24.82 32.85 -7.15
C THR H 95 26.25 32.53 -7.50
N ALA H 96 26.66 31.26 -7.29
CA ALA H 96 28.05 30.89 -7.42
C ALA H 96 28.35 31.03 -8.91
N HIS H 97 27.40 30.63 -9.71
CA HIS H 97 27.57 30.71 -11.15
C HIS H 97 27.60 32.15 -11.63
N SER H 98 26.64 32.95 -11.17
CA SER H 98 26.59 34.39 -11.53
C SER H 98 27.91 35.08 -11.21
N ILE H 99 28.48 34.76 -10.05
CA ILE H 99 29.74 35.30 -9.64
C ILE H 99 30.80 34.90 -10.65
N ARG H 100 30.81 33.61 -11.08
CA ARG H 100 31.88 33.11 -11.98
C ARG H 100 31.76 33.89 -13.28
N LEU H 101 30.52 34.05 -13.69
CA LEU H 101 30.24 34.65 -14.96
C LEU H 101 30.60 36.15 -14.88
N ALA H 102 30.25 36.77 -13.77
CA ALA H 102 30.55 38.17 -13.54
C ALA H 102 32.08 38.38 -13.60
N LYS H 103 32.83 37.56 -12.85
CA LYS H 103 34.31 37.59 -12.90
C LYS H 103 34.91 37.40 -14.28
N ALA H 104 34.27 36.54 -15.06
CA ALA H 104 34.80 36.19 -16.37
C ALA H 104 34.53 37.33 -17.34
N CYS H 105 33.38 37.97 -17.19
CA CYS H 105 33.06 39.12 -18.03
C CYS H 105 33.99 40.30 -17.72
N ALA H 106 34.25 40.52 -16.44
CA ALA H 106 35.19 41.57 -16.03
C ALA H 106 36.58 41.29 -16.60
N ALA H 107 36.98 40.02 -16.64
CA ALA H 107 38.36 39.66 -17.11
C ALA H 107 38.50 39.93 -18.59
N GLU H 108 37.40 39.77 -19.33
CA GLU H 108 37.34 40.11 -20.75
C GLU H 108 37.32 41.62 -21.02
N GLY H 109 36.99 42.40 -20.01
CA GLY H 109 36.94 43.86 -20.17
C GLY H 109 35.51 44.38 -20.43
N ALA H 110 34.49 43.66 -19.97
CA ALA H 110 33.14 44.15 -20.08
C ALA H 110 33.09 45.49 -19.40
N HIS H 111 32.24 46.40 -19.91
CA HIS H 111 32.17 47.74 -19.35
C HIS H 111 31.20 47.81 -18.19
N GLY H 112 30.36 46.78 -18.05
CA GLY H 112 29.39 46.75 -16.99
C GLY H 112 28.68 45.42 -17.02
N LEU H 113 27.81 45.20 -16.03
CA LEU H 113 27.06 43.95 -15.91
C LEU H 113 25.58 44.23 -15.83
N LEU H 114 24.82 43.38 -16.47
CA LEU H 114 23.40 43.37 -16.26
C LEU H 114 23.03 42.07 -15.51
N VAL H 115 22.39 42.22 -14.35
CA VAL H 115 22.18 41.07 -13.49
C VAL H 115 20.68 40.93 -13.21
N VAL H 116 20.11 39.92 -13.84
CA VAL H 116 18.68 39.62 -13.68
C VAL H 116 18.35 38.98 -12.33
N THR H 117 17.19 39.33 -11.81
CA THR H 117 16.66 38.64 -10.67
C THR H 117 16.71 37.08 -10.90
N PRO H 118 17.34 36.34 -9.98
CA PRO H 118 17.22 34.88 -10.05
C PRO H 118 15.81 34.43 -10.35
N TYR H 119 15.70 33.65 -11.43
CA TYR H 119 14.41 33.23 -11.91
C TYR H 119 14.05 31.86 -11.40
N TYR H 120 12.75 31.53 -11.54
CA TYR H 120 12.26 30.17 -11.34
C TYR H 120 12.19 29.68 -9.88
N SER H 121 13.29 29.81 -9.15
CA SER H 121 13.39 29.20 -7.84
C SER H 121 12.75 30.08 -6.72
N LYS H 122 12.43 31.34 -7.02
CA LYS H 122 11.73 32.28 -6.13
C LYS H 122 12.38 32.42 -4.77
N PRO H 123 13.63 32.90 -4.76
CA PRO H 123 14.24 33.12 -3.49
C PRO H 123 13.51 34.25 -2.76
N PRO H 124 13.64 34.30 -1.43
CA PRO H 124 13.03 35.43 -0.73
C PRO H 124 13.86 36.67 -1.01
N GLN H 125 13.31 37.84 -0.65
CA GLN H 125 13.95 39.11 -0.82
C GLN H 125 15.36 39.11 -0.19
N ARG H 126 15.54 38.48 0.97
CA ARG H 126 16.87 38.51 1.58
C ARG H 126 17.80 37.62 0.81
N GLY H 127 17.26 36.61 0.14
CA GLY H 127 18.06 35.83 -0.77
C GLY H 127 18.50 36.68 -1.94
N LEU H 128 17.54 37.38 -2.54
CA LEU H 128 17.87 38.29 -3.64
C LEU H 128 18.96 39.30 -3.23
N GLN H 129 18.76 39.96 -2.10
CA GLN H 129 19.74 40.89 -1.57
C GLN H 129 21.15 40.28 -1.41
N ALA H 130 21.23 39.12 -0.78
CA ALA H 130 22.53 38.40 -0.66
C ALA H 130 23.14 38.07 -2.03
N HIS H 131 22.29 37.67 -2.97
CA HIS H 131 22.70 37.31 -4.31
C HIS H 131 23.27 38.51 -5.03
N PHE H 132 22.50 39.60 -5.10
CA PHE H 132 22.97 40.76 -5.85
C PHE H 132 24.22 41.37 -5.23
N THR H 133 24.26 41.42 -3.92
CA THR H 133 25.44 41.84 -3.15
C THR H 133 26.64 41.02 -3.48
N ALA H 134 26.52 39.70 -3.41
CA ALA H 134 27.67 38.83 -3.76
C ALA H 134 28.18 39.03 -5.19
N VAL H 135 27.25 39.15 -6.16
CA VAL H 135 27.61 39.45 -7.52
C VAL H 135 28.25 40.80 -7.62
N ALA H 136 27.66 41.81 -6.96
CA ALA H 136 28.23 43.16 -6.99
C ALA H 136 29.61 43.17 -6.35
N ASP H 137 29.84 42.29 -5.38
CA ASP H 137 31.12 42.24 -4.67
C ASP H 137 32.17 41.51 -5.48
N ALA H 138 31.74 40.79 -6.52
CA ALA H 138 32.63 39.92 -7.24
C ALA H 138 33.60 40.64 -8.16
N THR H 139 33.21 41.81 -8.65
CA THR H 139 34.06 42.60 -9.56
C THR H 139 33.94 44.07 -9.22
N GLU H 140 34.80 44.88 -9.83
CA GLU H 140 34.73 46.34 -9.69
C GLU H 140 33.93 46.99 -10.82
N LEU H 141 33.13 46.22 -11.57
CA LEU H 141 32.34 46.72 -12.69
C LEU H 141 31.02 47.36 -12.24
N PRO H 142 30.60 48.42 -12.95
CA PRO H 142 29.24 48.93 -12.66
C PRO H 142 28.18 47.88 -13.02
N MET H 143 27.13 47.81 -12.21
CA MET H 143 26.18 46.75 -12.32
C MET H 143 24.76 47.31 -12.33
N LEU H 144 23.95 46.83 -13.31
CA LEU H 144 22.53 47.07 -13.33
C LEU H 144 21.71 45.86 -12.85
N LEU H 145 20.71 46.13 -12.03
CA LEU H 145 19.78 45.10 -11.62
C LEU H 145 18.79 45.05 -12.74
N TYR H 146 18.30 43.86 -13.05
CA TYR H 146 17.29 43.74 -14.08
C TYR H 146 16.04 43.18 -13.39
N ASP H 147 15.08 44.05 -13.16
CA ASP H 147 13.88 43.73 -12.45
C ASP H 147 12.81 43.33 -13.46
N ILE H 148 12.54 42.01 -13.53
CA ILE H 148 11.58 41.49 -14.47
C ILE H 148 10.75 40.31 -13.88
N PRO H 149 9.83 40.65 -12.98
CA PRO H 149 9.10 39.62 -12.29
C PRO H 149 8.26 38.78 -13.22
N GLY H 150 7.83 39.34 -14.35
CA GLY H 150 7.07 38.58 -15.32
C GLY H 150 7.87 37.41 -15.91
N ARG H 151 9.19 37.42 -15.88
CA ARG H 151 9.99 36.29 -16.31
C ARG H 151 10.55 35.55 -15.08
N SER H 152 11.00 36.32 -14.08
CA SER H 152 11.73 35.71 -12.97
C SER H 152 10.83 35.14 -11.92
N ALA H 153 9.57 35.52 -11.94
CA ALA H 153 8.57 35.05 -10.97
C ALA H 153 8.66 35.68 -9.57
N VAL H 154 9.66 36.55 -9.35
CA VAL H 154 9.74 37.42 -8.16
C VAL H 154 10.23 38.79 -8.58
N PRO H 155 9.68 39.85 -7.98
CA PRO H 155 10.20 41.19 -8.16
C PRO H 155 11.38 41.44 -7.25
N ILE H 156 12.23 42.39 -7.61
CA ILE H 156 13.10 42.99 -6.62
C ILE H 156 12.23 44.06 -5.95
N GLU H 157 11.77 43.78 -4.74
CA GLU H 157 10.88 44.68 -4.05
C GLU H 157 11.58 46.03 -3.80
N PRO H 158 10.81 47.13 -3.76
CA PRO H 158 11.44 48.44 -3.59
C PRO H 158 12.45 48.56 -2.44
N ASP H 159 12.15 47.96 -1.29
CA ASP H 159 13.06 48.00 -0.16
C ASP H 159 14.38 47.30 -0.46
N THR H 160 14.30 46.25 -1.26
CA THR H 160 15.47 45.48 -1.63
C THR H 160 16.28 46.33 -2.60
N ILE H 161 15.61 46.94 -3.56
CA ILE H 161 16.32 47.76 -4.52
C ILE H 161 17.04 48.87 -3.76
N ARG H 162 16.32 49.48 -2.78
CA ARG H 162 16.84 50.59 -2.01
C ARG H 162 18.07 50.19 -1.21
N ALA H 163 17.99 49.04 -0.55
CA ALA H 163 19.12 48.48 0.18
C ALA H 163 20.29 48.23 -0.76
N LEU H 164 20.01 47.72 -1.94
CA LEU H 164 21.06 47.38 -2.88
C LEU H 164 21.71 48.64 -3.44
N ALA H 165 20.96 49.73 -3.52
CA ALA H 165 21.44 51.01 -4.04
C ALA H 165 22.70 51.46 -3.35
N SER H 166 22.87 51.06 -2.10
CA SER H 166 23.97 51.60 -1.30
C SER H 166 25.28 50.87 -1.60
N HIS H 167 25.20 49.83 -2.43
CA HIS H 167 26.37 49.20 -2.94
C HIS H 167 27.03 50.07 -3.99
N PRO H 168 28.33 50.35 -3.77
CA PRO H 168 29.07 51.20 -4.73
C PRO H 168 29.05 50.75 -6.18
N ASN H 169 28.98 49.46 -6.44
CA ASN H 169 28.95 48.96 -7.81
C ASN H 169 27.59 48.83 -8.45
N ILE H 170 26.53 48.89 -7.64
CA ILE H 170 25.17 48.81 -8.15
C ILE H 170 24.70 50.23 -8.49
N VAL H 171 24.50 50.48 -9.78
CA VAL H 171 24.39 51.87 -10.24
C VAL H 171 23.04 52.14 -10.90
N GLY H 172 22.31 51.07 -11.20
CA GLY H 172 21.04 51.27 -11.81
C GLY H 172 20.21 50.05 -11.94
N VAL H 173 19.07 50.25 -12.59
CA VAL H 173 18.07 49.20 -12.77
C VAL H 173 17.61 49.25 -14.23
N LYS H 174 17.66 48.11 -14.90
CA LYS H 174 16.88 47.92 -16.06
C LYS H 174 15.48 47.43 -15.62
N ASP H 175 14.48 48.24 -15.88
CA ASP H 175 13.16 47.89 -15.43
C ASP H 175 12.24 47.27 -16.48
N ALA H 176 11.69 46.10 -16.19
CA ALA H 176 10.52 45.60 -16.92
C ALA H 176 9.30 45.44 -16.01
N LYS H 177 9.41 45.87 -14.75
CA LYS H 177 8.32 45.69 -13.77
C LYS H 177 7.22 46.71 -13.97
N ALA H 178 7.53 47.85 -14.59
CA ALA H 178 6.49 48.84 -14.97
C ALA H 178 5.93 49.55 -13.72
N ASP H 179 6.62 49.46 -12.59
CA ASP H 179 6.17 50.28 -11.46
C ASP H 179 6.87 51.64 -11.57
N LEU H 180 6.36 52.48 -12.46
CA LEU H 180 7.07 53.69 -12.78
C LEU H 180 6.98 54.61 -11.58
N HIS H 181 5.85 54.61 -10.86
CA HIS H 181 5.69 55.40 -9.65
C HIS H 181 6.77 55.01 -8.65
N SER H 182 6.97 53.72 -8.48
CA SER H 182 7.97 53.28 -7.51
C SER H 182 9.40 53.59 -7.96
N GLY H 183 9.70 53.23 -9.21
CA GLY H 183 10.97 53.55 -9.82
C GLY H 183 11.34 55.03 -9.79
N ALA H 184 10.37 55.90 -10.09
CA ALA H 184 10.58 57.33 -9.96
C ALA H 184 11.09 57.66 -8.55
N GLN H 185 10.45 57.08 -7.51
CA GLN H 185 10.81 57.49 -6.14
C GLN H 185 12.17 56.90 -5.82
N ILE H 186 12.39 55.68 -6.26
CA ILE H 186 13.67 55.05 -6.01
C ILE H 186 14.81 55.88 -6.63
N MET H 187 14.65 56.26 -7.90
CA MET H 187 15.56 57.20 -8.53
C MET H 187 15.80 58.45 -7.74
N ALA H 188 14.73 59.08 -7.26
CA ALA H 188 14.84 60.35 -6.57
C ALA H 188 15.58 60.14 -5.27
N ASP H 189 15.34 58.98 -4.64
CA ASP H 189 15.85 58.79 -3.27
C ASP H 189 17.27 58.31 -3.29
N THR H 190 17.61 57.49 -4.28
CA THR H 190 18.88 56.80 -4.26
C THR H 190 19.83 57.28 -5.33
N GLY H 191 19.31 57.94 -6.36
CA GLY H 191 20.13 58.28 -7.49
C GLY H 191 20.53 57.08 -8.39
N LEU H 192 19.89 55.93 -8.20
CA LEU H 192 20.01 54.81 -9.16
C LEU H 192 19.50 55.27 -10.54
N ALA H 193 20.23 54.90 -11.59
CA ALA H 193 19.81 55.20 -12.96
C ALA H 193 18.82 54.13 -13.37
N TYR H 194 17.80 54.49 -14.14
CA TYR H 194 16.86 53.51 -14.64
C TYR H 194 17.00 53.48 -16.15
N TYR H 195 16.89 52.30 -16.69
CA TYR H 195 16.73 52.08 -18.09
C TYR H 195 15.41 51.39 -18.31
N SER H 196 14.69 51.87 -19.33
CA SER H 196 13.52 51.15 -19.78
C SER H 196 13.96 49.78 -20.30
N GLY H 197 13.44 48.73 -19.70
CA GLY H 197 13.68 47.41 -20.25
C GLY H 197 12.42 46.81 -20.88
N ASP H 198 11.44 47.63 -21.19
CA ASP H 198 10.30 47.15 -21.91
C ASP H 198 10.04 48.28 -22.89
N ASP H 199 10.14 47.98 -24.19
CA ASP H 199 10.00 49.00 -25.22
C ASP H 199 8.66 49.70 -25.17
N ALA H 200 7.63 49.00 -24.69
CA ALA H 200 6.30 49.61 -24.57
C ALA H 200 6.35 50.84 -23.68
N LEU H 201 7.21 50.76 -22.65
CA LEU H 201 7.33 51.84 -21.68
C LEU H 201 8.48 52.83 -21.85
N ASN H 202 9.17 52.75 -23.00
CA ASN H 202 10.30 53.65 -23.28
C ASN H 202 9.99 55.11 -22.97
N LEU H 203 8.93 55.61 -23.59
CA LEU H 203 8.52 56.99 -23.40
C LEU H 203 8.07 57.36 -21.98
N PRO H 204 7.13 56.59 -21.37
CA PRO H 204 6.79 56.86 -19.98
C PRO H 204 8.04 56.85 -19.09
N TRP H 205 9.00 55.93 -19.35
CA TRP H 205 10.19 55.84 -18.51
C TRP H 205 11.04 57.09 -18.59
N LEU H 206 11.21 57.60 -19.82
CA LEU H 206 11.92 58.86 -20.00
C LEU H 206 11.26 59.98 -19.21
N ALA H 207 9.93 60.06 -19.26
CA ALA H 207 9.20 61.09 -18.49
C ALA H 207 9.54 60.97 -17.02
N MET H 208 9.65 59.74 -16.53
CA MET H 208 10.02 59.46 -15.15
C MET H 208 11.53 59.60 -14.83
N GLY H 209 12.33 59.95 -15.83
CA GLY H 209 13.72 60.26 -15.58
C GLY H 209 14.67 59.14 -15.92
N ALA H 210 14.18 58.12 -16.64
CA ALA H 210 15.08 57.06 -17.05
C ALA H 210 16.24 57.63 -17.88
N THR H 211 17.39 56.99 -17.74
CA THR H 211 18.59 57.41 -18.44
C THR H 211 18.47 57.05 -19.93
N GLY H 212 17.73 55.99 -20.23
CA GLY H 212 17.59 55.56 -21.61
C GLY H 212 16.97 54.18 -21.71
N PHE H 213 17.31 53.48 -22.79
CA PHE H 213 16.62 52.22 -23.12
C PHE H 213 17.63 51.14 -23.24
N ILE H 214 17.26 49.99 -22.70
CA ILE H 214 17.94 48.76 -23.08
C ILE H 214 16.87 47.99 -23.83
N SER H 215 16.99 48.04 -25.16
CA SER H 215 15.85 47.85 -26.02
C SER H 215 16.00 46.60 -26.84
N VAL H 216 14.86 45.95 -27.09
CA VAL H 216 14.79 44.87 -28.06
C VAL H 216 14.50 45.38 -29.50
N ILE H 217 13.54 46.27 -29.65
CA ILE H 217 13.16 46.73 -30.99
C ILE H 217 14.24 47.62 -31.60
N ALA H 218 15.20 48.05 -30.78
CA ALA H 218 16.34 48.78 -31.26
C ALA H 218 17.05 47.93 -32.30
N HIS H 219 16.89 46.60 -32.26
CA HIS H 219 17.50 45.73 -33.31
C HIS H 219 17.13 46.23 -34.68
N LEU H 220 15.90 46.69 -34.78
CA LEU H 220 15.27 47.02 -36.04
C LEU H 220 15.15 48.50 -36.27
N ALA H 221 15.03 49.26 -35.18
CA ALA H 221 14.67 50.67 -35.23
C ALA H 221 15.54 51.52 -34.32
N ALA H 222 16.81 51.17 -34.21
CA ALA H 222 17.71 51.94 -33.33
C ALA H 222 17.68 53.44 -33.68
N GLY H 223 17.73 53.75 -34.97
CA GLY H 223 17.81 55.13 -35.41
C GLY H 223 16.66 55.95 -34.91
N GLN H 224 15.45 55.39 -35.01
CA GLN H 224 14.26 56.06 -34.51
C GLN H 224 14.26 56.18 -33.00
N LEU H 225 14.75 55.16 -32.31
CA LEU H 225 14.81 55.22 -30.85
C LEU H 225 15.80 56.29 -30.41
N ARG H 226 16.93 56.37 -31.12
CA ARG H 226 17.83 57.48 -30.92
C ARG H 226 17.08 58.80 -31.18
N GLU H 227 16.41 58.96 -32.33
CA GLU H 227 15.65 60.22 -32.56
C GLU H 227 14.68 60.55 -31.39
N LEU H 228 14.05 59.52 -30.85
CA LEU H 228 13.06 59.71 -29.81
C LEU H 228 13.77 60.21 -28.56
N LEU H 229 14.88 59.56 -28.20
CA LEU H 229 15.77 59.99 -27.11
C LEU H 229 16.16 61.44 -27.24
N SER H 230 16.58 61.81 -28.46
CA SER H 230 17.02 63.18 -28.76
C SER H 230 15.86 64.16 -28.62
N ALA H 231 14.70 63.78 -29.16
CA ALA H 231 13.54 64.68 -29.22
C ALA H 231 13.07 64.94 -27.81
N PHE H 232 13.02 63.87 -27.03
CA PHE H 232 12.67 63.97 -25.64
C PHE H 232 13.70 64.81 -24.89
N GLY H 233 14.97 64.52 -25.17
CA GLY H 233 16.11 65.34 -24.74
C GLY H 233 15.89 66.85 -24.74
N SER H 234 15.44 67.37 -25.88
CA SER H 234 15.30 68.80 -26.13
C SER H 234 13.95 69.40 -25.73
N GLY H 235 13.10 68.57 -25.16
CA GLY H 235 11.81 69.02 -24.66
C GLY H 235 10.70 68.89 -25.69
N ASP H 236 11.01 68.19 -26.78
CA ASP H 236 10.12 68.03 -27.92
C ASP H 236 9.37 66.68 -27.80
N ILE H 237 8.37 66.68 -26.93
CA ILE H 237 7.59 65.51 -26.61
C ILE H 237 6.70 65.10 -27.76
N ALA H 238 6.14 66.09 -28.46
CA ALA H 238 5.23 65.83 -29.57
C ALA H 238 5.92 64.98 -30.63
N THR H 239 7.22 65.21 -30.77
CA THR H 239 8.04 64.47 -31.71
C THR H 239 8.44 63.16 -31.12
N ALA H 240 8.81 63.18 -29.84
CA ALA H 240 9.14 61.92 -29.16
C ALA H 240 7.90 61.01 -29.21
N ARG H 241 6.75 61.64 -29.03
CA ARG H 241 5.50 60.93 -28.95
C ARG H 241 5.20 60.28 -30.31
N LYS H 242 5.51 61.00 -31.38
CA LYS H 242 5.18 60.59 -32.76
C LYS H 242 6.09 59.44 -33.20
N ILE H 243 7.36 59.55 -32.83
CA ILE H 243 8.29 58.45 -33.06
C ILE H 243 7.81 57.24 -32.30
N ASN H 244 7.45 57.44 -31.04
CA ASN H 244 7.08 56.28 -30.23
C ASN H 244 5.88 55.59 -30.87
N ILE H 245 5.00 56.41 -31.46
CA ILE H 245 3.88 55.87 -32.21
C ILE H 245 4.36 55.17 -33.47
N ALA H 246 5.29 55.79 -34.20
CA ALA H 246 5.86 55.20 -35.42
C ALA H 246 6.43 53.78 -35.18
N VAL H 247 7.09 53.58 -34.05
CA VAL H 247 7.71 52.28 -33.80
C VAL H 247 6.79 51.29 -33.07
N ALA H 248 5.64 51.77 -32.62
CA ALA H 248 4.70 50.93 -31.89
C ALA H 248 4.37 49.56 -32.55
N PRO H 249 4.25 49.51 -33.90
CA PRO H 249 4.01 48.18 -34.53
C PRO H 249 5.06 47.15 -34.24
N LEU H 250 6.30 47.59 -33.99
CA LEU H 250 7.41 46.66 -33.66
C LEU H 250 7.19 46.07 -32.27
N CYS H 251 6.66 46.91 -31.40
CA CYS H 251 6.40 46.51 -30.07
C CYS H 251 5.20 45.55 -30.10
N ASN H 252 4.23 45.85 -30.94
CA ASN H 252 3.11 44.91 -31.13
C ASN H 252 3.58 43.57 -31.70
N ALA H 253 4.49 43.61 -32.69
CA ALA H 253 5.07 42.37 -33.22
C ALA H 253 5.78 41.59 -32.11
N MET H 254 6.46 42.30 -31.21
CA MET H 254 7.13 41.66 -30.08
C MET H 254 6.17 40.94 -29.12
N SER H 255 4.99 41.49 -28.93
CA SER H 255 4.00 40.84 -28.09
C SER H 255 3.56 39.54 -28.72
N ARG H 256 3.49 39.50 -30.04
CA ARG H 256 3.14 38.27 -30.71
C ARG H 256 4.29 37.23 -30.64
N LEU H 257 5.53 37.71 -30.79
CA LEU H 257 6.63 36.80 -31.09
C LEU H 257 7.56 36.55 -29.91
N GLY H 258 7.67 37.54 -29.04
CA GLY H 258 8.79 37.52 -28.10
C GLY H 258 10.04 38.13 -28.74
N GLY H 259 10.92 38.69 -27.91
CA GLY H 259 12.08 39.42 -28.36
C GLY H 259 13.06 38.61 -29.20
N VAL H 260 13.24 37.35 -28.85
CA VAL H 260 14.20 36.51 -29.53
C VAL H 260 13.76 36.18 -30.95
N THR H 261 12.52 35.71 -31.08
CA THR H 261 12.00 35.37 -32.37
C THR H 261 11.87 36.62 -33.23
N LEU H 262 11.43 37.70 -32.60
CA LEU H 262 11.20 38.91 -33.32
C LEU H 262 12.54 39.45 -33.84
N SER H 263 13.54 39.46 -32.99
CA SER H 263 14.79 40.12 -33.36
C SER H 263 15.51 39.38 -34.48
N LYS H 264 15.50 38.03 -34.41
CA LYS H 264 16.22 37.23 -35.39
C LYS H 264 15.49 37.24 -36.73
N ALA H 265 14.15 37.17 -36.67
CA ALA H 265 13.34 37.23 -37.89
C ALA H 265 13.42 38.61 -38.57
N GLY H 266 13.47 39.65 -37.77
CA GLY H 266 13.38 41.00 -38.30
C GLY H 266 14.70 41.41 -38.88
N LEU H 267 15.77 41.04 -38.19
CA LEU H 267 17.10 41.34 -38.72
C LEU H 267 17.27 40.65 -40.09
N ARG H 268 16.82 39.39 -40.17
CA ARG H 268 16.85 38.66 -41.40
C ARG H 268 16.08 39.43 -42.44
N LEU H 269 14.87 39.87 -42.11
CA LEU H 269 14.10 40.64 -43.09
C LEU H 269 14.85 41.88 -43.57
N GLN H 270 15.67 42.45 -42.69
CA GLN H 270 16.44 43.64 -43.01
C GLN H 270 17.72 43.33 -43.80
N GLY H 271 17.98 42.05 -44.08
CA GLY H 271 19.18 41.66 -44.80
C GLY H 271 20.36 41.35 -43.90
N ILE H 272 20.13 41.27 -42.59
CA ILE H 272 21.19 40.87 -41.63
C ILE H 272 20.81 39.54 -41.00
N ASP H 273 21.21 38.46 -41.65
CA ASP H 273 20.86 37.15 -41.15
C ASP H 273 21.68 36.88 -39.89
N VAL H 274 21.01 36.47 -38.82
CA VAL H 274 21.66 36.22 -37.55
C VAL H 274 21.25 34.80 -37.09
N GLY H 275 20.79 34.02 -38.06
CA GLY H 275 20.43 32.63 -37.82
C GLY H 275 19.15 32.56 -37.04
N ASP H 276 18.92 31.39 -36.45
CA ASP H 276 17.71 31.11 -35.74
C ASP H 276 17.94 30.95 -34.22
N PRO H 277 16.86 30.97 -33.42
CA PRO H 277 17.02 30.70 -32.01
C PRO H 277 17.33 29.25 -31.72
N ARG H 278 17.87 29.01 -30.53
CA ARG H 278 18.05 27.67 -29.99
C ARG H 278 16.83 27.27 -29.23
N LEU H 279 16.45 26.01 -29.37
CA LEU H 279 15.34 25.45 -28.56
C LEU H 279 15.61 25.68 -27.05
N PRO H 280 14.56 26.02 -26.26
CA PRO H 280 13.15 25.98 -26.62
C PRO H 280 12.59 27.19 -27.38
N GLN H 281 13.45 28.16 -27.69
CA GLN H 281 12.99 29.25 -28.53
C GLN H 281 12.92 28.76 -29.99
N VAL H 282 12.11 29.42 -30.80
CA VAL H 282 11.83 28.95 -32.15
C VAL H 282 11.89 30.09 -33.13
N ALA H 283 12.28 29.77 -34.37
CA ALA H 283 12.26 30.72 -35.47
C ALA H 283 10.84 31.07 -35.84
N ALA H 284 10.65 32.31 -36.25
CA ALA H 284 9.33 32.75 -36.81
C ALA H 284 8.86 31.80 -37.95
N THR H 285 7.58 31.48 -37.93
CA THR H 285 6.93 30.79 -39.02
C THR H 285 6.78 31.72 -40.23
N PRO H 286 6.57 31.15 -41.42
CA PRO H 286 6.24 32.02 -42.57
C PRO H 286 5.13 33.06 -42.31
N GLU H 287 4.03 32.68 -41.66
CA GLU H 287 2.90 33.57 -41.34
C GLU H 287 3.44 34.69 -40.45
N GLN H 288 4.20 34.31 -39.41
CA GLN H 288 4.77 35.27 -38.49
C GLN H 288 5.68 36.24 -39.21
N ILE H 289 6.50 35.71 -40.11
CA ILE H 289 7.41 36.58 -40.86
C ILE H 289 6.63 37.58 -41.71
N ASP H 290 5.57 37.13 -42.39
CA ASP H 290 4.76 38.08 -43.17
C ASP H 290 4.15 39.15 -42.28
N ALA H 291 3.58 38.75 -41.12
CA ALA H 291 2.88 39.70 -40.22
C ALA H 291 3.88 40.70 -39.65
N LEU H 292 5.06 40.18 -39.36
CA LEU H 292 6.15 40.96 -38.83
C LEU H 292 6.63 41.98 -39.84
N ALA H 293 6.91 41.51 -41.05
CA ALA H 293 7.26 42.38 -42.16
C ALA H 293 6.24 43.50 -42.40
N ALA H 294 4.94 43.22 -42.27
CA ALA H 294 3.96 44.28 -42.40
C ALA H 294 4.23 45.34 -41.33
N ASP H 295 4.47 44.93 -40.07
CA ASP H 295 4.70 45.85 -38.95
C ASP H 295 5.97 46.70 -39.13
N MET H 296 6.99 46.06 -39.69
CA MET H 296 8.27 46.70 -39.94
C MET H 296 8.10 47.71 -41.03
N ARG H 297 7.28 47.40 -42.04
CA ARG H 297 6.90 48.42 -43.02
C ARG H 297 6.11 49.58 -42.41
N ALA H 298 5.15 49.27 -41.55
CA ALA H 298 4.39 50.34 -40.92
C ALA H 298 5.33 51.19 -40.04
N ALA H 299 6.39 50.55 -39.51
CA ALA H 299 7.37 51.31 -38.71
C ALA H 299 8.48 51.95 -39.54
N SER H 300 8.36 51.86 -40.88
CA SER H 300 9.36 52.35 -41.86
C SER H 300 10.77 51.81 -41.58
N VAL H 301 10.89 50.54 -41.25
CA VAL H 301 12.22 49.96 -41.07
C VAL H 301 12.45 48.80 -42.03
N LEU H 302 11.52 48.68 -42.96
CA LEU H 302 11.55 47.69 -44.02
C LEU H 302 10.85 48.28 -45.24
N ARG H 303 11.41 48.01 -46.42
CA ARG H 303 10.81 48.41 -47.68
C ARG H 303 9.87 47.34 -48.16
MG MG I . -12.47 -42.12 38.74
CL CL J . -2.60 -42.79 27.10
S1 DTT K . -11.46 -44.39 10.64
C1 DTT K . -10.26 -45.78 10.53
C2 DTT K . -10.89 -47.15 10.20
O2 DTT K . -12.22 -46.76 10.07
C3 DTT K . -10.89 -48.34 11.21
O3 DTT K . -11.42 -47.98 12.42
C4 DTT K . -11.79 -49.53 10.78
S4 DTT K . -12.47 -50.69 12.03
MG MG L . -13.45 -18.47 -7.62
CL CL M . -3.09 -28.33 -1.52
S1 DTT N . 0.40 -23.63 17.05
C1 DTT N . 1.16 -22.36 15.98
C2 DTT N . 2.55 -22.78 15.50
O2 DTT N . 3.34 -23.04 16.63
C3 DTT N . 3.38 -21.76 14.74
O3 DTT N . 2.73 -21.58 13.53
C4 DTT N . 3.61 -20.43 15.46
S4 DTT N . 3.91 -18.98 14.41
MG MG O . 30.38 -23.84 12.72
CL CL P . 15.32 -27.15 13.36
S1 DTT Q . 7.42 -36.65 -1.03
C1 DTT Q . 7.79 -35.46 -2.34
C2 DTT Q . 9.17 -35.46 -3.00
O2 DTT Q . 10.17 -36.21 -2.29
C3 DTT Q . 9.40 -33.95 -3.30
O3 DTT Q . 9.99 -33.23 -2.28
C4 DTT Q . 10.06 -33.64 -4.63
S4 DTT Q . 10.30 -31.90 -5.12
MG MG R . 6.13 -68.41 2.82
CL CL S . 0.18 -54.68 7.18
S1 DTT T . 11.34 -46.97 20.99
C1 DTT T . 10.70 -48.24 22.11
C2 DTT T . 9.21 -48.09 22.37
O2 DTT T . 9.11 -47.09 23.31
C3 DTT T . 8.44 -49.28 22.92
O3 DTT T . 8.68 -50.30 22.03
C4 DTT T . 8.93 -49.70 24.32
S4 DTT T . 8.38 -51.31 24.96
MG MG U . -16.50 59.62 -30.20
CL CL V . -6.65 49.34 -24.22
S1 DTT W . -5.50 52.11 -5.30
C1 DTT W . -4.53 53.22 -6.34
C2 DTT W . -3.01 53.03 -6.15
O2 DTT W . -2.69 52.80 -4.81
C3 DTT W . -2.16 54.21 -6.64
O3 DTT W . -2.50 54.38 -7.99
C4 DTT W . -2.26 55.53 -5.86
S4 DTT W . -1.47 56.91 -6.78
MG MG X . -21.59 31.61 12.64
CL CL Y . -9.64 31.99 2.75
S1 DTT Z . -16.52 32.25 -15.48
C1 DTT Z . -15.77 30.63 -15.86
C2 DTT Z . -16.63 29.64 -15.12
O2 DTT Z . -17.03 30.28 -13.91
C3 DTT Z . -15.98 28.31 -14.82
O3 DTT Z . -15.93 28.17 -13.44
C4 DTT Z . -16.82 27.19 -15.47
S4 DTT Z . -17.54 25.84 -14.46
MG MG AA . 2.05 9.01 -23.66
CL CL BA . -4.35 22.29 -18.41
S1 DTT CA . 5.07 28.02 -2.24
C1 DTT CA . 4.21 26.87 -1.13
C2 DTT CA . 2.72 27.05 -1.31
O2 DTT CA . 2.40 28.28 -0.74
C3 DTT CA . 1.78 26.02 -0.69
O3 DTT CA . 1.40 25.25 -1.76
C4 DTT CA . 2.31 25.13 0.40
S4 DTT CA . 1.47 23.54 0.53
MG MG DA . 24.93 52.34 -5.74
CL CL EA . 10.04 49.01 -7.23
S1 DTT FA . 6.82 40.42 -24.22
C1 DTT FA . 6.57 41.80 -25.38
C2 DTT FA . 5.84 42.91 -24.68
O2 DTT FA . 4.50 42.50 -24.44
C3 DTT FA . 5.79 44.33 -25.25
O3 DTT FA . 6.34 45.08 -24.23
C4 DTT FA . 6.54 44.66 -26.54
S4 DTT FA . 7.09 46.38 -26.71
#